data_8CY1
#
_entry.id   8CY1
#
_cell.length_a   81.248
_cell.length_b   161.568
_cell.length_c   229.933
_cell.angle_alpha   90.000
_cell.angle_beta   90.000
_cell.angle_gamma   90.000
#
_symmetry.space_group_name_H-M   'P 21 21 21'
#
loop_
_entity.id
_entity.type
_entity.pdbx_description
1 polymer 'Site-specific DNA-methyltransferase (adenine-specific)'
2 polymer "DNA (5'-D(*AP*TP*GP*GP*GP*AP*CP*TP*TP*TP*TP*TP*GP*A)-3')"
3 polymer "DNA (5'-D(*AP*TP*GP*GP*GP*AP*CP*TP*TP*TP*TP*TP*GP*A)-3')"
4 non-polymer 1,2-ETHANEDIOL
5 non-polymer 'POTASSIUM ION'
6 non-polymer N-(5-phenylpentyl)adenosine
7 water water
#
loop_
_entity_poly.entity_id
_entity_poly.type
_entity_poly.pdbx_seq_one_letter_code
_entity_poly.pdbx_strand_id
1 'polypeptide(L)'
;HMDDISQDNFLLSKEYENSLDVDTKKASGIYYTPKIIVDYIVKKTLKNHDIIKNPYPRILDISCGCGNFLLEVYDILYDL
FEENIYELKKKYDENYWTVDNIHRHILNYCIYGADIDEKAISILKDSLTNKKVVNDLDESDIKINLFCCDSLKKKWRYKF
DYIVGNPPYIGHKKLEKKYKKFLLEKYSEVYKDKADLYFCFYKKIIDILKQGGIGSVITPRYFLESLSGKDLREYIKSNV
NVQEIVDFLGANIFKNIGVSSCILTFDKKKTKETYIDVFKIKNEDICINKFETLEELLKSSKFEHFNINQRLLSDEWILV
NKDDETFYNKIQEKCKYSLEDIAISFQGIITGCDKAFILSKDDVKLNLVDDKFLKCWIKSKNINKYIVDKSEYRLIYSND
IDNENTNKRILDEIIGLYKTKLENRRECKSGIRKWYELQWGREKLFFERKKIMYPYKSNENRFAIDYDNNFSSADVYSFF
IKEEYLDKFSYEYLVGILNSSVYDKYFKITAKKMSKNIYDYYPNKVMKIRIFRDNNYEEIENLSKQIISILLNKSIDKGK
VEKLQIKMDNLIMDSLGI
;
A,B,C
2 'polydeoxyribonucleotide' (DA)(DT)(DG)(DG)(DG)(DA)(DC)(DT)(DT)(DT)(DT)(DT)(DG)(DA) E,G,I
3 'polydeoxyribonucleotide' (DT)(DT)(DC)(DA)(DA)(DA)(DA)(DA)(DG)(DT)(DC)(DC)(DC)(DA) D,F,H
#
loop_
_chem_comp.id
_chem_comp.type
_chem_comp.name
_chem_comp.formula
DA DNA linking 2'-DEOXYADENOSINE-5'-MONOPHOSPHATE 'C10 H14 N5 O6 P'
DC DNA linking 2'-DEOXYCYTIDINE-5'-MONOPHOSPHATE 'C9 H14 N3 O7 P'
DG DNA linking 2'-DEOXYGUANOSINE-5'-MONOPHOSPHATE 'C10 H14 N5 O7 P'
DT DNA linking THYMIDINE-5'-MONOPHOSPHATE 'C10 H15 N2 O8 P'
EDO non-polymer 1,2-ETHANEDIOL 'C2 H6 O2'
K non-polymer 'POTASSIUM ION' 'K 1'
QBU non-polymer N-(5-phenylpentyl)adenosine 'C21 H27 N5 O4'
#
# COMPACT_ATOMS: atom_id res chain seq x y z
N GLY A 29 -13.63 -1.97 47.35
CA GLY A 29 -12.74 -0.83 47.26
C GLY A 29 -13.27 0.46 47.84
N ILE A 30 -13.56 0.45 49.14
CA ILE A 30 -14.02 1.62 49.88
C ILE A 30 -13.00 1.94 50.97
N TYR A 31 -12.53 3.19 50.98
CA TYR A 31 -11.47 3.64 51.89
C TYR A 31 -12.02 4.68 52.86
N TYR A 32 -11.56 4.63 54.10
CA TYR A 32 -12.05 5.50 55.16
C TYR A 32 -11.05 6.64 55.39
N THR A 33 -11.50 7.87 55.20
CA THR A 33 -10.68 9.04 55.51
C THR A 33 -10.76 9.35 57.00
N PRO A 34 -9.63 9.60 57.66
CA PRO A 34 -9.68 9.89 59.11
C PRO A 34 -10.55 11.09 59.42
N LYS A 35 -11.29 11.00 60.52
CA LYS A 35 -12.29 12.03 60.82
C LYS A 35 -11.66 13.40 60.95
N ILE A 36 -10.43 13.47 61.47
CA ILE A 36 -9.80 14.76 61.69
C ILE A 36 -9.53 15.47 60.36
N ILE A 37 -9.20 14.71 59.31
CA ILE A 37 -9.00 15.28 57.98
C ILE A 37 -10.33 15.65 57.33
N VAL A 38 -11.36 14.81 57.52
CA VAL A 38 -12.68 15.12 56.97
C VAL A 38 -13.18 16.45 57.50
N ASP A 39 -13.13 16.64 58.83
CA ASP A 39 -13.62 17.88 59.43
C ASP A 39 -12.84 19.07 58.92
N TYR A 40 -11.53 18.92 58.73
CA TYR A 40 -10.73 20.02 58.20
C TYR A 40 -11.16 20.39 56.79
N ILE A 41 -11.43 19.39 55.94
CA ILE A 41 -11.78 19.67 54.55
C ILE A 41 -13.15 20.34 54.46
N VAL A 42 -14.12 19.87 55.25
CA VAL A 42 -15.43 20.49 55.26
C VAL A 42 -15.36 21.89 55.85
N LYS A 43 -14.66 22.06 56.97
CA LYS A 43 -14.51 23.39 57.57
C LYS A 43 -13.80 24.34 56.62
N LYS A 44 -12.83 23.83 55.86
CA LYS A 44 -12.08 24.67 54.93
C LYS A 44 -13.00 25.32 53.89
N THR A 45 -13.98 24.58 53.38
CA THR A 45 -14.83 25.10 52.33
C THR A 45 -16.06 25.86 52.83
N LEU A 46 -16.49 25.64 54.08
CA LEU A 46 -17.74 26.21 54.55
C LEU A 46 -17.61 27.21 55.70
N LYS A 47 -16.40 27.40 56.25
CA LYS A 47 -16.27 28.21 57.47
C LYS A 47 -16.75 29.65 57.26
N ASN A 48 -16.56 30.21 56.07
CA ASN A 48 -16.86 31.60 55.81
C ASN A 48 -18.02 31.79 54.84
N HIS A 49 -18.84 30.76 54.64
CA HIS A 49 -19.99 30.90 53.77
C HIS A 49 -21.00 31.87 54.39
N ASP A 50 -21.54 32.76 53.56
CA ASP A 50 -22.52 33.75 53.98
C ASP A 50 -23.90 33.17 53.71
N ILE A 51 -24.45 32.46 54.71
CA ILE A 51 -25.70 31.74 54.51
C ILE A 51 -26.89 32.69 54.38
N ILE A 52 -26.77 33.92 54.86
CA ILE A 52 -27.85 34.88 54.66
C ILE A 52 -27.86 35.40 53.23
N LYS A 53 -26.69 35.71 52.67
CA LYS A 53 -26.62 36.13 51.27
C LYS A 53 -27.05 35.00 50.33
N ASN A 54 -26.59 33.77 50.60
CA ASN A 54 -26.93 32.60 49.78
C ASN A 54 -27.30 31.43 50.67
N PRO A 55 -28.59 31.26 50.97
CA PRO A 55 -29.04 30.09 51.74
C PRO A 55 -29.27 28.84 50.93
N TYR A 56 -28.82 28.77 49.67
CA TYR A 56 -28.97 27.59 48.83
C TYR A 56 -27.62 27.12 48.29
N PRO A 57 -26.63 26.86 49.15
CA PRO A 57 -25.35 26.37 48.63
C PRO A 57 -25.48 24.93 48.17
N ARG A 58 -24.80 24.61 47.07
CA ARG A 58 -24.73 23.24 46.57
C ARG A 58 -23.37 22.65 46.95
N ILE A 59 -23.39 21.64 47.82
CA ILE A 59 -22.18 20.96 48.27
C ILE A 59 -22.21 19.54 47.72
N LEU A 60 -21.13 19.15 47.04
CA LEU A 60 -21.10 17.91 46.29
C LEU A 60 -19.88 17.08 46.69
N ASP A 61 -20.09 15.77 46.73
CA ASP A 61 -19.01 14.79 46.78
C ASP A 61 -19.29 13.77 45.69
N ILE A 62 -18.41 13.71 44.68
CA ILE A 62 -18.57 12.75 43.59
C ILE A 62 -17.96 11.40 43.92
N SER A 63 -17.49 11.20 45.16
CA SER A 63 -16.97 9.91 45.63
C SER A 63 -17.66 9.46 46.91
N CYS A 64 -18.77 10.10 47.29
CA CYS A 64 -19.28 10.16 48.66
C CYS A 64 -19.14 8.86 49.44
N GLY A 65 -19.27 7.73 48.75
CA GLY A 65 -19.15 6.47 49.45
C GLY A 65 -20.31 6.30 50.41
N CYS A 66 -20.02 5.96 51.66
CA CYS A 66 -21.08 5.90 52.66
C CYS A 66 -21.41 7.25 53.27
N GLY A 67 -20.63 8.29 52.96
CA GLY A 67 -20.97 9.63 53.39
C GLY A 67 -20.05 10.20 54.45
N ASN A 68 -18.78 9.77 54.43
CA ASN A 68 -17.81 10.30 55.39
C ASN A 68 -17.79 11.82 55.39
N PHE A 69 -17.83 12.42 54.20
CA PHE A 69 -17.82 13.87 54.08
C PHE A 69 -19.22 14.47 54.15
N LEU A 70 -20.18 13.87 53.44
CA LEU A 70 -21.50 14.48 53.32
C LEU A 70 -22.23 14.54 54.67
N LEU A 71 -22.09 13.50 55.50
CA LEU A 71 -22.74 13.51 56.80
C LEU A 71 -22.19 14.62 57.69
N GLU A 72 -20.88 14.89 57.59
CA GLU A 72 -20.32 16.03 58.32
C GLU A 72 -20.80 17.35 57.73
N VAL A 73 -20.95 17.42 56.40
CA VAL A 73 -21.50 18.61 55.76
C VAL A 73 -22.90 18.89 56.29
N TYR A 74 -23.71 17.83 56.48
CA TYR A 74 -25.04 18.02 57.04
C TYR A 74 -24.96 18.70 58.41
N ASP A 75 -24.06 18.22 59.27
CA ASP A 75 -23.94 18.81 60.60
C ASP A 75 -23.51 20.27 60.53
N ILE A 76 -22.53 20.58 59.68
CA ILE A 76 -22.07 21.97 59.57
C ILE A 76 -23.19 22.84 59.04
N LEU A 77 -23.93 22.37 58.03
CA LEU A 77 -25.03 23.15 57.49
C LEU A 77 -26.13 23.38 58.52
N TYR A 78 -26.49 22.34 59.27
CA TYR A 78 -27.60 22.46 60.21
C TYR A 78 -27.32 23.54 61.25
N ASP A 79 -26.10 23.57 61.80
CA ASP A 79 -25.74 24.64 62.73
C ASP A 79 -25.81 26.00 62.06
N LEU A 80 -25.33 26.09 60.82
CA LEU A 80 -25.28 27.36 60.11
C LEU A 80 -26.69 27.94 59.90
N PHE A 81 -27.63 27.09 59.47
CA PHE A 81 -29.01 27.56 59.31
C PHE A 81 -29.65 27.88 60.65
N GLU A 82 -29.41 27.04 61.65
CA GLU A 82 -30.07 27.22 62.94
C GLU A 82 -29.60 28.48 63.63
N GLU A 83 -28.31 28.81 63.51
CA GLU A 83 -27.78 30.02 64.14
C GLU A 83 -28.32 31.30 63.51
N ASN A 84 -28.82 31.24 62.28
CA ASN A 84 -29.30 32.42 61.58
C ASN A 84 -30.76 32.27 61.16
N ILE A 85 -31.52 31.43 61.88
CA ILE A 85 -32.86 31.07 61.42
C ILE A 85 -33.79 32.29 61.43
N TYR A 86 -33.67 33.13 62.45
CA TYR A 86 -34.55 34.31 62.50
C TYR A 86 -34.15 35.35 61.48
N GLU A 87 -32.84 35.49 61.20
CA GLU A 87 -32.42 36.41 60.16
C GLU A 87 -32.96 35.98 58.80
N LEU A 88 -32.90 34.69 58.50
CA LEU A 88 -33.48 34.18 57.26
C LEU A 88 -34.99 34.38 57.25
N LYS A 89 -35.64 34.12 58.39
CA LYS A 89 -37.09 34.29 58.48
C LYS A 89 -37.49 35.71 58.14
N LYS A 90 -36.72 36.70 58.62
CA LYS A 90 -37.07 38.10 58.39
C LYS A 90 -36.80 38.51 56.95
N LYS A 91 -35.65 38.11 56.39
CA LYS A 91 -35.25 38.56 55.06
C LYS A 91 -36.01 37.84 53.94
N TYR A 92 -36.44 36.61 54.16
CA TYR A 92 -37.06 35.80 53.11
C TYR A 92 -38.44 35.34 53.56
N ASP A 93 -39.00 34.35 52.86
CA ASP A 93 -40.29 33.77 53.24
C ASP A 93 -40.24 33.33 54.70
N GLU A 94 -41.02 34.01 55.55
CA GLU A 94 -40.98 33.73 56.98
C GLU A 94 -41.71 32.44 57.34
N ASN A 95 -42.55 31.91 56.45
CA ASN A 95 -43.16 30.62 56.68
C ASN A 95 -42.25 29.47 56.29
N TYR A 96 -41.34 29.71 55.34
CA TYR A 96 -40.42 28.67 54.89
C TYR A 96 -39.28 28.45 55.88
N TRP A 97 -38.79 29.51 56.52
CA TRP A 97 -37.57 29.44 57.33
C TRP A 97 -37.96 29.25 58.80
N THR A 98 -37.97 27.98 59.21
CA THR A 98 -38.18 27.57 60.59
C THR A 98 -37.19 26.47 60.92
N VAL A 99 -36.91 26.29 62.21
CA VAL A 99 -35.99 25.23 62.63
C VAL A 99 -36.51 23.88 62.18
N ASP A 100 -37.83 23.67 62.27
CA ASP A 100 -38.42 22.39 61.88
C ASP A 100 -38.21 22.06 60.41
N ASN A 101 -38.02 23.08 59.56
CA ASN A 101 -37.88 22.87 58.13
C ASN A 101 -36.43 22.77 57.66
N ILE A 102 -35.46 22.93 58.57
CA ILE A 102 -34.05 22.97 58.16
C ILE A 102 -33.65 21.64 57.52
N HIS A 103 -34.04 20.53 58.14
CA HIS A 103 -33.65 19.22 57.64
C HIS A 103 -34.11 18.99 56.20
N ARG A 104 -35.37 19.28 55.92
CA ARG A 104 -35.90 19.09 54.57
C ARG A 104 -35.19 19.99 53.57
N HIS A 105 -34.90 21.24 53.97
CA HIS A 105 -34.26 22.18 53.05
C HIS A 105 -32.85 21.73 52.69
N ILE A 106 -32.10 21.21 53.66
CA ILE A 106 -30.73 20.78 53.40
C ILE A 106 -30.73 19.64 52.38
N LEU A 107 -31.63 18.68 52.54
CA LEU A 107 -31.64 17.53 51.64
C LEU A 107 -32.15 17.89 50.25
N ASN A 108 -33.10 18.82 50.17
CA ASN A 108 -33.66 19.17 48.87
C ASN A 108 -32.68 19.98 48.03
N TYR A 109 -31.97 20.92 48.65
CA TYR A 109 -31.26 21.93 47.88
C TYR A 109 -29.75 21.98 48.12
N CYS A 110 -29.23 21.30 49.13
CA CYS A 110 -27.87 21.61 49.54
C CYS A 110 -26.89 20.46 49.37
N ILE A 111 -27.27 19.24 49.72
CA ILE A 111 -26.34 18.12 49.75
C ILE A 111 -26.51 17.28 48.49
N TYR A 112 -25.39 17.00 47.82
CA TYR A 112 -25.36 16.20 46.60
C TYR A 112 -24.24 15.18 46.71
N GLY A 113 -24.53 13.96 46.29
CA GLY A 113 -23.53 12.90 46.34
C GLY A 113 -23.62 12.01 45.12
N ALA A 114 -22.49 11.38 44.78
CA ALA A 114 -22.43 10.41 43.70
C ALA A 114 -21.42 9.34 44.05
N ASP A 115 -21.79 8.09 43.81
CA ASP A 115 -20.86 6.98 43.96
C ASP A 115 -21.30 5.84 43.08
N ILE A 116 -20.33 5.09 42.55
CA ILE A 116 -20.63 4.01 41.64
C ILE A 116 -21.15 2.78 42.39
N ASP A 117 -20.92 2.68 43.70
CA ASP A 117 -21.37 1.55 44.50
C ASP A 117 -22.74 1.87 45.10
N GLU A 118 -23.77 1.18 44.61
CA GLU A 118 -25.13 1.46 45.07
C GLU A 118 -25.36 1.04 46.51
N LYS A 119 -24.65 0.02 46.99
CA LYS A 119 -24.74 -0.33 48.40
C LYS A 119 -24.34 0.84 49.28
N ALA A 120 -23.26 1.53 48.91
CA ALA A 120 -22.82 2.71 49.66
C ALA A 120 -23.87 3.80 49.61
N ILE A 121 -24.46 4.04 48.43
CA ILE A 121 -25.48 5.07 48.29
C ILE A 121 -26.70 4.74 49.14
N SER A 122 -27.12 3.47 49.12
CA SER A 122 -28.28 3.06 49.91
C SER A 122 -28.05 3.29 51.40
N ILE A 123 -26.83 3.01 51.88
CA ILE A 123 -26.49 3.26 53.27
C ILE A 123 -26.52 4.76 53.56
N LEU A 124 -25.92 5.56 52.69
CA LEU A 124 -25.87 7.01 52.90
C LEU A 124 -27.27 7.61 52.89
N LYS A 125 -28.15 7.11 52.02
CA LYS A 125 -29.53 7.59 52.01
C LYS A 125 -30.22 7.33 53.34
N ASP A 126 -30.00 6.15 53.91
CA ASP A 126 -30.54 5.86 55.24
C ASP A 126 -29.94 6.79 56.29
N SER A 127 -28.64 7.06 56.18
CA SER A 127 -27.99 7.91 57.17
C SER A 127 -28.51 9.33 57.11
N LEU A 128 -28.65 9.89 55.91
CA LEU A 128 -29.20 11.24 55.78
C LEU A 128 -30.66 11.29 56.23
N THR A 129 -31.44 10.25 55.90
CA THR A 129 -32.83 10.20 56.33
C THR A 129 -32.95 10.17 57.85
N ASN A 130 -32.07 9.41 58.51
CA ASN A 130 -32.13 9.24 59.95
C ASN A 130 -31.54 10.41 60.74
N LYS A 131 -31.06 11.46 60.05
CA LYS A 131 -30.55 12.63 60.76
C LYS A 131 -31.65 13.34 61.53
N LYS A 132 -32.90 13.21 61.08
CA LYS A 132 -34.04 13.89 61.71
C LYS A 132 -34.84 12.96 62.62
N VAL A 133 -35.33 11.84 62.08
CA VAL A 133 -36.07 10.82 62.82
C VAL A 133 -37.07 11.38 63.84
N ASP A 138 -43.94 7.63 56.61
CA ASP A 138 -43.19 8.87 56.47
C ASP A 138 -44.13 10.07 56.49
N GLU A 139 -43.55 11.27 56.56
CA GLU A 139 -44.38 12.48 56.57
C GLU A 139 -44.78 12.87 55.15
N SER A 140 -43.82 13.28 54.31
CA SER A 140 -44.05 13.38 52.87
C SER A 140 -42.72 13.37 52.12
N ASP A 141 -42.33 12.18 51.65
CA ASP A 141 -41.51 11.96 50.45
C ASP A 141 -40.41 13.02 50.27
N ILE A 142 -39.46 13.03 51.20
CA ILE A 142 -38.30 13.91 51.07
C ILE A 142 -37.33 13.31 50.07
N LYS A 143 -36.91 14.11 49.11
CA LYS A 143 -36.02 13.66 48.04
C LYS A 143 -34.58 14.03 48.37
N ILE A 144 -33.67 13.10 48.09
CA ILE A 144 -32.25 13.26 48.40
C ILE A 144 -31.45 13.14 47.10
N ASN A 145 -30.58 14.12 46.86
CA ASN A 145 -29.82 14.21 45.61
C ASN A 145 -28.57 13.31 45.69
N LEU A 146 -28.82 12.01 45.58
CA LEU A 146 -27.76 11.00 45.54
C LEU A 146 -27.86 10.23 44.24
N PHE A 147 -26.74 10.16 43.52
CA PHE A 147 -26.69 9.52 42.21
C PHE A 147 -25.76 8.32 42.30
N CYS A 148 -26.25 7.16 41.87
CA CYS A 148 -25.41 5.98 41.72
C CYS A 148 -24.98 5.92 40.26
N CYS A 149 -23.73 6.28 40.00
CA CYS A 149 -23.27 6.46 38.63
C CYS A 149 -21.75 6.50 38.60
N ASP A 150 -21.22 6.44 37.39
CA ASP A 150 -19.82 6.80 37.13
C ASP A 150 -19.76 8.32 37.06
N SER A 151 -19.12 8.95 38.05
CA SER A 151 -19.05 10.41 38.08
C SER A 151 -18.29 10.98 36.90
N LEU A 152 -17.40 10.19 36.28
CA LEU A 152 -16.67 10.65 35.11
C LEU A 152 -17.49 10.59 33.83
N LYS A 153 -18.67 9.96 33.87
CA LYS A 153 -19.55 9.87 32.72
C LYS A 153 -20.87 10.59 32.91
N LYS A 154 -21.22 10.98 34.13
CA LYS A 154 -22.51 11.61 34.37
C LYS A 154 -22.62 12.93 33.62
N LYS A 155 -23.76 13.12 32.96
CA LYS A 155 -24.11 14.42 32.38
C LYS A 155 -24.55 15.32 33.52
N TRP A 156 -23.59 16.07 34.07
CA TRP A 156 -23.88 16.94 35.20
C TRP A 156 -24.67 18.14 34.73
N ARG A 157 -25.86 18.33 35.29
CA ARG A 157 -26.80 19.31 34.78
C ARG A 157 -26.56 20.72 35.30
N TYR A 158 -25.69 20.90 36.30
CA TYR A 158 -25.39 22.22 36.82
C TYR A 158 -24.09 22.16 37.62
N LYS A 159 -23.56 23.34 37.92
CA LYS A 159 -22.32 23.47 38.68
C LYS A 159 -22.62 23.62 40.17
N PHE A 160 -21.57 23.58 40.99
CA PHE A 160 -21.71 23.47 42.43
C PHE A 160 -20.85 24.51 43.14
N ASP A 161 -21.35 24.96 44.30
CA ASP A 161 -20.64 25.96 45.08
C ASP A 161 -19.43 25.36 45.79
N TYR A 162 -19.58 24.16 46.34
CA TYR A 162 -18.53 23.54 47.14
C TYR A 162 -18.42 22.06 46.79
N ILE A 163 -17.21 21.57 46.57
CA ILE A 163 -16.96 20.18 46.23
C ILE A 163 -15.88 19.65 47.17
N VAL A 164 -16.18 18.56 47.87
CA VAL A 164 -15.27 17.96 48.84
C VAL A 164 -15.23 16.45 48.59
N GLY A 165 -14.13 15.82 48.96
CA GLY A 165 -14.11 14.38 49.08
C GLY A 165 -12.74 13.76 48.85
N ASN A 166 -12.78 12.44 48.67
CA ASN A 166 -11.59 11.60 48.50
C ASN A 166 -11.80 10.70 47.29
N PRO A 167 -11.23 11.05 46.13
CA PRO A 167 -11.52 10.31 44.89
C PRO A 167 -10.84 8.95 44.87
N PRO A 168 -11.23 8.07 43.97
CA PRO A 168 -10.50 6.80 43.81
C PRO A 168 -9.13 7.03 43.17
N TYR A 169 -8.14 6.26 43.63
CA TYR A 169 -6.81 6.25 43.03
C TYR A 169 -6.61 4.89 42.36
N ILE A 170 -6.32 4.90 41.07
CA ILE A 170 -6.07 3.66 40.32
C ILE A 170 -4.99 3.95 39.28
N GLY A 171 -3.83 3.29 39.43
CA GLY A 171 -2.72 3.51 38.54
C GLY A 171 -2.85 2.78 37.21
N HIS A 172 -1.81 2.88 36.39
CA HIS A 172 -1.88 2.39 35.02
C HIS A 172 -1.89 0.87 34.94
N LYS A 173 -1.38 0.17 35.95
CA LYS A 173 -1.42 -1.29 35.90
C LYS A 173 -2.78 -1.84 36.31
N LYS A 174 -3.45 -1.19 37.26
CA LYS A 174 -4.67 -1.71 37.86
C LYS A 174 -5.94 -1.17 37.24
N LEU A 175 -5.84 -0.31 36.23
CA LEU A 175 -7.03 0.23 35.56
C LEU A 175 -7.37 -0.62 34.34
N GLU A 176 -8.65 -0.94 34.19
CA GLU A 176 -9.07 -1.78 33.08
C GLU A 176 -8.77 -1.12 31.74
N LYS A 177 -8.32 -1.91 30.77
CA LYS A 177 -7.93 -1.36 29.47
C LYS A 177 -9.09 -0.71 28.76
N LYS A 178 -10.28 -1.32 28.81
CA LYS A 178 -11.44 -0.74 28.14
C LYS A 178 -11.79 0.63 28.73
N TYR A 179 -11.75 0.75 30.06
CA TYR A 179 -11.98 2.04 30.69
C TYR A 179 -10.89 3.03 30.33
N LYS A 180 -9.64 2.57 30.29
CA LYS A 180 -8.51 3.44 30.01
C LYS A 180 -8.62 4.08 28.63
N LYS A 181 -9.19 3.37 27.66
CA LYS A 181 -9.40 3.96 26.34
C LYS A 181 -10.37 5.12 26.40
N PHE A 182 -11.39 5.02 27.25
CA PHE A 182 -12.33 6.12 27.44
C PHE A 182 -11.66 7.34 28.03
N LEU A 183 -10.80 7.13 29.05
CA LEU A 183 -10.12 8.26 29.67
C LEU A 183 -9.14 8.91 28.71
N LEU A 184 -8.39 8.12 27.96
CA LEU A 184 -7.46 8.69 26.98
C LEU A 184 -8.22 9.51 25.93
N GLU A 185 -9.40 9.05 25.55
CA GLU A 185 -10.20 9.72 24.53
C GLU A 185 -10.86 10.99 25.07
N LYS A 186 -11.39 10.95 26.30
CA LYS A 186 -12.24 12.03 26.80
C LYS A 186 -11.59 12.88 27.89
N TYR A 187 -10.50 12.43 28.50
CA TYR A 187 -9.80 13.18 29.53
C TYR A 187 -8.34 13.42 29.14
N SER A 188 -8.09 13.58 27.85
CA SER A 188 -6.73 13.71 27.35
C SER A 188 -6.03 14.95 27.89
N GLU A 189 -6.78 15.95 28.36
CA GLU A 189 -6.17 17.15 28.90
C GLU A 189 -5.34 16.84 30.14
N VAL A 190 -5.70 15.82 30.91
CA VAL A 190 -4.95 15.46 32.11
C VAL A 190 -4.52 14.00 32.13
N TYR A 191 -5.10 13.12 31.33
CA TYR A 191 -4.82 11.68 31.41
C TYR A 191 -4.18 11.22 30.11
N LYS A 192 -2.91 10.83 30.19
CA LYS A 192 -2.21 10.17 29.09
C LYS A 192 -1.07 9.35 29.69
N ASP A 193 -0.55 8.41 28.89
CA ASP A 193 0.55 7.56 29.30
C ASP A 193 0.31 6.89 30.65
N LYS A 194 1.20 7.12 31.62
CA LYS A 194 1.14 6.45 32.92
C LYS A 194 0.37 7.26 33.96
N ALA A 195 -0.61 8.05 33.53
CA ALA A 195 -1.41 8.87 34.44
C ALA A 195 -2.28 7.99 35.35
N ASP A 196 -2.90 8.64 36.33
CA ASP A 196 -3.73 7.97 37.33
C ASP A 196 -5.18 8.41 37.20
N LEU A 197 -6.09 7.53 37.65
CA LEU A 197 -7.51 7.82 37.58
C LEU A 197 -7.89 9.09 38.33
N TYR A 198 -7.23 9.36 39.47
CA TYR A 198 -7.60 10.54 40.24
C TYR A 198 -7.25 11.84 39.52
N PHE A 199 -6.37 11.79 38.50
CA PHE A 199 -6.15 12.97 37.68
C PHE A 199 -7.47 13.46 37.07
N CYS A 200 -8.29 12.51 36.59
CA CYS A 200 -9.54 12.87 35.93
C CYS A 200 -10.56 13.43 36.90
N PHE A 201 -10.54 12.98 38.15
CA PHE A 201 -11.45 13.54 39.14
C PHE A 201 -11.10 14.99 39.45
N TYR A 202 -9.81 15.32 39.52
CA TYR A 202 -9.42 16.73 39.59
C TYR A 202 -10.00 17.52 38.43
N LYS A 203 -9.93 16.95 37.22
CA LYS A 203 -10.45 17.60 36.03
C LYS A 203 -11.97 17.80 36.14
N LYS A 204 -12.68 16.76 36.57
CA LYS A 204 -14.14 16.87 36.66
C LYS A 204 -14.55 17.86 37.74
N ILE A 205 -13.90 17.80 38.89
CA ILE A 205 -14.25 18.69 40.00
C ILE A 205 -14.05 20.14 39.59
N ILE A 206 -12.93 20.44 38.94
CA ILE A 206 -12.67 21.80 38.48
C ILE A 206 -13.72 22.22 37.47
N ASP A 207 -14.11 21.32 36.59
CA ASP A 207 -15.02 21.68 35.50
C ASP A 207 -16.42 22.02 36.01
N ILE A 208 -16.88 21.34 37.05
CA ILE A 208 -18.25 21.54 37.54
C ILE A 208 -18.28 22.42 38.80
N LEU A 209 -17.18 23.09 39.13
CA LEU A 209 -17.15 24.04 40.23
C LEU A 209 -17.64 25.40 39.75
N LYS A 210 -18.58 25.98 40.50
CA LYS A 210 -19.15 27.27 40.13
C LYS A 210 -18.09 28.37 40.18
N GLN A 211 -18.36 29.45 39.46
CA GLN A 211 -17.58 30.67 39.63
C GLN A 211 -17.67 31.10 41.09
N GLY A 212 -16.51 31.37 41.70
CA GLY A 212 -16.46 31.68 43.10
C GLY A 212 -16.53 30.47 44.01
N GLY A 213 -16.66 29.26 43.46
CA GLY A 213 -16.75 28.08 44.28
C GLY A 213 -15.42 27.68 44.88
N ILE A 214 -15.49 26.77 45.85
CA ILE A 214 -14.32 26.29 46.59
C ILE A 214 -14.33 24.76 46.55
N GLY A 215 -13.17 24.18 46.22
CA GLY A 215 -13.00 22.74 46.26
C GLY A 215 -11.88 22.35 47.21
N SER A 216 -12.04 21.20 47.84
CA SER A 216 -11.05 20.70 48.79
C SER A 216 -11.10 19.18 48.79
N VAL A 217 -9.97 18.54 48.48
CA VAL A 217 -9.89 17.09 48.35
C VAL A 217 -8.59 16.59 48.93
N ILE A 218 -8.60 15.33 49.37
CA ILE A 218 -7.38 14.60 49.72
C ILE A 218 -7.12 13.59 48.62
N THR A 219 -5.90 13.62 48.07
CA THR A 219 -5.50 12.73 46.98
C THR A 219 -4.07 12.26 47.24
N PRO A 220 -3.51 11.36 46.42
CA PRO A 220 -2.06 11.11 46.51
C PRO A 220 -1.28 12.37 46.21
N ARG A 221 -0.10 12.46 46.81
CA ARG A 221 0.75 13.63 46.62
C ARG A 221 1.57 13.58 45.34
N TYR A 222 1.60 12.44 44.65
CA TYR A 222 2.65 12.21 43.66
C TYR A 222 2.56 13.15 42.47
N PHE A 223 1.34 13.59 42.12
CA PHE A 223 1.18 14.47 40.97
C PHE A 223 1.89 15.82 41.17
N LEU A 224 2.26 16.16 42.41
CA LEU A 224 2.97 17.41 42.64
C LEU A 224 4.34 17.42 41.96
N GLU A 225 5.00 16.27 41.88
CA GLU A 225 6.32 16.18 41.28
C GLU A 225 6.40 15.25 40.08
N SER A 226 5.48 14.29 39.93
CA SER A 226 5.66 13.22 38.96
C SER A 226 5.59 13.74 37.52
N LEU A 227 6.33 13.06 36.65
CA LEU A 227 6.29 13.36 35.22
C LEU A 227 4.88 13.19 34.65
N SER A 228 4.14 12.19 35.15
CA SER A 228 2.79 11.96 34.63
C SER A 228 1.85 13.11 34.97
N GLY A 229 2.11 13.81 36.08
CA GLY A 229 1.25 14.88 36.51
C GLY A 229 1.46 16.22 35.85
N LYS A 230 2.39 16.30 34.89
CA LYS A 230 2.70 17.59 34.27
C LYS A 230 1.44 18.23 33.68
N ASP A 231 0.69 17.48 32.87
CA ASP A 231 -0.52 18.04 32.27
C ASP A 231 -1.55 18.42 33.32
N LEU A 232 -1.72 17.58 34.34
CA LEU A 232 -2.68 17.88 35.40
C LEU A 232 -2.30 19.15 36.15
N ARG A 233 -1.01 19.29 36.49
CA ARG A 233 -0.56 20.51 37.16
C ARG A 233 -0.85 21.74 36.31
N GLU A 234 -0.61 21.65 35.00
CA GLU A 234 -0.90 22.78 34.13
C GLU A 234 -2.39 23.09 34.11
N TYR A 235 -3.24 22.06 34.18
CA TYR A 235 -4.68 22.28 34.17
C TYR A 235 -5.13 23.00 35.43
N ILE A 236 -4.63 22.58 36.59
CA ILE A 236 -5.02 23.19 37.85
C ILE A 236 -4.58 24.66 37.90
N LYS A 237 -3.30 24.90 37.61
CA LYS A 237 -2.75 26.25 37.75
C LYS A 237 -3.46 27.24 36.83
N SER A 238 -3.91 26.79 35.66
CA SER A 238 -4.50 27.69 34.67
C SER A 238 -6.01 27.81 34.77
N ASN A 239 -6.67 27.07 35.68
CA ASN A 239 -8.12 27.13 35.78
C ASN A 239 -8.64 27.50 37.17
N VAL A 240 -7.86 27.29 38.23
CA VAL A 240 -8.28 27.62 39.58
C VAL A 240 -7.14 28.35 40.29
N ASN A 241 -7.49 29.00 41.39
CA ASN A 241 -6.51 29.54 42.33
C ASN A 241 -6.32 28.51 43.42
N VAL A 242 -5.08 28.05 43.61
CA VAL A 242 -4.79 27.08 44.66
C VAL A 242 -4.62 27.86 45.96
N GLN A 243 -5.55 27.68 46.89
CA GLN A 243 -5.46 28.37 48.17
C GLN A 243 -4.36 27.77 49.05
N GLU A 244 -4.29 26.45 49.12
CA GLU A 244 -3.51 25.79 50.15
C GLU A 244 -3.17 24.37 49.73
N ILE A 245 -1.95 23.93 50.08
CA ILE A 245 -1.50 22.56 49.89
C ILE A 245 -0.97 22.07 51.22
N VAL A 246 -1.59 21.02 51.76
CA VAL A 246 -1.06 20.30 52.91
C VAL A 246 -0.38 19.05 52.39
N ASP A 247 0.93 18.94 52.61
CA ASP A 247 1.74 17.84 52.11
C ASP A 247 2.19 17.00 53.30
N PHE A 248 1.65 15.78 53.40
CA PHE A 248 2.01 14.89 54.50
C PHE A 248 3.26 14.08 54.20
N LEU A 249 3.86 14.24 53.01
CA LEU A 249 5.08 13.53 52.61
C LEU A 249 4.83 12.03 52.83
N GLY A 250 5.73 11.32 53.50
CA GLY A 250 5.63 9.89 53.68
C GLY A 250 4.83 9.43 54.88
N ALA A 251 4.17 10.35 55.59
CA ALA A 251 3.38 9.96 56.74
C ALA A 251 2.24 9.05 56.31
N ASN A 252 1.88 8.11 57.18
CA ASN A 252 0.85 7.12 56.88
C ASN A 252 -0.49 7.63 57.38
N ILE A 253 -1.20 8.34 56.50
CA ILE A 253 -2.51 8.90 56.83
C ILE A 253 -3.58 7.81 56.85
N PHE A 254 -3.56 6.92 55.87
CA PHE A 254 -4.52 5.82 55.78
C PHE A 254 -3.87 4.57 56.36
N LYS A 255 -4.42 4.08 57.48
CA LYS A 255 -3.84 2.92 58.14
C LYS A 255 -3.85 1.71 57.22
N ASN A 256 -2.73 1.00 57.17
CA ASN A 256 -2.57 -0.22 56.37
C ASN A 256 -2.73 0.04 54.88
N ILE A 257 -2.44 1.26 54.43
CA ILE A 257 -2.50 1.62 53.02
C ILE A 257 -1.15 2.19 52.61
N GLY A 258 -0.55 1.63 51.57
CA GLY A 258 0.71 2.13 51.07
C GLY A 258 0.53 3.28 50.10
N VAL A 259 0.21 4.47 50.60
CA VAL A 259 0.06 5.66 49.77
C VAL A 259 0.45 6.88 50.60
N SER A 260 0.85 7.95 49.91
CA SER A 260 1.24 9.20 50.52
C SER A 260 0.30 10.31 50.05
N SER A 261 -0.20 11.10 51.01
CA SER A 261 -1.37 11.94 50.80
C SER A 261 -1.02 13.42 50.83
N CYS A 262 -1.91 14.21 50.22
CA CYS A 262 -1.90 15.66 50.35
C CYS A 262 -3.33 16.16 50.27
N ILE A 263 -3.56 17.36 50.82
CA ILE A 263 -4.85 18.02 50.77
C ILE A 263 -4.70 19.31 49.97
N LEU A 264 -5.47 19.44 48.89
CA LEU A 264 -5.49 20.64 48.06
C LEU A 264 -6.80 21.39 48.26
N THR A 265 -6.70 22.70 48.45
CA THR A 265 -7.86 23.57 48.49
C THR A 265 -7.70 24.64 47.42
N PHE A 266 -8.73 24.81 46.59
CA PHE A 266 -8.68 25.70 45.45
C PHE A 266 -10.03 26.36 45.26
N ASP A 267 -10.04 27.50 44.58
CA ASP A 267 -11.27 28.23 44.35
C ASP A 267 -11.28 28.81 42.94
N LYS A 268 -12.45 29.27 42.52
CA LYS A 268 -12.64 29.98 41.27
C LYS A 268 -13.07 31.42 41.52
N LYS A 269 -12.40 32.08 42.47
CA LYS A 269 -12.70 33.45 42.85
C LYS A 269 -11.80 34.43 42.11
N LYS A 270 -12.36 35.59 41.78
CA LYS A 270 -11.59 36.66 41.14
C LYS A 270 -10.69 37.31 42.18
N THR A 271 -9.43 36.89 42.22
CA THR A 271 -8.45 37.46 43.12
C THR A 271 -7.23 37.89 42.32
N LYS A 272 -6.59 38.95 42.77
CA LYS A 272 -5.49 39.58 42.02
C LYS A 272 -4.11 39.13 42.49
N GLU A 273 -4.01 38.21 43.44
CA GLU A 273 -2.72 37.88 44.04
C GLU A 273 -2.29 36.43 43.83
N THR A 274 -3.21 35.48 44.01
CA THR A 274 -2.98 34.05 43.89
C THR A 274 -1.63 33.58 44.47
N TYR A 275 -1.48 33.72 45.79
CA TYR A 275 -0.43 33.06 46.55
C TYR A 275 -0.98 31.83 47.24
N ILE A 276 -0.14 30.79 47.34
CA ILE A 276 -0.52 29.51 47.92
C ILE A 276 0.08 29.38 49.31
N ASP A 277 -0.74 28.95 50.27
CA ASP A 277 -0.23 28.48 51.56
C ASP A 277 0.22 27.03 51.41
N VAL A 278 1.49 26.76 51.72
CA VAL A 278 2.00 25.39 51.71
C VAL A 278 2.32 25.02 53.15
N PHE A 279 1.73 23.92 53.60
CA PHE A 279 2.02 23.31 54.90
C PHE A 279 2.71 21.98 54.63
N LYS A 280 4.01 21.91 54.88
CA LYS A 280 4.81 20.73 54.64
C LYS A 280 5.20 20.12 55.98
N ILE A 281 4.90 18.84 56.17
CA ILE A 281 5.20 18.18 57.44
C ILE A 281 6.71 18.14 57.65
N LYS A 282 7.12 18.24 58.91
CA LYS A 282 8.54 18.19 59.28
C LYS A 282 9.00 16.80 59.69
N ASN A 283 8.13 16.00 60.26
CA ASN A 283 8.49 14.65 60.72
C ASN A 283 7.37 13.70 60.33
N GLU A 284 7.72 12.68 59.55
CA GLU A 284 6.74 11.75 59.00
C GLU A 284 6.26 10.70 60.01
N ASP A 285 6.88 10.63 61.19
CA ASP A 285 6.51 9.67 62.22
C ASP A 285 5.37 10.16 63.12
N ILE A 286 4.72 11.26 62.75
CA ILE A 286 3.65 11.79 63.57
C ILE A 286 2.42 10.91 63.45
N CYS A 287 1.69 10.77 64.56
CA CYS A 287 0.34 10.22 64.53
C CYS A 287 -0.65 11.35 64.30
N ILE A 288 -1.58 11.15 63.37
CA ILE A 288 -2.42 12.25 62.89
C ILE A 288 -3.36 12.78 63.97
N ASN A 289 -3.58 12.03 65.05
CA ASN A 289 -4.55 12.41 66.08
C ASN A 289 -3.89 13.05 67.30
N LYS A 290 -2.83 13.83 67.09
CA LYS A 290 -2.16 14.49 68.20
C LYS A 290 -3.08 15.48 68.88
N PHE A 291 -3.79 16.29 68.10
CA PHE A 291 -4.72 17.28 68.63
C PHE A 291 -6.14 16.92 68.23
N GLU A 292 -7.09 17.72 68.73
CA GLU A 292 -8.49 17.51 68.37
C GLU A 292 -8.77 17.95 66.94
N THR A 293 -7.99 18.89 66.40
CA THR A 293 -8.20 19.40 65.05
C THR A 293 -6.89 19.38 64.28
N LEU A 294 -7.02 19.33 62.94
CA LEU A 294 -5.85 19.36 62.08
C LEU A 294 -5.19 20.74 62.08
N GLU A 295 -5.96 21.81 62.32
CA GLU A 295 -5.38 23.16 62.36
C GLU A 295 -4.32 23.28 63.45
N GLU A 296 -4.57 22.67 64.60
CA GLU A 296 -3.58 22.72 65.67
C GLU A 296 -2.28 22.05 65.24
N LEU A 297 -2.39 20.92 64.53
CA LEU A 297 -1.20 20.25 64.02
C LEU A 297 -0.47 21.14 62.99
N LEU A 298 -1.22 21.79 62.11
CA LEU A 298 -0.60 22.59 61.05
C LEU A 298 0.16 23.79 61.60
N LYS A 299 -0.38 24.43 62.64
CA LYS A 299 0.29 25.59 63.21
C LYS A 299 1.42 25.20 64.17
N SER A 300 1.53 23.92 64.51
CA SER A 300 2.50 23.48 65.50
C SER A 300 3.89 23.37 64.87
N SER A 301 4.87 23.06 65.73
CA SER A 301 6.23 22.82 65.26
C SER A 301 6.31 21.59 64.36
N LYS A 302 5.28 20.75 64.37
CA LYS A 302 5.28 19.53 63.56
C LYS A 302 5.20 19.83 62.06
N PHE A 303 4.73 21.01 61.69
CA PHE A 303 4.67 21.41 60.29
C PHE A 303 5.51 22.66 60.08
N GLU A 304 5.81 22.94 58.81
CA GLU A 304 6.36 24.23 58.41
C GLU A 304 5.42 24.86 57.41
N HIS A 305 5.38 26.18 57.42
CA HIS A 305 4.52 26.93 56.51
C HIS A 305 5.37 27.88 55.69
N PHE A 306 5.04 27.99 54.40
CA PHE A 306 5.65 29.00 53.54
C PHE A 306 4.68 29.29 52.41
N ASN A 307 4.96 30.37 51.67
CA ASN A 307 4.10 30.82 50.59
C ASN A 307 4.79 30.68 49.25
N ILE A 308 4.00 30.32 48.23
CA ILE A 308 4.47 30.14 46.85
C ILE A 308 3.58 30.95 45.93
N ASN A 309 4.18 31.78 45.09
CA ASN A 309 3.43 32.54 44.10
C ASN A 309 3.04 31.62 42.95
N GLN A 310 1.72 31.43 42.77
CA GLN A 310 1.23 30.53 41.72
C GLN A 310 1.65 30.98 40.34
N ARG A 311 1.86 32.28 40.15
CA ARG A 311 2.26 32.79 38.84
C ARG A 311 3.73 32.49 38.53
N LEU A 312 4.52 32.07 39.50
CA LEU A 312 5.91 31.68 39.27
C LEU A 312 6.07 30.17 39.13
N LEU A 313 4.98 29.41 39.12
CA LEU A 313 5.04 27.98 38.90
C LEU A 313 5.29 27.69 37.42
N SER A 314 6.34 26.92 37.14
CA SER A 314 6.58 26.42 35.80
C SER A 314 5.85 25.09 35.65
N ASP A 315 6.18 24.32 34.61
CA ASP A 315 5.65 22.96 34.52
C ASP A 315 5.99 22.16 35.78
N GLU A 316 7.10 22.50 36.43
CA GLU A 316 7.43 21.97 37.75
C GLU A 316 6.93 22.93 38.83
N TRP A 317 6.37 22.36 39.89
CA TRP A 317 6.00 23.12 41.09
C TRP A 317 7.08 22.86 42.12
N ILE A 318 7.96 23.84 42.34
CA ILE A 318 9.02 23.73 43.32
C ILE A 318 8.53 24.43 44.57
N LEU A 319 8.05 23.64 45.53
CA LEU A 319 7.40 24.12 46.74
C LEU A 319 8.38 23.95 47.90
N VAL A 320 9.22 24.96 48.12
CA VAL A 320 10.21 24.96 49.18
C VAL A 320 10.26 26.33 49.84
N ASN A 321 10.80 26.37 51.05
CA ASN A 321 10.94 27.62 51.77
C ASN A 321 12.04 28.49 51.13
N LYS A 322 12.15 29.72 51.61
CA LYS A 322 13.06 30.68 50.99
C LYS A 322 14.52 30.25 51.09
N ASP A 323 14.90 29.59 52.19
CA ASP A 323 16.26 29.09 52.31
C ASP A 323 16.57 28.06 51.25
N ASP A 324 15.64 27.12 51.04
CA ASP A 324 15.85 26.08 50.04
C ASP A 324 15.80 26.64 48.62
N GLU A 325 14.89 27.59 48.38
CA GLU A 325 14.81 28.19 47.05
C GLU A 325 16.11 28.92 46.70
N THR A 326 16.65 29.69 47.66
CA THR A 326 17.95 30.32 47.46
C THR A 326 19.02 29.29 47.18
N PHE A 327 19.06 28.24 48.00
CA PHE A 327 20.00 27.14 47.82
C PHE A 327 19.86 26.52 46.44
N TYR A 328 18.63 26.17 46.06
CA TYR A 328 18.39 25.53 44.78
C TYR A 328 18.81 26.43 43.62
N ASN A 329 18.45 27.70 43.67
CA ASN A 329 18.78 28.62 42.57
C ASN A 329 20.27 28.86 42.45
N LYS A 330 21.00 28.85 43.57
CA LYS A 330 22.45 29.02 43.51
C LYS A 330 23.08 27.89 42.70
N ILE A 331 22.66 26.66 42.98
CA ILE A 331 23.24 25.50 42.31
C ILE A 331 22.87 25.50 40.84
N GLN A 332 21.61 25.82 40.52
CA GLN A 332 21.17 25.82 39.13
C GLN A 332 21.96 26.83 38.31
N GLU A 333 22.18 28.02 38.86
CA GLU A 333 22.87 29.07 38.11
C GLU A 333 24.35 28.76 37.94
N LYS A 334 24.97 28.17 38.97
CA LYS A 334 26.42 27.94 38.93
C LYS A 334 26.80 26.79 38.00
N CYS A 335 25.92 25.81 37.82
CA CYS A 335 26.25 24.60 37.08
C CYS A 335 25.89 24.77 35.61
N LYS A 336 26.87 24.59 34.72
CA LYS A 336 26.68 24.81 33.30
C LYS A 336 26.33 23.54 32.53
N TYR A 337 26.36 22.38 33.17
CA TYR A 337 26.02 21.12 32.53
C TYR A 337 24.98 20.40 33.37
N SER A 338 24.20 19.54 32.72
CA SER A 338 23.37 18.55 33.39
C SER A 338 23.92 17.17 33.10
N LEU A 339 23.45 16.18 33.86
CA LEU A 339 23.86 14.81 33.59
C LEU A 339 23.41 14.39 32.20
N GLU A 340 22.18 14.74 31.81
CA GLU A 340 21.68 14.42 30.48
C GLU A 340 22.58 14.98 29.39
N ASP A 341 23.20 16.13 29.65
CA ASP A 341 24.11 16.71 28.67
C ASP A 341 25.30 15.79 28.41
N ILE A 342 25.83 15.16 29.45
CA ILE A 342 27.13 14.52 29.39
C ILE A 342 27.08 13.00 29.45
N ALA A 343 25.93 12.42 29.74
CA ALA A 343 25.84 10.99 30.00
C ALA A 343 24.72 10.35 29.18
N ILE A 344 24.80 9.02 29.04
CA ILE A 344 23.76 8.22 28.42
C ILE A 344 23.11 7.39 29.51
N SER A 345 21.80 7.55 29.68
CA SER A 345 21.04 6.87 30.72
C SER A 345 20.28 5.68 30.14
N PHE A 346 20.08 4.65 30.96
CA PHE A 346 19.23 3.55 30.54
C PHE A 346 18.73 2.77 31.76
N GLN A 347 17.56 2.17 31.58
CA GLN A 347 16.92 1.32 32.58
C GLN A 347 17.42 -0.11 32.43
N GLY A 348 17.44 -0.84 33.53
CA GLY A 348 17.98 -2.19 33.54
C GLY A 348 17.10 -3.19 32.81
N ILE A 349 17.57 -4.45 32.84
CA ILE A 349 16.87 -5.55 32.22
C ILE A 349 15.48 -5.71 32.82
N ILE A 350 14.50 -5.97 31.96
CA ILE A 350 13.19 -6.43 32.40
C ILE A 350 13.00 -7.82 31.82
N THR A 351 13.19 -8.86 32.65
CA THR A 351 13.04 -10.22 32.15
C THR A 351 11.58 -10.54 31.85
N GLY A 352 10.68 -10.03 32.67
CA GLY A 352 9.28 -10.39 32.60
C GLY A 352 8.90 -11.52 33.52
N CYS A 353 9.87 -12.34 33.94
CA CYS A 353 9.65 -13.34 34.98
C CYS A 353 11.01 -13.65 35.60
N ASP A 354 11.33 -12.98 36.71
CA ASP A 354 12.67 -13.07 37.26
C ASP A 354 13.01 -14.49 37.72
N LYS A 355 12.03 -15.20 38.31
CA LYS A 355 12.30 -16.53 38.85
C LYS A 355 12.74 -17.51 37.77
N ALA A 356 12.35 -17.27 36.52
CA ALA A 356 12.75 -18.15 35.42
C ALA A 356 14.19 -17.91 34.99
N PHE A 357 14.71 -16.69 35.16
CA PHE A 357 15.98 -16.30 34.57
C PHE A 357 17.08 -15.98 35.58
N ILE A 358 16.74 -15.79 36.86
CA ILE A 358 17.69 -15.34 37.86
C ILE A 358 17.95 -16.50 38.82
N LEU A 359 19.22 -16.84 38.99
CA LEU A 359 19.61 -17.93 39.86
C LEU A 359 20.70 -17.45 40.81
N SER A 360 20.71 -18.06 42.00
CA SER A 360 21.84 -17.86 42.91
C SER A 360 23.12 -18.36 42.26
N LYS A 361 24.22 -17.63 42.47
CA LYS A 361 25.48 -17.99 41.83
C LYS A 361 26.01 -19.33 42.31
N ASP A 362 25.48 -19.88 43.40
CA ASP A 362 25.84 -21.20 43.90
C ASP A 362 24.80 -22.25 43.56
N ASP A 363 23.81 -21.92 42.74
CA ASP A 363 22.81 -22.90 42.35
C ASP A 363 23.46 -23.96 41.46
N VAL A 364 23.17 -25.23 41.74
CA VAL A 364 23.72 -26.33 40.95
C VAL A 364 23.23 -26.30 39.51
N LYS A 365 22.06 -25.69 39.26
CA LYS A 365 21.52 -25.62 37.91
C LYS A 365 22.42 -24.83 36.96
N LEU A 366 23.30 -23.98 37.49
CA LEU A 366 24.17 -23.18 36.64
C LEU A 366 25.27 -24.02 35.97
N ASN A 367 25.48 -25.25 36.41
CA ASN A 367 26.36 -26.14 35.68
C ASN A 367 25.78 -26.54 34.33
N LEU A 368 24.47 -26.41 34.16
CA LEU A 368 23.83 -26.68 32.88
C LEU A 368 23.99 -25.53 31.89
N VAL A 369 24.35 -24.34 32.37
CA VAL A 369 24.37 -23.15 31.55
C VAL A 369 25.81 -22.78 31.24
N ASP A 370 26.13 -22.73 29.94
CA ASP A 370 27.44 -22.26 29.51
C ASP A 370 27.65 -20.82 29.97
N ASP A 371 28.86 -20.53 30.44
CA ASP A 371 29.14 -19.25 31.08
C ASP A 371 29.07 -18.07 30.12
N LYS A 372 29.06 -18.32 28.81
CA LYS A 372 28.83 -17.22 27.87
C LYS A 372 27.44 -16.63 28.04
N PHE A 373 26.49 -17.41 28.55
CA PHE A 373 25.12 -16.95 28.76
C PHE A 373 24.92 -16.26 30.11
N LEU A 374 25.90 -16.31 31.00
CA LEU A 374 25.71 -15.91 32.39
C LEU A 374 26.26 -14.51 32.64
N LYS A 375 25.46 -13.68 33.30
CA LYS A 375 25.84 -12.31 33.64
C LYS A 375 25.70 -12.12 35.15
N CYS A 376 26.57 -11.28 35.71
CA CYS A 376 26.40 -10.86 37.09
C CYS A 376 25.16 -9.99 37.25
N TRP A 377 24.45 -10.19 38.36
CA TRP A 377 23.14 -9.60 38.58
C TRP A 377 23.06 -9.06 39.99
N ILE A 378 22.70 -7.78 40.12
CA ILE A 378 22.62 -7.12 41.42
C ILE A 378 21.25 -6.53 41.63
N LYS A 379 20.92 -6.28 42.89
CA LYS A 379 19.69 -5.63 43.30
C LYS A 379 20.00 -4.22 43.82
N SER A 380 18.94 -3.45 44.05
CA SER A 380 19.13 -2.08 44.51
C SER A 380 19.89 -2.02 45.84
N LYS A 381 19.63 -2.98 46.74
CA LYS A 381 20.32 -3.00 48.02
C LYS A 381 21.83 -3.22 47.88
N ASN A 382 22.28 -3.82 46.77
CA ASN A 382 23.70 -4.02 46.55
C ASN A 382 24.43 -2.71 46.25
N ILE A 383 23.72 -1.64 45.92
CA ILE A 383 24.34 -0.35 45.63
C ILE A 383 24.57 0.39 46.94
N ASN A 384 25.81 0.77 47.19
CA ASN A 384 26.17 1.71 48.23
C ASN A 384 26.71 2.96 47.58
N LYS A 385 27.06 3.95 48.40
CA LYS A 385 27.82 5.07 47.88
C LYS A 385 29.17 4.58 47.36
N TYR A 386 29.48 4.99 46.13
CA TYR A 386 30.75 4.82 45.42
C TYR A 386 31.07 3.43 44.90
N ILE A 387 30.48 2.36 45.45
CA ILE A 387 30.84 1.01 44.99
C ILE A 387 29.68 0.07 45.22
N VAL A 388 29.65 -1.00 44.42
CA VAL A 388 28.60 -2.01 44.42
C VAL A 388 29.06 -3.21 45.22
N ASP A 389 28.14 -3.83 45.95
CA ASP A 389 28.43 -5.12 46.58
C ASP A 389 28.78 -6.16 45.52
N LYS A 390 29.55 -7.16 45.91
CA LYS A 390 29.78 -8.31 45.04
C LYS A 390 28.46 -9.03 44.81
N SER A 391 28.20 -9.38 43.56
CA SER A 391 26.91 -9.96 43.20
C SER A 391 26.77 -11.38 43.75
N GLU A 392 25.53 -11.73 44.10
CA GLU A 392 25.20 -13.07 44.55
C GLU A 392 24.29 -13.80 43.58
N TYR A 393 23.87 -13.16 42.49
CA TYR A 393 22.93 -13.75 41.56
C TYR A 393 23.49 -13.70 40.16
N ARG A 394 22.98 -14.59 39.31
CA ARG A 394 23.36 -14.65 37.90
C ARG A 394 22.10 -14.53 37.05
N LEU A 395 22.22 -13.84 35.93
CA LEU A 395 21.17 -13.76 34.93
C LEU A 395 21.54 -14.67 33.77
N ILE A 396 20.59 -15.50 33.35
CA ILE A 396 20.74 -16.26 32.11
C ILE A 396 20.28 -15.36 30.98
N TYR A 397 21.22 -14.84 30.19
CA TYR A 397 20.86 -14.00 29.05
C TYR A 397 20.34 -14.92 27.95
N SER A 398 19.07 -15.28 28.08
CA SER A 398 18.46 -16.33 27.26
C SER A 398 18.25 -15.91 25.81
N ASN A 399 18.39 -14.62 25.50
CA ASN A 399 18.30 -14.19 24.11
C ASN A 399 19.37 -14.83 23.23
N ASP A 400 20.56 -15.04 23.79
CA ASP A 400 21.67 -15.58 23.02
C ASP A 400 21.59 -17.09 22.81
N ILE A 401 20.61 -17.76 23.42
CA ILE A 401 20.33 -19.15 23.10
C ILE A 401 19.86 -19.20 21.66
N ASP A 402 20.64 -19.87 20.79
CA ASP A 402 20.41 -19.81 19.36
C ASP A 402 19.05 -20.41 18.99
N ASN A 403 18.78 -21.63 19.43
CA ASN A 403 17.50 -22.26 19.17
C ASN A 403 17.25 -23.32 20.26
N GLU A 404 16.09 -23.97 20.16
CA GLU A 404 15.56 -24.78 21.24
C GLU A 404 16.13 -26.20 21.30
N ASN A 405 16.96 -26.61 20.34
CA ASN A 405 17.49 -27.96 20.30
C ASN A 405 18.89 -28.09 20.90
N THR A 406 19.74 -27.07 20.70
CA THR A 406 21.12 -27.15 21.16
C THR A 406 21.26 -26.98 22.68
N ASN A 407 20.38 -26.20 23.29
CA ASN A 407 20.43 -25.96 24.73
C ASN A 407 19.16 -26.43 25.40
N LYS A 408 18.73 -27.66 25.07
CA LYS A 408 17.44 -28.16 25.55
C LYS A 408 17.40 -28.24 27.07
N ARG A 409 18.50 -28.66 27.70
CA ARG A 409 18.48 -28.84 29.15
C ARG A 409 18.21 -27.53 29.87
N ILE A 410 18.79 -26.43 29.38
CA ILE A 410 18.52 -25.12 29.98
C ILE A 410 17.03 -24.78 29.89
N LEU A 411 16.46 -24.99 28.70
CA LEU A 411 15.04 -24.68 28.50
C LEU A 411 14.14 -25.61 29.28
N ASP A 412 14.45 -26.91 29.29
CA ASP A 412 13.56 -27.87 29.91
C ASP A 412 13.64 -27.83 31.44
N GLU A 413 14.84 -27.66 31.98
CA GLU A 413 15.06 -27.82 33.41
C GLU A 413 15.10 -26.52 34.18
N ILE A 414 15.27 -25.37 33.52
CA ILE A 414 15.37 -24.10 34.25
C ILE A 414 14.28 -23.13 33.82
N ILE A 415 14.32 -22.68 32.56
CA ILE A 415 13.41 -21.63 32.13
C ILE A 415 12.00 -22.19 31.90
N GLY A 416 11.89 -23.43 31.43
CA GLY A 416 10.60 -24.04 31.15
C GLY A 416 9.75 -24.30 32.37
N LEU A 417 10.32 -24.23 33.57
CA LEU A 417 9.54 -24.35 34.79
C LEU A 417 8.47 -23.27 34.90
N TYR A 418 8.64 -22.15 34.19
CA TYR A 418 7.69 -21.05 34.21
C TYR A 418 7.18 -20.73 32.81
N LYS A 419 7.08 -21.76 31.95
CA LYS A 419 6.73 -21.51 30.55
C LYS A 419 5.33 -20.94 30.42
N THR A 420 4.39 -21.38 31.27
CA THR A 420 3.04 -20.84 31.23
C THR A 420 3.04 -19.35 31.52
N LYS A 421 3.72 -18.95 32.60
CA LYS A 421 3.78 -17.53 32.94
C LYS A 421 4.57 -16.75 31.90
N LEU A 422 5.62 -17.37 31.34
CA LEU A 422 6.42 -16.68 30.33
C LEU A 422 5.61 -16.43 29.06
N GLU A 423 4.80 -17.40 28.64
CA GLU A 423 4.00 -17.26 27.44
C GLU A 423 2.91 -16.19 27.60
N ASN A 424 2.60 -15.80 28.83
CA ASN A 424 1.57 -14.79 29.06
C ASN A 424 2.09 -13.36 29.00
N ARG A 425 3.40 -13.17 28.85
CA ARG A 425 3.91 -11.83 28.64
C ARG A 425 3.40 -11.28 27.33
N ARG A 426 3.27 -9.96 27.25
CA ARG A 426 2.60 -9.34 26.11
C ARG A 426 3.34 -9.64 24.80
N GLU A 427 4.66 -9.57 24.82
CA GLU A 427 5.41 -9.76 23.58
C GLU A 427 5.47 -11.22 23.15
N CYS A 428 5.26 -12.16 24.07
CA CYS A 428 5.15 -13.57 23.66
C CYS A 428 3.81 -13.84 22.98
N LYS A 429 2.73 -13.29 23.52
CA LYS A 429 1.42 -13.52 22.93
C LYS A 429 1.31 -12.92 21.54
N SER A 430 2.04 -11.84 21.28
CA SER A 430 2.07 -11.22 19.96
C SER A 430 3.08 -11.85 19.03
N GLY A 431 3.90 -12.78 19.53
CA GLY A 431 4.91 -13.44 18.72
C GLY A 431 6.20 -12.67 18.54
N ILE A 432 6.35 -11.53 19.22
CA ILE A 432 7.58 -10.76 19.10
C ILE A 432 8.74 -11.46 19.79
N ARG A 433 8.46 -12.14 20.90
CA ARG A 433 9.48 -12.84 21.68
C ARG A 433 9.17 -14.33 21.71
N LYS A 434 10.21 -15.14 21.67
CA LYS A 434 10.03 -16.55 21.99
C LYS A 434 9.72 -16.68 23.47
N TRP A 435 9.09 -17.80 23.83
CA TRP A 435 8.62 -17.98 25.21
C TRP A 435 9.78 -17.94 26.19
N TYR A 436 10.99 -18.31 25.76
CA TYR A 436 12.13 -18.38 26.66
C TYR A 436 13.01 -17.15 26.60
N GLU A 437 12.66 -16.14 25.82
CA GLU A 437 13.49 -14.95 25.70
C GLU A 437 13.17 -13.95 26.80
N LEU A 438 14.14 -13.08 27.07
CA LEU A 438 13.91 -11.96 27.97
C LEU A 438 12.95 -10.98 27.31
N GLN A 439 12.02 -10.44 28.11
CA GLN A 439 11.04 -9.51 27.56
C GLN A 439 11.71 -8.25 27.02
N TRP A 440 12.53 -7.59 27.85
CA TRP A 440 13.31 -6.43 27.43
C TRP A 440 14.76 -6.68 27.85
N GLY A 441 15.51 -7.37 26.99
CA GLY A 441 16.90 -7.70 27.27
C GLY A 441 17.87 -6.60 26.98
N ARG A 442 17.40 -5.47 26.45
CA ARG A 442 18.21 -4.26 26.25
C ARG A 442 19.40 -4.62 25.35
N GLU A 443 20.49 -3.87 25.46
CA GLU A 443 21.72 -4.11 24.73
C GLU A 443 22.81 -4.51 25.72
N LYS A 444 23.40 -5.69 25.52
CA LYS A 444 24.42 -6.19 26.44
C LYS A 444 25.58 -5.21 26.58
N LEU A 445 26.02 -4.63 25.46
CA LEU A 445 27.20 -3.76 25.48
C LEU A 445 27.01 -2.52 26.33
N PHE A 446 25.76 -2.10 26.57
CA PHE A 446 25.53 -0.97 27.47
C PHE A 446 25.91 -1.31 28.90
N PHE A 447 25.70 -2.56 29.32
CA PHE A 447 26.01 -2.97 30.68
C PHE A 447 27.45 -3.43 30.84
N GLU A 448 28.08 -3.92 29.78
CA GLU A 448 29.41 -4.54 29.87
C GLU A 448 30.50 -3.50 29.61
N ARG A 449 30.52 -2.49 30.49
CA ARG A 449 31.47 -1.40 30.41
C ARG A 449 31.51 -0.72 31.77
N LYS A 450 32.47 0.19 31.92
CA LYS A 450 32.50 1.04 33.11
C LYS A 450 31.29 1.95 33.09
N LYS A 451 30.57 2.03 34.21
CA LYS A 451 29.35 2.83 34.27
C LYS A 451 29.05 3.15 35.72
N ILE A 452 28.08 4.05 35.92
CA ILE A 452 27.60 4.43 37.23
C ILE A 452 26.21 3.85 37.42
N MET A 453 25.93 3.32 38.61
CA MET A 453 24.66 2.71 38.92
C MET A 453 24.10 3.30 40.22
N TYR A 454 22.77 3.39 40.29
CA TYR A 454 22.08 3.89 41.46
C TYR A 454 20.75 3.17 41.63
N PRO A 455 20.27 3.00 42.87
CA PRO A 455 18.97 2.35 43.07
C PRO A 455 17.82 3.24 42.64
N TYR A 456 16.72 2.62 42.22
CA TYR A 456 15.59 3.39 41.70
C TYR A 456 14.78 4.05 42.80
N LYS A 457 14.87 3.55 44.04
CA LYS A 457 14.20 4.12 45.19
C LYS A 457 15.16 4.04 46.36
N SER A 458 15.38 5.17 47.04
CA SER A 458 16.34 5.18 48.13
C SER A 458 16.04 6.34 49.07
N ASN A 459 16.61 6.25 50.28
CA ASN A 459 16.53 7.32 51.27
C ASN A 459 17.58 8.40 51.04
N GLU A 460 18.59 8.14 50.23
CA GLU A 460 19.70 9.08 50.05
C GLU A 460 20.36 8.78 48.71
N ASN A 461 21.18 9.72 48.27
CA ASN A 461 21.95 9.51 47.05
C ASN A 461 22.92 8.34 47.24
N ARG A 462 22.84 7.37 46.33
CA ARG A 462 23.78 6.24 46.32
C ARG A 462 24.14 6.00 44.86
N PHE A 463 25.18 6.68 44.40
CA PHE A 463 25.73 6.48 43.07
C PHE A 463 27.06 5.75 43.19
N ALA A 464 27.20 4.64 42.47
CA ALA A 464 28.39 3.78 42.55
C ALA A 464 29.00 3.60 41.18
N ILE A 465 30.32 3.53 41.13
CA ILE A 465 31.01 3.08 39.93
C ILE A 465 30.94 1.57 39.87
N ASP A 466 30.47 1.03 38.75
CA ASP A 466 30.46 -0.41 38.52
C ASP A 466 31.70 -0.79 37.72
N TYR A 467 32.56 -1.62 38.32
CA TYR A 467 33.74 -2.13 37.65
C TYR A 467 33.57 -3.55 37.12
N ASP A 468 32.43 -4.21 37.38
CA ASP A 468 32.33 -5.65 37.20
C ASP A 468 31.30 -6.06 36.16
N ASN A 469 30.90 -5.14 35.26
CA ASN A 469 29.95 -5.47 34.20
C ASN A 469 28.64 -6.01 34.76
N ASN A 470 28.15 -5.39 35.83
CA ASN A 470 26.95 -5.88 36.50
C ASN A 470 25.70 -5.57 35.69
N PHE A 471 24.83 -6.57 35.57
CA PHE A 471 23.48 -6.40 35.07
C PHE A 471 22.51 -6.21 36.23
N SER A 472 21.32 -5.73 35.93
CA SER A 472 20.33 -5.54 36.98
C SER A 472 18.95 -5.39 36.35
N SER A 473 17.93 -5.52 37.18
CA SER A 473 16.56 -5.27 36.77
C SER A 473 16.29 -3.76 36.77
N ALA A 474 15.03 -3.38 36.68
CA ALA A 474 14.64 -1.98 36.65
C ALA A 474 14.67 -1.31 38.01
N ASP A 475 15.02 -2.03 39.07
CA ASP A 475 15.23 -1.38 40.35
C ASP A 475 16.60 -0.74 40.46
N VAL A 476 17.43 -0.85 39.44
CA VAL A 476 18.73 -0.18 39.38
C VAL A 476 18.87 0.48 38.02
N TYR A 477 19.21 1.77 38.02
CA TYR A 477 19.48 2.51 36.80
C TYR A 477 20.97 2.71 36.62
N SER A 478 21.38 2.88 35.35
CA SER A 478 22.79 3.02 35.01
C SER A 478 22.97 4.20 34.07
N PHE A 479 24.15 4.80 34.11
CA PHE A 479 24.55 5.69 33.02
C PHE A 479 26.06 5.60 32.82
N PHE A 480 26.49 5.98 31.62
CA PHE A 480 27.91 6.13 31.30
C PHE A 480 28.13 7.48 30.64
N ILE A 481 29.36 7.97 30.73
CA ILE A 481 29.69 9.30 30.24
C ILE A 481 29.89 9.26 28.74
N LYS A 482 29.36 10.26 28.05
CA LYS A 482 29.59 10.36 26.61
C LYS A 482 31.08 10.53 26.34
N GLU A 483 31.52 10.04 25.19
CA GLU A 483 32.96 10.03 24.89
C GLU A 483 33.51 11.45 24.81
N GLU A 484 32.72 12.41 24.34
CA GLU A 484 33.20 13.77 24.16
C GLU A 484 33.24 14.56 25.47
N TYR A 485 32.71 14.02 26.57
CA TYR A 485 32.78 14.67 27.87
C TYR A 485 33.70 13.95 28.83
N LEU A 486 34.52 13.01 28.34
CA LEU A 486 35.41 12.26 29.22
C LEU A 486 36.62 13.07 29.67
N ASP A 487 37.06 14.04 28.88
CA ASP A 487 38.17 14.88 29.30
C ASP A 487 37.73 16.01 30.23
N LYS A 488 36.44 16.16 30.46
CA LYS A 488 35.91 17.14 31.42
C LYS A 488 35.43 16.47 32.71
N PHE A 489 34.78 15.32 32.60
CA PHE A 489 34.18 14.67 33.76
C PHE A 489 34.61 13.22 33.80
N SER A 490 35.12 12.78 34.95
CA SER A 490 35.49 11.41 35.20
C SER A 490 34.48 10.77 36.15
N TYR A 491 34.39 9.45 36.10
CA TYR A 491 33.46 8.74 36.97
C TYR A 491 33.78 9.01 38.43
N GLU A 492 35.07 9.09 38.76
CA GLU A 492 35.47 9.34 40.14
C GLU A 492 34.98 10.71 40.63
N TYR A 493 35.11 11.74 39.78
CA TYR A 493 34.60 13.05 40.16
C TYR A 493 33.09 13.03 40.35
N LEU A 494 32.37 12.31 39.48
CA LEU A 494 30.90 12.35 39.51
C LEU A 494 30.35 11.68 40.77
N VAL A 495 30.83 10.49 41.11
CA VAL A 495 30.33 9.85 42.32
C VAL A 495 30.69 10.67 43.55
N GLY A 496 31.79 11.44 43.48
CA GLY A 496 32.16 12.33 44.55
C GLY A 496 31.10 13.39 44.83
N ILE A 497 30.79 14.21 43.84
CA ILE A 497 29.82 15.29 44.08
C ILE A 497 28.42 14.72 44.22
N LEU A 498 28.07 13.71 43.41
CA LEU A 498 26.71 13.18 43.45
C LEU A 498 26.38 12.52 44.79
N ASN A 499 27.37 12.00 45.50
CA ASN A 499 27.14 11.41 46.81
C ASN A 499 27.30 12.41 47.95
N SER A 500 27.63 13.67 47.65
CA SER A 500 27.89 14.65 48.70
C SER A 500 26.58 15.07 49.38
N SER A 501 26.72 15.58 50.60
CA SER A 501 25.56 16.06 51.34
C SER A 501 24.87 17.19 50.60
N VAL A 502 25.65 18.00 49.87
CA VAL A 502 25.07 19.08 49.08
C VAL A 502 24.11 18.52 48.03
N TYR A 503 24.58 17.54 47.26
CA TYR A 503 23.77 17.02 46.16
C TYR A 503 22.62 16.17 46.66
N ASP A 504 22.78 15.55 47.84
CA ASP A 504 21.66 14.80 48.41
C ASP A 504 20.51 15.74 48.76
N LYS A 505 20.83 16.85 49.44
CA LYS A 505 19.80 17.87 49.69
C LYS A 505 19.31 18.48 48.39
N TYR A 506 20.22 18.76 47.47
CA TYR A 506 19.87 19.41 46.20
C TYR A 506 18.90 18.55 45.40
N PHE A 507 19.15 17.25 45.30
CA PHE A 507 18.27 16.39 44.52
C PHE A 507 16.90 16.26 45.18
N LYS A 508 16.86 16.13 46.50
CA LYS A 508 15.60 15.93 47.21
C LYS A 508 14.68 17.15 47.17
N ILE A 509 15.21 18.32 46.80
CA ILE A 509 14.36 19.51 46.71
C ILE A 509 13.24 19.30 45.71
N THR A 510 13.53 18.67 44.56
CA THR A 510 12.55 18.48 43.50
C THR A 510 12.22 17.02 43.25
N ALA A 511 12.80 16.09 44.01
CA ALA A 511 12.59 14.68 43.80
C ALA A 511 11.16 14.27 44.17
N LYS A 512 10.75 13.11 43.65
CA LYS A 512 9.42 12.56 43.87
C LYS A 512 9.42 11.74 45.16
N LYS A 513 8.71 12.22 46.17
CA LYS A 513 8.67 11.57 47.48
C LYS A 513 7.60 10.48 47.47
N MET A 514 8.02 9.23 47.71
CA MET A 514 7.16 8.06 47.51
C MET A 514 6.52 7.55 48.80
N SER A 515 7.35 7.20 49.78
CA SER A 515 6.87 6.73 51.07
C SER A 515 7.91 7.14 52.10
N LYS A 516 7.67 6.78 53.36
CA LYS A 516 8.50 7.27 54.45
C LYS A 516 9.96 6.87 54.21
N ASN A 517 10.83 7.89 54.10
CA ASN A 517 12.26 7.71 53.88
C ASN A 517 12.57 7.05 52.53
N ILE A 518 11.71 7.26 51.53
CA ILE A 518 11.97 6.75 50.19
C ILE A 518 11.66 7.84 49.16
N TYR A 519 12.64 8.13 48.31
CA TYR A 519 12.44 8.96 47.13
C TYR A 519 12.68 8.11 45.88
N ASP A 520 11.97 8.45 44.81
CA ASP A 520 12.29 7.88 43.51
C ASP A 520 13.60 8.46 43.01
N TYR A 521 14.49 7.60 42.55
CA TYR A 521 15.68 8.01 41.81
C TYR A 521 15.53 7.45 40.40
N TYR A 522 14.81 8.19 39.56
CA TYR A 522 14.51 7.82 38.20
C TYR A 522 15.14 8.82 37.24
N PRO A 523 15.51 8.38 36.04
CA PRO A 523 16.16 9.30 35.10
C PRO A 523 15.36 10.54 34.78
N ASN A 524 14.02 10.49 34.83
CA ASN A 524 13.26 11.69 34.49
C ASN A 524 13.57 12.84 35.42
N LYS A 525 14.11 12.57 36.62
CA LYS A 525 14.67 13.61 37.48
C LYS A 525 16.17 13.50 37.68
N VAL A 526 16.72 12.28 37.81
CA VAL A 526 18.16 12.14 38.07
C VAL A 526 18.98 12.78 36.95
N MET A 527 18.53 12.62 35.71
CA MET A 527 19.28 13.19 34.59
C MET A 527 19.14 14.69 34.49
N LYS A 528 18.22 15.31 35.23
CA LYS A 528 18.15 16.77 35.25
C LYS A 528 19.10 17.39 36.26
N ILE A 529 19.79 16.58 37.07
CA ILE A 529 20.77 17.09 38.01
C ILE A 529 21.86 17.86 37.26
N ARG A 530 22.20 19.05 37.75
CA ARG A 530 23.22 19.87 37.13
C ARG A 530 24.55 19.74 37.87
N ILE A 531 25.65 19.86 37.12
CA ILE A 531 27.00 19.62 37.63
C ILE A 531 27.89 20.76 37.16
N PHE A 532 29.07 20.84 37.79
CA PHE A 532 29.98 21.97 37.60
C PHE A 532 31.43 21.48 37.50
N ARG A 533 32.27 22.35 36.96
CA ARG A 533 33.72 22.15 36.92
C ARG A 533 34.41 23.45 37.32
N ASP A 534 35.33 23.38 38.27
CA ASP A 534 36.09 24.57 38.65
C ASP A 534 37.41 24.14 39.30
N ASN A 535 38.05 25.10 39.99
CA ASN A 535 39.38 24.87 40.57
C ASN A 535 39.40 23.74 41.58
N ASN A 536 38.26 23.37 42.16
CA ASN A 536 38.23 22.29 43.13
C ASN A 536 38.14 20.91 42.51
N TYR A 537 38.07 20.82 41.18
CA TYR A 537 37.86 19.54 40.50
C TYR A 537 38.90 18.50 40.93
N GLU A 538 40.18 18.85 40.88
CA GLU A 538 41.22 17.87 41.14
C GLU A 538 41.15 17.35 42.57
N GLU A 539 40.96 18.25 43.54
CA GLU A 539 40.92 17.82 44.94
C GLU A 539 39.67 17.00 45.23
N ILE A 540 38.53 17.38 44.65
CA ILE A 540 37.32 16.58 44.83
C ILE A 540 37.53 15.18 44.28
N GLU A 541 38.08 15.09 43.06
CA GLU A 541 38.31 13.79 42.44
C GLU A 541 39.27 12.94 43.26
N ASN A 542 40.34 13.58 43.77
CA ASN A 542 41.32 12.85 44.55
C ASN A 542 40.71 12.31 45.85
N LEU A 543 39.88 13.12 46.51
CA LEU A 543 39.19 12.64 47.71
C LEU A 543 38.27 11.47 47.38
N SER A 544 37.61 11.53 46.22
CA SER A 544 36.75 10.43 45.81
C SER A 544 37.55 9.14 45.62
N LYS A 545 38.73 9.25 45.02
CA LYS A 545 39.55 8.05 44.79
C LYS A 545 40.04 7.45 46.10
N GLN A 546 40.36 8.30 47.08
CA GLN A 546 40.72 7.77 48.41
C GLN A 546 39.56 7.03 49.04
N ILE A 547 38.37 7.60 48.95
CA ILE A 547 37.17 6.96 49.48
C ILE A 547 36.98 5.59 48.82
N ILE A 548 37.09 5.55 47.49
CA ILE A 548 36.92 4.30 46.76
C ILE A 548 37.98 3.29 47.17
N SER A 549 39.23 3.76 47.29
CA SER A 549 40.32 2.85 47.64
C SER A 549 40.13 2.25 49.02
N ILE A 550 39.69 3.07 49.99
CA ILE A 550 39.40 2.54 51.32
C ILE A 550 38.23 1.57 51.26
N LEU A 551 37.16 1.94 50.56
CA LEU A 551 35.96 1.11 50.52
C LEU A 551 36.24 -0.27 49.93
N LEU A 552 37.29 -0.42 49.12
CA LEU A 552 37.57 -1.67 48.44
C LEU A 552 38.57 -2.56 49.16
N ASN A 553 39.45 -2.01 50.00
CA ASN A 553 40.46 -2.84 50.62
C ASN A 553 39.85 -3.77 51.68
N LYS A 554 40.66 -4.74 52.13
CA LYS A 554 40.16 -5.79 53.02
C LYS A 554 39.91 -5.24 54.42
N SER A 555 40.96 -4.73 55.07
CA SER A 555 40.85 -4.16 56.42
C SER A 555 40.19 -2.79 56.33
N ILE A 556 38.92 -2.79 55.93
CA ILE A 556 38.19 -1.56 55.66
C ILE A 556 37.80 -0.92 56.98
N ASP A 557 38.11 0.37 57.13
CA ASP A 557 37.66 1.17 58.26
C ASP A 557 36.93 2.38 57.69
N LYS A 558 35.61 2.43 57.91
CA LYS A 558 34.81 3.51 57.34
C LYS A 558 35.09 4.86 57.99
N GLY A 559 35.79 4.88 59.13
CA GLY A 559 35.94 6.12 59.87
C GLY A 559 36.60 7.22 59.06
N LYS A 560 37.73 6.91 58.43
CA LYS A 560 38.41 7.90 57.62
C LYS A 560 37.56 8.33 56.43
N VAL A 561 36.72 7.42 55.92
CA VAL A 561 35.85 7.75 54.79
C VAL A 561 34.91 8.88 55.17
N GLU A 562 34.33 8.83 56.36
CA GLU A 562 33.42 9.90 56.77
C GLU A 562 34.15 11.23 56.86
N LYS A 563 35.39 11.22 57.36
CA LYS A 563 36.17 12.45 57.41
C LYS A 563 36.46 12.98 56.01
N LEU A 564 36.82 12.09 55.09
CA LEU A 564 37.08 12.52 53.72
C LEU A 564 35.82 13.09 53.07
N GLN A 565 34.66 12.49 53.37
CA GLN A 565 33.40 13.01 52.84
C GLN A 565 33.12 14.41 53.38
N ILE A 566 33.38 14.63 54.68
CA ILE A 566 33.18 15.96 55.25
C ILE A 566 34.06 16.97 54.55
N LYS A 567 35.31 16.60 54.25
CA LYS A 567 36.21 17.51 53.55
C LYS A 567 35.73 17.78 52.14
N MET A 568 35.23 16.75 51.44
CA MET A 568 34.72 16.96 50.10
C MET A 568 33.48 17.84 50.10
N ASP A 569 32.59 17.65 51.08
CA ASP A 569 31.42 18.51 51.21
C ASP A 569 31.84 19.97 51.38
N ASN A 570 32.90 20.22 52.14
CA ASN A 570 33.38 21.59 52.29
C ASN A 570 33.86 22.17 50.96
N LEU A 571 34.58 21.37 50.17
CA LEU A 571 35.02 21.85 48.86
C LEU A 571 33.83 22.17 47.97
N ILE A 572 32.83 21.29 47.94
CA ILE A 572 31.67 21.49 47.10
C ILE A 572 30.88 22.72 47.53
N MET A 573 30.67 22.88 48.84
CA MET A 573 30.00 24.08 49.34
C MET A 573 30.79 25.34 49.00
N ASP A 574 32.11 25.26 49.10
CA ASP A 574 32.95 26.36 48.63
C ASP A 574 32.75 26.60 47.14
N SER A 575 32.75 25.54 46.34
CA SER A 575 32.64 25.67 44.89
C SER A 575 31.34 26.34 44.48
N LEU A 576 30.23 25.93 45.07
CA LEU A 576 28.92 26.43 44.72
C LEU A 576 28.55 27.72 45.45
N GLY A 577 29.41 28.19 46.34
CA GLY A 577 29.13 29.41 47.07
C GLY A 577 27.93 29.34 47.99
N ILE A 578 27.77 28.25 48.73
CA ILE A 578 26.68 28.14 49.69
C ILE A 578 27.25 28.09 51.11
N GLY B 29 -4.68 -11.81 -11.62
CA GLY B 29 -3.38 -12.08 -12.22
C GLY B 29 -3.17 -13.54 -12.60
N ILE B 30 -3.07 -13.79 -13.89
CA ILE B 30 -2.79 -15.12 -14.44
C ILE B 30 -1.56 -15.02 -15.32
N TYR B 31 -0.58 -15.88 -15.08
CA TYR B 31 0.75 -15.78 -15.68
C TYR B 31 1.05 -17.02 -16.52
N TYR B 32 1.65 -16.80 -17.68
CA TYR B 32 1.86 -17.86 -18.66
C TYR B 32 3.28 -18.39 -18.51
N THR B 33 3.40 -19.60 -18.00
CA THR B 33 4.71 -20.25 -17.92
C THR B 33 5.15 -20.67 -19.32
N PRO B 34 6.39 -20.40 -19.71
CA PRO B 34 6.84 -20.79 -21.05
C PRO B 34 6.72 -22.28 -21.27
N LYS B 35 6.37 -22.66 -22.51
CA LYS B 35 6.11 -24.06 -22.83
C LYS B 35 7.33 -24.93 -22.55
N ILE B 36 8.53 -24.43 -22.89
CA ILE B 36 9.75 -25.20 -22.70
C ILE B 36 9.96 -25.53 -21.22
N ILE B 37 9.46 -24.67 -20.33
CA ILE B 37 9.56 -24.93 -18.90
C ILE B 37 8.48 -25.90 -18.43
N VAL B 38 7.24 -25.69 -18.88
CA VAL B 38 6.16 -26.62 -18.53
C VAL B 38 6.53 -28.03 -18.98
N ASP B 39 7.03 -28.16 -20.21
CA ASP B 39 7.42 -29.47 -20.71
C ASP B 39 8.48 -30.10 -19.82
N TYR B 40 9.47 -29.30 -19.41
CA TYR B 40 10.54 -29.81 -18.56
C TYR B 40 10.01 -30.27 -17.21
N ILE B 41 9.16 -29.46 -16.58
CA ILE B 41 8.68 -29.78 -15.25
C ILE B 41 7.83 -31.05 -15.28
N VAL B 42 6.94 -31.16 -16.27
CA VAL B 42 6.10 -32.34 -16.39
C VAL B 42 6.93 -33.59 -16.64
N LYS B 43 7.91 -33.50 -17.55
CA LYS B 43 8.76 -34.65 -17.83
C LYS B 43 9.60 -35.03 -16.61
N LYS B 44 10.05 -34.03 -15.84
CA LYS B 44 10.86 -34.32 -14.65
C LYS B 44 10.11 -35.18 -13.65
N THR B 45 8.80 -34.98 -13.52
CA THR B 45 8.04 -35.75 -12.54
C THR B 45 7.53 -37.08 -13.09
N LEU B 46 7.33 -37.20 -14.40
CA LEU B 46 6.64 -38.36 -14.95
C LEU B 46 7.51 -39.31 -15.77
N LYS B 47 8.72 -38.89 -16.17
CA LYS B 47 9.44 -39.64 -17.20
C LYS B 47 9.79 -41.06 -16.80
N ASN B 48 9.89 -41.34 -15.49
CA ASN B 48 10.29 -42.68 -15.03
C ASN B 48 9.17 -43.41 -14.31
N HIS B 49 7.94 -42.93 -14.43
CA HIS B 49 6.82 -43.60 -13.77
C HIS B 49 6.56 -44.96 -14.42
N ASP B 50 6.28 -45.96 -13.58
CA ASP B 50 6.01 -47.32 -14.03
C ASP B 50 4.48 -47.48 -14.06
N ILE B 51 3.89 -47.30 -15.25
CA ILE B 51 2.44 -47.32 -15.36
C ILE B 51 1.88 -48.73 -15.15
N ILE B 52 2.68 -49.76 -15.48
CA ILE B 52 2.23 -51.14 -15.24
C ILE B 52 2.09 -51.40 -13.75
N LYS B 53 3.10 -50.99 -12.97
CA LYS B 53 3.07 -51.19 -11.52
C LYS B 53 1.98 -50.35 -10.87
N ASN B 54 1.83 -49.09 -11.29
CA ASN B 54 0.80 -48.19 -10.77
C ASN B 54 0.10 -47.48 -11.93
N PRO B 55 -1.02 -48.01 -12.39
CA PRO B 55 -1.80 -47.32 -13.42
C PRO B 55 -2.71 -46.22 -12.91
N TYR B 56 -2.66 -45.90 -11.61
CA TYR B 56 -3.48 -44.84 -11.01
C TYR B 56 -2.61 -43.78 -10.33
N PRO B 57 -1.75 -43.10 -11.07
CA PRO B 57 -0.99 -42.00 -10.46
C PRO B 57 -1.84 -40.74 -10.36
N ARG B 58 -1.75 -40.07 -9.20
CA ARG B 58 -2.46 -38.81 -8.99
C ARG B 58 -1.49 -37.65 -9.20
N ILE B 59 -1.76 -36.85 -10.23
CA ILE B 59 -0.95 -35.69 -10.56
C ILE B 59 -1.81 -34.45 -10.30
N LEU B 60 -1.31 -33.56 -9.43
CA LEU B 60 -2.08 -32.44 -8.92
C LEU B 60 -1.35 -31.12 -9.18
N ASP B 61 -2.11 -30.10 -9.56
CA ASP B 61 -1.62 -28.72 -9.63
C ASP B 61 -2.56 -27.85 -8.79
N ILE B 62 -2.02 -27.25 -7.72
CA ILE B 62 -2.86 -26.52 -6.77
C ILE B 62 -3.00 -25.04 -7.12
N SER B 63 -2.40 -24.60 -8.21
CA SER B 63 -2.64 -23.26 -8.76
C SER B 63 -2.75 -23.38 -10.28
N CYS B 64 -3.62 -24.29 -10.73
CA CYS B 64 -3.58 -24.77 -12.11
C CYS B 64 -3.96 -23.73 -13.14
N GLY B 65 -4.69 -22.68 -12.76
CA GLY B 65 -5.12 -21.69 -13.74
C GLY B 65 -5.96 -22.32 -14.84
N CYS B 66 -5.65 -21.98 -16.10
CA CYS B 66 -6.33 -22.54 -17.25
C CYS B 66 -5.79 -23.89 -17.67
N GLY B 67 -4.77 -24.39 -16.99
CA GLY B 67 -4.25 -25.70 -17.25
C GLY B 67 -2.97 -25.77 -18.05
N ASN B 68 -2.09 -24.76 -17.95
CA ASN B 68 -0.84 -24.79 -18.68
C ASN B 68 -0.06 -26.07 -18.39
N PHE B 69 -0.05 -26.50 -17.12
CA PHE B 69 0.63 -27.72 -16.72
C PHE B 69 -0.23 -28.97 -16.89
N LEU B 70 -1.51 -28.90 -16.51
CA LEU B 70 -2.35 -30.10 -16.51
C LEU B 70 -2.68 -30.58 -17.92
N LEU B 71 -2.83 -29.67 -18.88
CA LEU B 71 -3.09 -30.09 -20.24
C LEU B 71 -1.89 -30.80 -20.84
N GLU B 72 -0.68 -30.40 -20.45
CA GLU B 72 0.52 -31.14 -20.83
C GLU B 72 0.59 -32.46 -20.08
N VAL B 73 0.16 -32.48 -18.81
CA VAL B 73 0.11 -33.72 -18.04
C VAL B 73 -0.81 -34.72 -18.71
N TYR B 74 -1.94 -34.25 -19.24
CA TYR B 74 -2.86 -35.13 -19.94
C TYR B 74 -2.18 -35.80 -21.13
N ASP B 75 -1.46 -35.01 -21.93
CA ASP B 75 -0.82 -35.56 -23.12
C ASP B 75 0.23 -36.60 -22.75
N ILE B 76 1.05 -36.32 -21.73
CA ILE B 76 2.07 -37.27 -21.30
C ILE B 76 1.42 -38.54 -20.77
N LEU B 77 0.36 -38.38 -19.96
CA LEU B 77 -0.33 -39.55 -19.42
C LEU B 77 -0.95 -40.39 -20.53
N TYR B 78 -1.59 -39.74 -21.51
CA TYR B 78 -2.30 -40.49 -22.54
C TYR B 78 -1.35 -41.37 -23.34
N ASP B 79 -0.21 -40.82 -23.73
CA ASP B 79 0.76 -41.62 -24.48
C ASP B 79 1.34 -42.74 -23.62
N LEU B 80 1.51 -42.49 -22.32
CA LEU B 80 2.01 -43.52 -21.43
C LEU B 80 1.03 -44.69 -21.35
N PHE B 81 -0.26 -44.39 -21.21
CA PHE B 81 -1.27 -45.45 -21.19
C PHE B 81 -1.36 -46.16 -22.53
N GLU B 82 -1.35 -45.39 -23.62
CA GLU B 82 -1.51 -45.97 -24.95
C GLU B 82 -0.37 -46.93 -25.28
N GLU B 83 0.86 -46.57 -24.90
CA GLU B 83 2.01 -47.41 -25.22
C GLU B 83 2.03 -48.71 -24.43
N ASN B 84 1.31 -48.79 -23.32
CA ASN B 84 1.32 -49.98 -22.46
C ASN B 84 -0.07 -50.58 -22.30
N ILE B 85 -0.99 -50.28 -23.21
CA ILE B 85 -2.38 -50.64 -22.99
C ILE B 85 -2.55 -52.16 -22.95
N TYR B 86 -1.89 -52.90 -23.83
CA TYR B 86 -2.09 -54.35 -23.84
C TYR B 86 -1.50 -55.00 -22.60
N GLU B 87 -0.35 -54.51 -22.11
CA GLU B 87 0.19 -55.03 -20.86
C GLU B 87 -0.76 -54.78 -19.70
N LEU B 88 -1.35 -53.59 -19.64
CA LEU B 88 -2.35 -53.30 -18.61
C LEU B 88 -3.56 -54.21 -18.77
N LYS B 89 -3.98 -54.43 -20.02
CA LYS B 89 -5.13 -55.29 -20.31
C LYS B 89 -4.90 -56.71 -19.82
N LYS B 90 -3.67 -57.23 -19.97
CA LYS B 90 -3.36 -58.57 -19.50
C LYS B 90 -3.30 -58.63 -17.98
N LYS B 91 -2.60 -57.68 -17.36
CA LYS B 91 -2.34 -57.74 -15.92
C LYS B 91 -3.60 -57.44 -15.11
N TYR B 92 -4.45 -56.55 -15.61
CA TYR B 92 -5.65 -56.08 -14.93
C TYR B 92 -6.89 -56.48 -15.74
N ASP B 93 -8.03 -55.90 -15.37
CA ASP B 93 -9.28 -56.21 -16.06
C ASP B 93 -9.18 -55.87 -17.54
N GLU B 94 -9.32 -56.89 -18.40
CA GLU B 94 -9.13 -56.68 -19.84
C GLU B 94 -10.30 -55.96 -20.49
N ASN B 95 -11.48 -55.99 -19.89
CA ASN B 95 -12.60 -55.20 -20.43
C ASN B 95 -12.40 -53.72 -20.18
N TYR B 96 -11.80 -53.35 -19.04
CA TYR B 96 -11.65 -51.95 -18.68
C TYR B 96 -10.57 -51.27 -19.53
N TRP B 97 -9.47 -51.97 -19.80
CA TRP B 97 -8.28 -51.34 -20.38
C TRP B 97 -8.36 -51.42 -21.90
N THR B 98 -8.94 -50.37 -22.49
CA THR B 98 -8.96 -50.18 -23.93
C THR B 98 -8.44 -48.78 -24.23
N VAL B 99 -8.00 -48.57 -25.47
CA VAL B 99 -7.59 -47.23 -25.87
C VAL B 99 -8.75 -46.25 -25.73
N ASP B 100 -9.96 -46.71 -26.06
CA ASP B 100 -11.14 -45.86 -25.97
C ASP B 100 -11.44 -45.41 -24.55
N ASN B 101 -10.98 -46.14 -23.54
CA ASN B 101 -11.28 -45.82 -22.15
C ASN B 101 -10.19 -45.01 -21.45
N ILE B 102 -9.09 -44.71 -22.14
CA ILE B 102 -7.98 -44.00 -21.50
C ILE B 102 -8.43 -42.60 -21.07
N HIS B 103 -9.18 -41.91 -21.92
CA HIS B 103 -9.59 -40.54 -21.64
C HIS B 103 -10.40 -40.45 -20.35
N ARG B 104 -11.36 -41.36 -20.17
CA ARG B 104 -12.14 -41.37 -18.92
C ARG B 104 -11.27 -41.76 -17.74
N HIS B 105 -10.35 -42.72 -17.92
CA HIS B 105 -9.51 -43.15 -16.81
C HIS B 105 -8.63 -42.01 -16.31
N ILE B 106 -8.04 -41.24 -17.22
CA ILE B 106 -7.19 -40.12 -16.83
C ILE B 106 -7.99 -39.09 -16.05
N LEU B 107 -9.17 -38.74 -16.55
CA LEU B 107 -9.95 -37.67 -15.93
C LEU B 107 -10.55 -38.12 -14.60
N ASN B 108 -10.90 -39.40 -14.47
CA ASN B 108 -11.52 -39.87 -13.24
C ASN B 108 -10.52 -40.02 -12.10
N TYR B 109 -9.31 -40.50 -12.39
CA TYR B 109 -8.41 -40.98 -11.34
C TYR B 109 -7.05 -40.30 -11.31
N CYS B 110 -6.62 -39.65 -12.38
CA CYS B 110 -5.23 -39.23 -12.49
C CYS B 110 -5.00 -37.74 -12.39
N ILE B 111 -5.86 -36.91 -12.96
CA ILE B 111 -5.61 -35.47 -13.05
C ILE B 111 -6.44 -34.76 -11.98
N TYR B 112 -5.75 -33.94 -11.18
CA TYR B 112 -6.37 -33.17 -10.11
C TYR B 112 -5.95 -31.71 -10.26
N GLY B 113 -6.91 -30.79 -10.17
CA GLY B 113 -6.60 -29.39 -10.28
C GLY B 113 -7.35 -28.52 -9.29
N ALA B 114 -6.67 -27.53 -8.71
CA ALA B 114 -7.32 -26.55 -7.86
C ALA B 114 -6.84 -25.17 -8.22
N ASP B 115 -7.77 -24.21 -8.25
CA ASP B 115 -7.45 -22.81 -8.45
C ASP B 115 -8.59 -21.98 -7.88
N ILE B 116 -8.28 -20.74 -7.50
CA ILE B 116 -9.28 -19.88 -6.86
C ILE B 116 -10.11 -19.10 -7.87
N ASP B 117 -9.73 -19.13 -9.15
CA ASP B 117 -10.44 -18.40 -10.20
C ASP B 117 -11.50 -19.31 -10.82
N GLU B 118 -12.77 -18.95 -10.67
CA GLU B 118 -13.85 -19.77 -11.21
C GLU B 118 -13.81 -19.84 -12.73
N LYS B 119 -13.53 -18.70 -13.38
CA LYS B 119 -13.48 -18.68 -14.84
C LYS B 119 -12.36 -19.57 -15.37
N ALA B 120 -11.20 -19.55 -14.72
CA ALA B 120 -10.09 -20.38 -15.17
C ALA B 120 -10.41 -21.87 -15.04
N ILE B 121 -11.01 -22.27 -13.91
CA ILE B 121 -11.40 -23.66 -13.73
C ILE B 121 -12.45 -24.06 -14.77
N SER B 122 -13.36 -23.14 -15.09
CA SER B 122 -14.35 -23.39 -16.12
C SER B 122 -13.69 -23.65 -17.47
N ILE B 123 -12.68 -22.85 -17.82
CA ILE B 123 -11.98 -23.03 -19.09
C ILE B 123 -11.25 -24.36 -19.11
N LEU B 124 -10.55 -24.68 -18.02
CA LEU B 124 -9.80 -25.93 -17.95
C LEU B 124 -10.72 -27.14 -18.10
N LYS B 125 -11.90 -27.08 -17.47
CA LYS B 125 -12.84 -28.19 -17.59
C LYS B 125 -13.24 -28.41 -19.04
N ASP B 126 -13.49 -27.34 -19.79
CA ASP B 126 -13.81 -27.48 -21.20
C ASP B 126 -12.62 -28.04 -21.99
N SER B 127 -11.41 -27.57 -21.70
CA SER B 127 -10.23 -28.03 -22.43
C SER B 127 -9.99 -29.52 -22.19
N LEU B 128 -10.09 -29.96 -20.93
CA LEU B 128 -9.96 -31.38 -20.63
C LEU B 128 -11.08 -32.18 -21.28
N THR B 129 -12.30 -31.65 -21.26
CA THR B 129 -13.42 -32.33 -21.90
C THR B 129 -13.18 -32.51 -23.39
N ASN B 130 -12.61 -31.50 -24.03
CA ASN B 130 -12.42 -31.52 -25.48
C ASN B 130 -11.19 -32.29 -25.92
N LYS B 131 -10.45 -32.88 -24.98
CA LYS B 131 -9.36 -33.77 -25.37
C LYS B 131 -9.89 -35.01 -26.11
N LYS B 132 -11.06 -35.49 -25.70
CA LYS B 132 -11.65 -36.65 -26.35
C LYS B 132 -12.19 -36.28 -27.72
N VAL B 133 -11.90 -37.13 -28.71
CA VAL B 133 -12.36 -36.88 -30.06
C VAL B 133 -13.88 -37.01 -30.16
N VAL B 134 -14.50 -37.81 -29.30
CA VAL B 134 -15.91 -38.14 -29.39
C VAL B 134 -16.65 -37.47 -28.24
N ASN B 135 -17.75 -36.79 -28.55
CA ASN B 135 -18.68 -36.27 -27.57
C ASN B 135 -19.96 -37.10 -27.60
N ASP B 136 -20.55 -37.30 -26.43
CA ASP B 136 -21.68 -38.23 -26.27
C ASP B 136 -21.30 -39.64 -26.73
N LEU B 137 -20.08 -40.06 -26.38
CA LEU B 137 -19.62 -41.41 -26.71
C LEU B 137 -20.17 -42.43 -25.71
N ASP B 138 -20.24 -42.07 -24.43
CA ASP B 138 -20.81 -42.90 -23.38
C ASP B 138 -21.77 -42.07 -22.52
N GLU B 139 -22.65 -41.33 -23.19
CA GLU B 139 -23.67 -40.43 -22.63
C GLU B 139 -23.08 -39.18 -21.96
N SER B 140 -21.77 -38.96 -22.03
CA SER B 140 -21.12 -37.71 -21.64
C SER B 140 -21.39 -37.37 -20.17
N ASP B 141 -20.86 -38.22 -19.29
CA ASP B 141 -21.02 -38.06 -17.84
C ASP B 141 -19.70 -38.30 -17.12
N ILE B 142 -18.64 -37.63 -17.57
CA ILE B 142 -17.28 -37.88 -17.08
C ILE B 142 -17.01 -37.05 -15.84
N LYS B 143 -16.53 -37.72 -14.78
CA LYS B 143 -16.11 -37.03 -13.57
C LYS B 143 -14.72 -36.43 -13.75
N ILE B 144 -14.56 -35.18 -13.32
CA ILE B 144 -13.29 -34.47 -13.41
C ILE B 144 -12.96 -33.90 -12.04
N ASN B 145 -11.70 -34.05 -11.62
CA ASN B 145 -11.28 -33.63 -10.28
C ASN B 145 -10.68 -32.22 -10.33
N LEU B 146 -11.54 -31.25 -10.59
CA LEU B 146 -11.19 -29.85 -10.53
C LEU B 146 -11.90 -29.19 -9.35
N PHE B 147 -11.18 -28.35 -8.62
CA PHE B 147 -11.72 -27.70 -7.43
C PHE B 147 -11.49 -26.20 -7.54
N CYS B 148 -12.56 -25.42 -7.41
CA CYS B 148 -12.47 -23.96 -7.38
C CYS B 148 -12.49 -23.54 -5.92
N CYS B 149 -11.30 -23.34 -5.35
CA CYS B 149 -11.18 -23.15 -3.91
C CYS B 149 -9.84 -22.47 -3.62
N ASP B 150 -9.62 -22.18 -2.34
CA ASP B 150 -8.34 -21.71 -1.84
C ASP B 150 -7.51 -22.94 -1.48
N SER B 151 -6.44 -23.18 -2.26
CA SER B 151 -5.65 -24.40 -2.08
C SER B 151 -5.00 -24.46 -0.70
N LEU B 152 -4.68 -23.30 -0.11
CA LEU B 152 -4.08 -23.28 1.21
C LEU B 152 -5.06 -23.59 2.32
N LYS B 153 -6.36 -23.60 2.03
CA LYS B 153 -7.37 -23.94 3.02
C LYS B 153 -8.03 -25.29 2.76
N LYS B 154 -7.89 -25.86 1.56
CA LYS B 154 -8.63 -27.04 1.20
C LYS B 154 -8.18 -28.25 2.02
N LYS B 155 -9.15 -29.01 2.50
CA LYS B 155 -8.90 -30.23 3.26
C LYS B 155 -8.79 -31.38 2.28
N TRP B 156 -7.57 -31.88 2.07
CA TRP B 156 -7.31 -32.96 1.14
C TRP B 156 -7.45 -34.31 1.83
N ARG B 157 -8.29 -35.17 1.28
CA ARG B 157 -8.60 -36.46 1.89
C ARG B 157 -7.47 -37.48 1.72
N TYR B 158 -6.49 -37.23 0.84
CA TYR B 158 -5.41 -38.16 0.59
C TYR B 158 -4.26 -37.41 -0.06
N LYS B 159 -3.13 -38.10 -0.18
CA LYS B 159 -1.92 -37.48 -0.73
C LYS B 159 -1.77 -37.81 -2.20
N PHE B 160 -0.82 -37.15 -2.84
CA PHE B 160 -0.71 -37.15 -4.31
C PHE B 160 0.64 -37.65 -4.75
N ASP B 161 0.63 -38.48 -5.80
CA ASP B 161 1.86 -39.06 -6.31
C ASP B 161 2.78 -37.99 -6.88
N TYR B 162 2.23 -37.03 -7.61
CA TYR B 162 3.03 -36.02 -8.28
C TYR B 162 2.32 -34.68 -8.20
N ILE B 163 3.10 -33.61 -8.01
CA ILE B 163 2.59 -32.26 -7.86
C ILE B 163 3.46 -31.32 -8.70
N VAL B 164 2.83 -30.57 -9.60
CA VAL B 164 3.52 -29.63 -10.49
C VAL B 164 2.77 -28.31 -10.46
N GLY B 165 3.44 -27.26 -10.93
CA GLY B 165 2.74 -26.03 -11.24
C GLY B 165 3.59 -24.79 -10.97
N ASN B 166 2.90 -23.65 -11.05
CA ASN B 166 3.49 -22.33 -10.86
C ASN B 166 2.62 -21.56 -9.87
N PRO B 167 3.03 -21.47 -8.60
CA PRO B 167 2.15 -20.88 -7.58
C PRO B 167 2.11 -19.37 -7.71
N PRO B 168 1.12 -18.70 -7.11
CA PRO B 168 1.12 -17.23 -7.11
C PRO B 168 2.23 -16.69 -6.23
N TYR B 169 2.84 -15.58 -6.67
CA TYR B 169 3.83 -14.86 -5.88
C TYR B 169 3.20 -13.55 -5.42
N ILE B 170 3.09 -13.35 -4.11
CA ILE B 170 2.52 -12.13 -3.54
C ILE B 170 3.27 -11.79 -2.27
N GLY B 171 3.96 -10.65 -2.26
CA GLY B 171 4.75 -10.22 -1.13
C GLY B 171 3.94 -9.47 -0.09
N HIS B 172 4.66 -8.97 0.93
CA HIS B 172 3.99 -8.45 2.12
C HIS B 172 3.17 -7.19 1.83
N LYS B 173 3.58 -6.39 0.84
CA LYS B 173 2.81 -5.18 0.55
C LYS B 173 1.53 -5.45 -0.23
N LYS B 174 1.54 -6.45 -1.11
CA LYS B 174 0.41 -6.66 -2.00
C LYS B 174 -0.61 -7.66 -1.48
N LEU B 175 -0.31 -8.37 -0.39
CA LEU B 175 -1.21 -9.38 0.15
C LEU B 175 -2.18 -8.75 1.15
N GLU B 176 -3.45 -9.15 1.04
CA GLU B 176 -4.50 -8.62 1.92
C GLU B 176 -4.18 -8.90 3.38
N LYS B 177 -4.32 -7.88 4.23
CA LYS B 177 -3.87 -8.00 5.62
C LYS B 177 -4.69 -9.04 6.38
N LYS B 178 -6.01 -9.06 6.19
CA LYS B 178 -6.83 -10.02 6.91
C LYS B 178 -6.49 -11.45 6.52
N TYR B 179 -6.05 -11.67 5.28
CA TYR B 179 -5.63 -13.01 4.89
C TYR B 179 -4.33 -13.42 5.58
N LYS B 180 -3.40 -12.47 5.74
CA LYS B 180 -2.15 -12.76 6.45
C LYS B 180 -2.39 -13.31 7.84
N LYS B 181 -3.48 -12.91 8.50
CA LYS B 181 -3.78 -13.45 9.81
C LYS B 181 -3.93 -14.96 9.74
N PHE B 182 -4.63 -15.46 8.71
CA PHE B 182 -4.74 -16.89 8.49
C PHE B 182 -3.38 -17.52 8.22
N LEU B 183 -2.57 -16.90 7.36
CA LEU B 183 -1.26 -17.45 7.06
C LEU B 183 -0.36 -17.47 8.29
N LEU B 184 -0.37 -16.40 9.08
CA LEU B 184 0.50 -16.30 10.24
C LEU B 184 0.14 -17.31 11.32
N GLU B 185 -1.09 -17.83 11.32
CA GLU B 185 -1.48 -18.81 12.32
C GLU B 185 -1.29 -20.24 11.83
N LYS B 186 -1.59 -20.51 10.56
CA LYS B 186 -1.58 -21.87 10.05
C LYS B 186 -0.31 -22.25 9.31
N TYR B 187 0.42 -21.27 8.77
CA TYR B 187 1.64 -21.53 8.02
C TYR B 187 2.86 -20.91 8.70
N SER B 188 2.82 -20.80 10.04
CA SER B 188 3.89 -20.11 10.75
C SER B 188 5.25 -20.79 10.58
N GLU B 189 5.27 -22.08 10.25
CA GLU B 189 6.55 -22.76 10.04
C GLU B 189 7.35 -22.16 8.89
N VAL B 190 6.69 -21.49 7.93
CA VAL B 190 7.41 -20.92 6.80
C VAL B 190 7.03 -19.46 6.55
N TYR B 191 5.94 -19.00 7.14
CA TYR B 191 5.43 -17.66 6.84
C TYR B 191 5.47 -16.80 8.09
N LYS B 192 6.35 -15.81 8.11
CA LYS B 192 6.43 -14.79 9.14
C LYS B 192 6.94 -13.50 8.51
N ASP B 193 6.64 -12.37 9.17
CA ASP B 193 7.23 -11.09 8.80
C ASP B 193 7.03 -10.77 7.32
N LYS B 194 8.13 -10.62 6.58
CA LYS B 194 8.07 -10.22 5.17
C LYS B 194 8.11 -11.42 4.22
N ALA B 195 7.62 -12.56 4.65
CA ALA B 195 7.57 -13.75 3.82
C ALA B 195 6.62 -13.55 2.64
N ASP B 196 6.66 -14.49 1.70
CA ASP B 196 5.82 -14.43 0.51
C ASP B 196 4.78 -15.54 0.52
N LEU B 197 3.68 -15.30 -0.20
CA LEU B 197 2.61 -16.28 -0.31
C LEU B 197 3.12 -17.62 -0.85
N TYR B 198 4.06 -17.57 -1.80
CA TYR B 198 4.53 -18.82 -2.38
C TYR B 198 5.31 -19.67 -1.37
N PHE B 199 5.75 -19.08 -0.26
CA PHE B 199 6.31 -19.89 0.82
C PHE B 199 5.29 -20.91 1.31
N CYS B 200 4.04 -20.47 1.46
CA CYS B 200 2.99 -21.35 1.95
C CYS B 200 2.62 -22.43 0.93
N PHE B 201 2.71 -22.12 -0.36
CA PHE B 201 2.44 -23.14 -1.37
C PHE B 201 3.49 -24.24 -1.32
N TYR B 202 4.77 -23.88 -1.12
CA TYR B 202 5.80 -24.89 -0.91
C TYR B 202 5.40 -25.83 0.22
N LYS B 203 4.95 -25.27 1.35
CA LYS B 203 4.62 -26.12 2.49
C LYS B 203 3.43 -27.01 2.18
N LYS B 204 2.39 -26.48 1.53
CA LYS B 204 1.23 -27.30 1.23
C LYS B 204 1.59 -28.44 0.29
N ILE B 205 2.38 -28.15 -0.73
CA ILE B 205 2.79 -29.18 -1.70
C ILE B 205 3.57 -30.28 -0.99
N ILE B 206 4.52 -29.90 -0.15
CA ILE B 206 5.28 -30.89 0.61
C ILE B 206 4.36 -31.70 1.51
N ASP B 207 3.40 -31.04 2.14
CA ASP B 207 2.58 -31.70 3.15
C ASP B 207 1.67 -32.77 2.53
N ILE B 208 1.23 -32.58 1.29
CA ILE B 208 0.30 -33.51 0.66
C ILE B 208 0.96 -34.38 -0.40
N LEU B 209 2.29 -34.32 -0.50
CA LEU B 209 3.01 -35.19 -1.41
C LEU B 209 3.07 -36.60 -0.83
N LYS B 210 2.67 -37.59 -1.64
CA LYS B 210 2.71 -38.99 -1.21
C LYS B 210 4.13 -39.41 -0.88
N GLN B 211 4.24 -40.43 -0.03
CA GLN B 211 5.53 -41.08 0.18
C GLN B 211 6.03 -41.66 -1.14
N GLY B 212 7.27 -41.35 -1.49
CA GLY B 212 7.81 -41.74 -2.77
C GLY B 212 7.40 -40.86 -3.93
N GLY B 213 6.65 -39.79 -3.68
CA GLY B 213 6.20 -38.93 -4.75
C GLY B 213 7.26 -37.92 -5.16
N ILE B 214 6.98 -37.22 -6.26
CA ILE B 214 7.90 -36.22 -6.81
C ILE B 214 7.12 -34.93 -7.05
N GLY B 215 7.70 -33.82 -6.62
CA GLY B 215 7.13 -32.51 -6.89
C GLY B 215 8.13 -31.64 -7.64
N SER B 216 7.60 -30.77 -8.50
CA SER B 216 8.45 -29.89 -9.32
C SER B 216 7.69 -28.61 -9.62
N VAL B 217 8.25 -27.46 -9.21
CA VAL B 217 7.59 -26.17 -9.32
C VAL B 217 8.57 -25.12 -9.81
N ILE B 218 8.04 -24.06 -10.42
CA ILE B 218 8.80 -22.86 -10.72
C ILE B 218 8.31 -21.73 -9.82
N THR B 219 9.24 -21.11 -9.10
CA THR B 219 8.94 -20.05 -8.13
C THR B 219 10.00 -18.96 -8.25
N PRO B 220 9.85 -17.83 -7.58
CA PRO B 220 10.96 -16.89 -7.51
C PRO B 220 12.17 -17.54 -6.86
N ARG B 221 13.36 -17.08 -7.24
CA ARG B 221 14.60 -17.61 -6.70
C ARG B 221 14.98 -17.00 -5.36
N TYR B 222 14.30 -15.93 -4.93
CA TYR B 222 14.83 -15.12 -3.81
C TYR B 222 14.89 -15.88 -2.50
N PHE B 223 14.00 -16.87 -2.29
CA PHE B 223 14.02 -17.62 -1.04
C PHE B 223 15.30 -18.43 -0.87
N LEU B 224 16.07 -18.63 -1.93
CA LEU B 224 17.32 -19.36 -1.82
C LEU B 224 18.34 -18.60 -0.97
N GLU B 225 18.22 -17.27 -0.89
CA GLU B 225 19.18 -16.45 -0.16
C GLU B 225 18.55 -15.49 0.85
N SER B 226 17.27 -15.14 0.70
CA SER B 226 16.69 -14.06 1.48
C SER B 226 16.62 -14.38 2.97
N LEU B 227 16.66 -13.34 3.78
CA LEU B 227 16.43 -13.49 5.21
C LEU B 227 15.04 -14.06 5.48
N SER B 228 14.03 -13.61 4.74
CA SER B 228 12.67 -14.10 4.94
C SER B 228 12.56 -15.60 4.67
N GLY B 229 13.34 -16.13 3.72
CA GLY B 229 13.24 -17.53 3.35
C GLY B 229 13.93 -18.50 4.27
N LYS B 230 14.45 -18.04 5.40
CA LYS B 230 15.23 -18.91 6.29
C LYS B 230 14.40 -20.11 6.76
N ASP B 231 13.20 -19.87 7.26
CA ASP B 231 12.38 -20.96 7.77
C ASP B 231 11.94 -21.89 6.66
N LEU B 232 11.64 -21.34 5.48
CA LEU B 232 11.24 -22.19 4.35
C LEU B 232 12.36 -23.12 3.93
N ARG B 233 13.60 -22.62 3.87
CA ARG B 233 14.74 -23.46 3.52
C ARG B 233 14.87 -24.63 4.50
N GLU B 234 14.73 -24.34 5.80
CA GLU B 234 14.78 -25.39 6.81
C GLU B 234 13.63 -26.38 6.65
N TYR B 235 12.45 -25.92 6.23
CA TYR B 235 11.33 -26.82 6.05
C TYR B 235 11.53 -27.73 4.85
N ILE B 236 12.04 -27.16 3.75
CA ILE B 236 12.33 -27.97 2.57
C ILE B 236 13.42 -28.99 2.88
N LYS B 237 14.54 -28.52 3.43
CA LYS B 237 15.69 -29.38 3.63
C LYS B 237 15.39 -30.52 4.60
N SER B 238 14.45 -30.33 5.53
CA SER B 238 14.18 -31.32 6.55
C SER B 238 13.02 -32.25 6.23
N ASN B 239 12.29 -32.02 5.13
CA ASN B 239 11.12 -32.83 4.83
C ASN B 239 11.13 -33.51 3.47
N VAL B 240 11.95 -33.05 2.52
CA VAL B 240 12.05 -33.66 1.19
C VAL B 240 13.50 -33.74 0.79
N ASN B 241 13.78 -34.65 -0.14
CA ASN B 241 15.08 -34.72 -0.81
C ASN B 241 15.02 -33.81 -2.02
N VAL B 242 15.86 -32.78 -2.05
CA VAL B 242 15.91 -31.87 -3.20
C VAL B 242 16.72 -32.56 -4.29
N GLN B 243 16.04 -32.95 -5.38
CA GLN B 243 16.76 -33.59 -6.48
C GLN B 243 17.58 -32.57 -7.26
N GLU B 244 17.01 -31.41 -7.54
CA GLU B 244 17.58 -30.52 -8.53
C GLU B 244 17.09 -29.10 -8.28
N ILE B 245 17.97 -28.14 -8.54
CA ILE B 245 17.64 -26.71 -8.51
C ILE B 245 18.19 -26.09 -9.78
N VAL B 246 17.32 -25.51 -10.60
CA VAL B 246 17.73 -24.75 -11.77
C VAL B 246 17.58 -23.28 -11.42
N ASP B 247 18.71 -22.58 -11.30
CA ASP B 247 18.71 -21.17 -10.94
C ASP B 247 18.99 -20.36 -12.21
N PHE B 248 18.01 -19.57 -12.63
CA PHE B 248 18.17 -18.70 -13.78
C PHE B 248 18.78 -17.35 -13.42
N LEU B 249 19.13 -17.15 -12.14
CA LEU B 249 19.73 -15.90 -11.66
C LEU B 249 18.81 -14.75 -12.08
N GLY B 250 19.33 -13.68 -12.66
CA GLY B 250 18.54 -12.53 -13.04
C GLY B 250 17.92 -12.60 -14.42
N ALA B 251 17.98 -13.75 -15.09
CA ALA B 251 17.41 -13.87 -16.42
C ALA B 251 15.91 -13.65 -16.38
N ASN B 252 15.37 -13.12 -17.49
CA ASN B 252 13.96 -12.76 -17.58
C ASN B 252 13.22 -13.91 -18.25
N ILE B 253 12.68 -14.81 -17.41
CA ILE B 253 11.98 -15.99 -17.90
C ILE B 253 10.55 -15.65 -18.30
N PHE B 254 9.90 -14.75 -17.55
CA PHE B 254 8.54 -14.32 -17.85
C PHE B 254 8.59 -12.96 -18.53
N LYS B 255 8.05 -12.90 -19.75
CA LYS B 255 8.04 -11.65 -20.50
C LYS B 255 7.27 -10.57 -19.74
N ASN B 256 7.87 -9.38 -19.65
CA ASN B 256 7.24 -8.21 -19.04
C ASN B 256 6.92 -8.40 -17.56
N ILE B 257 7.63 -9.30 -16.89
CA ILE B 257 7.44 -9.52 -15.46
C ILE B 257 8.77 -9.29 -14.76
N GLY B 258 8.77 -8.37 -13.80
CA GLY B 258 9.95 -8.12 -13.01
C GLY B 258 10.13 -9.14 -11.90
N VAL B 259 10.52 -10.36 -12.25
CA VAL B 259 10.76 -11.42 -11.27
C VAL B 259 11.92 -12.27 -11.79
N SER B 260 12.60 -12.94 -10.85
CA SER B 260 13.70 -13.84 -11.17
C SER B 260 13.37 -15.23 -10.64
N SER B 261 13.63 -16.24 -11.45
CA SER B 261 12.99 -17.54 -11.31
C SER B 261 13.98 -18.65 -10.98
N CYS B 262 13.45 -19.71 -10.38
CA CYS B 262 14.17 -20.95 -10.21
C CYS B 262 13.16 -22.10 -10.32
N ILE B 263 13.68 -23.29 -10.63
CA ILE B 263 12.89 -24.52 -10.67
C ILE B 263 13.45 -25.48 -9.63
N LEU B 264 12.59 -25.96 -8.73
CA LEU B 264 12.97 -26.93 -7.72
C LEU B 264 12.25 -28.25 -7.99
N THR B 265 13.01 -29.35 -7.99
CA THR B 265 12.44 -30.68 -8.06
C THR B 265 12.86 -31.44 -6.81
N PHE B 266 11.88 -32.03 -6.13
CA PHE B 266 12.10 -32.72 -4.87
C PHE B 266 11.23 -33.98 -4.82
N ASP B 267 11.54 -34.85 -3.88
CA ASP B 267 10.79 -36.09 -3.72
C ASP B 267 10.78 -36.51 -2.26
N LYS B 268 9.96 -37.52 -1.97
CA LYS B 268 9.92 -38.18 -0.67
C LYS B 268 10.34 -39.65 -0.81
N LYS B 269 11.36 -39.91 -1.60
CA LYS B 269 11.86 -41.27 -1.79
C LYS B 269 12.87 -41.63 -0.70
N LYS B 270 12.99 -42.93 -0.44
CA LYS B 270 14.02 -43.41 0.48
C LYS B 270 15.39 -43.30 -0.17
N THR B 271 16.02 -42.13 -0.07
CA THR B 271 17.28 -41.85 -0.73
C THR B 271 18.43 -42.00 0.25
N LYS B 272 19.57 -42.51 -0.25
CA LYS B 272 20.74 -42.75 0.58
C LYS B 272 21.74 -41.59 0.50
N GLU B 273 22.26 -41.31 -0.70
CA GLU B 273 23.34 -40.33 -0.83
C GLU B 273 22.85 -38.89 -0.74
N THR B 274 21.63 -38.62 -1.21
CA THR B 274 20.96 -37.31 -1.17
C THR B 274 21.88 -36.14 -1.53
N TYR B 275 22.33 -36.11 -2.78
CA TYR B 275 22.98 -34.94 -3.37
C TYR B 275 22.00 -34.17 -4.25
N ILE B 276 22.29 -32.88 -4.44
CA ILE B 276 21.46 -31.98 -5.22
C ILE B 276 22.17 -31.67 -6.53
N ASP B 277 21.47 -31.84 -7.65
CA ASP B 277 21.95 -31.32 -8.92
C ASP B 277 21.65 -29.82 -8.98
N VAL B 278 22.68 -29.01 -9.20
CA VAL B 278 22.51 -27.57 -9.28
C VAL B 278 22.95 -27.09 -10.65
N PHE B 279 22.06 -26.40 -11.35
CA PHE B 279 22.34 -25.80 -12.65
C PHE B 279 22.21 -24.29 -12.51
N LYS B 280 23.34 -23.59 -12.51
CA LYS B 280 23.36 -22.13 -12.50
C LYS B 280 23.61 -21.62 -13.90
N ILE B 281 22.82 -20.64 -14.32
CA ILE B 281 23.03 -20.02 -15.63
C ILE B 281 24.31 -19.19 -15.59
N LYS B 282 25.05 -19.21 -16.70
CA LYS B 282 26.33 -18.51 -16.77
C LYS B 282 26.19 -17.08 -17.28
N ASN B 283 25.26 -16.83 -18.19
CA ASN B 283 25.04 -15.51 -18.76
C ASN B 283 23.56 -15.19 -18.69
N GLU B 284 23.21 -14.12 -17.97
CA GLU B 284 21.81 -13.76 -17.74
C GLU B 284 21.11 -13.23 -18.98
N ASP B 285 21.84 -12.96 -20.06
CA ASP B 285 21.24 -12.40 -21.26
C ASP B 285 20.60 -13.43 -22.17
N ILE B 286 20.86 -14.72 -21.96
CA ILE B 286 20.48 -15.72 -22.96
C ILE B 286 18.97 -15.85 -23.04
N CYS B 287 18.49 -16.27 -24.21
CA CYS B 287 17.08 -16.47 -24.45
C CYS B 287 16.73 -17.95 -24.29
N ILE B 288 15.60 -18.20 -23.61
CA ILE B 288 15.24 -19.55 -23.19
C ILE B 288 14.73 -20.42 -24.34
N ASN B 289 14.59 -19.87 -25.54
CA ASN B 289 14.14 -20.63 -26.70
C ASN B 289 15.29 -21.12 -27.56
N LYS B 290 16.48 -21.28 -26.97
CA LYS B 290 17.67 -21.62 -27.75
C LYS B 290 17.52 -22.98 -28.43
N PHE B 291 17.04 -23.98 -27.69
CA PHE B 291 16.76 -25.30 -28.24
C PHE B 291 15.27 -25.60 -28.12
N GLU B 292 14.87 -26.74 -28.68
CA GLU B 292 13.49 -27.19 -28.51
C GLU B 292 13.19 -27.61 -27.08
N THR B 293 14.21 -27.96 -26.30
CA THR B 293 14.03 -28.45 -24.93
C THR B 293 14.91 -27.68 -23.97
N LEU B 294 14.48 -27.63 -22.71
CA LEU B 294 15.28 -26.98 -21.67
C LEU B 294 16.47 -27.84 -21.25
N GLU B 295 16.34 -29.17 -21.31
CA GLU B 295 17.44 -30.04 -20.91
C GLU B 295 18.64 -29.88 -21.83
N GLU B 296 18.41 -29.54 -23.11
CA GLU B 296 19.51 -29.17 -23.98
C GLU B 296 20.24 -27.93 -23.46
N LEU B 297 19.48 -26.94 -22.99
CA LEU B 297 20.11 -25.74 -22.43
C LEU B 297 20.92 -26.09 -21.19
N LEU B 298 20.37 -26.93 -20.32
CA LEU B 298 21.06 -27.28 -19.08
C LEU B 298 22.37 -28.01 -19.35
N LYS B 299 22.37 -28.95 -20.29
CA LYS B 299 23.56 -29.72 -20.60
C LYS B 299 24.60 -28.92 -21.38
N SER B 300 24.23 -27.74 -21.87
CA SER B 300 25.12 -26.96 -22.72
C SER B 300 26.07 -26.12 -21.88
N SER B 301 26.91 -25.34 -22.58
CA SER B 301 27.86 -24.44 -21.95
C SER B 301 27.19 -23.17 -21.43
N LYS B 302 25.89 -23.00 -21.65
CA LYS B 302 25.18 -21.86 -21.10
C LYS B 302 24.92 -22.01 -19.62
N PHE B 303 25.03 -23.22 -19.08
CA PHE B 303 24.75 -23.51 -17.68
C PHE B 303 25.93 -24.23 -17.05
N GLU B 304 26.13 -23.96 -15.76
CA GLU B 304 27.13 -24.66 -14.97
C GLU B 304 26.43 -25.67 -14.07
N HIS B 305 26.99 -26.88 -13.99
CA HIS B 305 26.44 -27.91 -13.14
C HIS B 305 27.44 -28.29 -12.05
N PHE B 306 26.93 -28.45 -10.83
CA PHE B 306 27.72 -29.00 -9.74
C PHE B 306 26.75 -29.61 -8.73
N ASN B 307 27.29 -30.42 -7.83
CA ASN B 307 26.47 -31.06 -6.81
C ASN B 307 26.69 -30.41 -5.45
N ILE B 308 25.66 -30.48 -4.61
CA ILE B 308 25.70 -30.05 -3.22
C ILE B 308 25.17 -31.18 -2.36
N ASN B 309 25.88 -31.52 -1.30
CA ASN B 309 25.36 -32.48 -0.32
C ASN B 309 24.32 -31.79 0.54
N GLN B 310 23.07 -32.24 0.45
CA GLN B 310 21.99 -31.61 1.19
C GLN B 310 22.16 -31.77 2.69
N ARG B 311 22.73 -32.89 3.12
CA ARG B 311 22.95 -33.12 4.54
C ARG B 311 23.91 -32.11 5.16
N LEU B 312 24.79 -31.51 4.35
CA LEU B 312 25.76 -30.55 4.85
C LEU B 312 25.25 -29.11 4.84
N LEU B 313 24.02 -28.88 4.37
CA LEU B 313 23.49 -27.54 4.31
C LEU B 313 23.23 -26.98 5.71
N SER B 314 23.58 -25.71 5.90
CA SER B 314 23.26 -24.98 7.11
C SER B 314 21.94 -24.24 6.94
N ASP B 315 21.64 -23.30 7.84
CA ASP B 315 20.47 -22.45 7.65
C ASP B 315 20.62 -21.59 6.39
N GLU B 316 21.86 -21.33 5.98
CA GLU B 316 22.15 -20.72 4.69
C GLU B 316 22.36 -21.82 3.65
N TRP B 317 21.86 -21.58 2.44
CA TRP B 317 22.11 -22.46 1.31
C TRP B 317 23.14 -21.77 0.42
N ILE B 318 24.39 -22.14 0.57
CA ILE B 318 25.48 -21.55 -0.21
C ILE B 318 25.75 -22.55 -1.34
N LEU B 319 25.06 -22.34 -2.46
CA LEU B 319 25.11 -23.25 -3.60
C LEU B 319 26.13 -22.71 -4.58
N VAL B 320 27.39 -23.09 -4.37
CA VAL B 320 28.51 -22.67 -5.21
C VAL B 320 29.41 -23.87 -5.47
N ASN B 321 30.25 -23.74 -6.50
CA ASN B 321 31.23 -24.78 -6.79
C ASN B 321 32.30 -24.81 -5.70
N LYS B 322 33.10 -25.88 -5.70
CA LYS B 322 34.10 -26.04 -4.64
C LYS B 322 35.13 -24.91 -4.66
N ASP B 323 35.40 -24.33 -5.85
CA ASP B 323 36.32 -23.19 -5.91
C ASP B 323 35.81 -22.03 -5.09
N ASP B 324 34.54 -21.64 -5.30
CA ASP B 324 33.97 -20.54 -4.54
C ASP B 324 33.89 -20.88 -3.06
N GLU B 325 33.53 -22.13 -2.73
CA GLU B 325 33.45 -22.54 -1.34
C GLU B 325 34.80 -22.39 -0.64
N THR B 326 35.88 -22.81 -1.30
CA THR B 326 37.21 -22.64 -0.70
C THR B 326 37.59 -21.18 -0.59
N PHE B 327 37.26 -20.39 -1.60
CA PHE B 327 37.51 -18.95 -1.57
C PHE B 327 36.76 -18.30 -0.43
N TYR B 328 35.46 -18.62 -0.30
CA TYR B 328 34.64 -18.05 0.76
C TYR B 328 35.17 -18.44 2.14
N ASN B 329 35.52 -19.72 2.32
CA ASN B 329 35.99 -20.17 3.63
C ASN B 329 37.32 -19.54 4.03
N LYS B 330 38.19 -19.27 3.06
CA LYS B 330 39.46 -18.64 3.40
C LYS B 330 39.25 -17.24 3.95
N ILE B 331 38.34 -16.49 3.34
CA ILE B 331 38.08 -15.13 3.81
C ILE B 331 37.41 -15.14 5.17
N GLN B 332 36.43 -16.03 5.37
CA GLN B 332 35.71 -16.08 6.63
C GLN B 332 36.64 -16.40 7.79
N GLU B 333 37.55 -17.37 7.61
CA GLU B 333 38.43 -17.76 8.71
C GLU B 333 39.49 -16.70 8.97
N LYS B 334 40.01 -16.07 7.91
CA LYS B 334 41.10 -15.11 8.09
C LYS B 334 40.63 -13.79 8.71
N CYS B 335 39.32 -13.53 8.73
CA CYS B 335 38.78 -12.26 9.20
C CYS B 335 38.24 -12.41 10.61
N LYS B 336 38.82 -11.67 11.55
CA LYS B 336 38.41 -11.75 12.95
C LYS B 336 37.18 -10.90 13.27
N TYR B 337 36.79 -9.99 12.39
CA TYR B 337 35.73 -9.03 12.67
C TYR B 337 34.70 -9.04 11.56
N SER B 338 33.46 -8.69 11.91
CA SER B 338 32.42 -8.37 10.94
C SER B 338 32.09 -6.89 11.02
N LEU B 339 31.46 -6.39 9.96
CA LEU B 339 31.01 -4.99 9.97
C LEU B 339 30.04 -4.75 11.12
N GLU B 340 29.19 -5.74 11.42
CA GLU B 340 28.25 -5.58 12.53
C GLU B 340 28.97 -5.30 13.84
N ASP B 341 30.12 -5.95 14.06
CA ASP B 341 30.85 -5.76 15.31
C ASP B 341 31.34 -4.33 15.46
N ILE B 342 31.80 -3.72 14.37
CA ILE B 342 32.51 -2.43 14.46
C ILE B 342 31.64 -1.23 14.10
N ALA B 343 30.45 -1.44 13.54
CA ALA B 343 29.72 -0.33 12.94
C ALA B 343 28.30 -0.25 13.50
N ILE B 344 27.74 0.95 13.37
CA ILE B 344 26.31 1.20 13.63
C ILE B 344 25.66 1.42 12.27
N SER B 345 24.64 0.62 11.97
CA SER B 345 24.00 0.60 10.66
C SER B 345 22.58 1.12 10.76
N PHE B 346 22.13 1.82 9.71
CA PHE B 346 20.75 2.30 9.69
C PHE B 346 20.26 2.55 8.27
N GLN B 347 18.95 2.42 8.10
CA GLN B 347 18.27 2.72 6.84
C GLN B 347 17.97 4.21 6.74
N GLY B 348 17.85 4.68 5.51
CA GLY B 348 17.63 6.10 5.24
C GLY B 348 16.26 6.57 5.68
N ILE B 349 16.02 7.86 5.44
CA ILE B 349 14.74 8.48 5.74
C ILE B 349 13.64 7.80 4.93
N ILE B 350 12.47 7.65 5.52
CA ILE B 350 11.27 7.22 4.82
C ILE B 350 10.20 8.26 5.08
N THR B 351 10.03 9.19 4.13
CA THR B 351 9.05 10.25 4.31
C THR B 351 7.63 9.70 4.29
N GLY B 352 7.37 8.72 3.44
CA GLY B 352 6.02 8.23 3.22
C GLY B 352 5.31 8.88 2.06
N CYS B 353 5.79 10.05 1.61
CA CYS B 353 5.36 10.62 0.33
C CYS B 353 6.45 11.59 -0.12
N ASP B 354 7.35 11.12 -0.99
CA ASP B 354 8.53 11.91 -1.33
C ASP B 354 8.17 13.20 -2.05
N LYS B 355 7.11 13.17 -2.87
CA LYS B 355 6.71 14.36 -3.62
C LYS B 355 6.41 15.54 -2.70
N ALA B 356 6.04 15.28 -1.44
CA ALA B 356 5.67 16.34 -0.52
C ALA B 356 6.87 17.00 0.15
N PHE B 357 8.00 16.28 0.27
CA PHE B 357 9.14 16.76 1.06
C PHE B 357 10.42 16.97 0.27
N ILE B 358 10.53 16.43 -0.94
CA ILE B 358 11.76 16.48 -1.72
C ILE B 358 11.58 17.45 -2.86
N LEU B 359 12.49 18.42 -2.94
CA LEU B 359 12.48 19.41 -4.01
C LEU B 359 13.84 19.43 -4.69
N SER B 360 13.83 19.65 -6.00
CA SER B 360 15.08 19.83 -6.72
C SER B 360 15.74 21.13 -6.27
N LYS B 361 17.06 21.19 -6.42
CA LYS B 361 17.81 22.36 -5.97
C LYS B 361 17.28 23.64 -6.63
N ASP B 362 16.93 23.57 -7.91
CA ASP B 362 16.53 24.73 -8.69
C ASP B 362 15.05 25.05 -8.54
N ASP B 363 14.39 24.55 -7.49
CA ASP B 363 12.96 24.76 -7.31
C ASP B 363 12.72 26.09 -6.61
N VAL B 364 11.82 26.90 -7.18
CA VAL B 364 11.50 28.22 -6.65
C VAL B 364 10.84 28.11 -5.28
N LYS B 365 10.09 27.02 -5.04
CA LYS B 365 9.44 26.85 -3.75
C LYS B 365 10.43 26.82 -2.58
N LEU B 366 11.70 26.49 -2.84
CA LEU B 366 12.70 26.46 -1.78
C LEU B 366 12.94 27.82 -1.16
N ASN B 367 12.57 28.90 -1.85
CA ASN B 367 12.70 30.23 -1.25
C ASN B 367 11.78 30.38 -0.05
N LEU B 368 10.67 29.64 -0.03
CA LEU B 368 9.73 29.68 1.08
C LEU B 368 10.21 28.90 2.30
N VAL B 369 11.22 28.06 2.17
CA VAL B 369 11.68 27.20 3.26
C VAL B 369 12.95 27.78 3.84
N ASP B 370 12.92 28.08 5.13
CA ASP B 370 14.12 28.52 5.84
C ASP B 370 15.20 27.45 5.71
N ASP B 371 16.45 27.89 5.51
CA ASP B 371 17.53 26.93 5.25
C ASP B 371 17.78 26.00 6.43
N LYS B 372 17.35 26.39 7.64
CA LYS B 372 17.51 25.51 8.79
C LYS B 372 16.68 24.23 8.66
N PHE B 373 15.66 24.24 7.79
CA PHE B 373 14.83 23.07 7.56
C PHE B 373 15.34 22.17 6.45
N LEU B 374 16.35 22.60 5.69
CA LEU B 374 16.73 21.94 4.46
C LEU B 374 17.94 21.05 4.65
N LYS B 375 17.87 19.85 4.06
CA LYS B 375 18.97 18.89 4.08
C LYS B 375 19.32 18.50 2.65
N CYS B 376 20.59 18.15 2.44
CA CYS B 376 20.99 17.57 1.17
C CYS B 376 20.45 16.14 1.05
N TRP B 377 20.09 15.76 -0.18
CA TRP B 377 19.33 14.54 -0.43
C TRP B 377 19.90 13.86 -1.67
N ILE B 378 20.38 12.63 -1.50
CA ILE B 378 20.99 11.88 -2.59
C ILE B 378 20.16 10.62 -2.86
N LYS B 379 20.29 10.12 -4.08
CA LYS B 379 19.67 8.88 -4.52
C LYS B 379 20.75 7.82 -4.72
N SER B 380 20.29 6.59 -4.98
CA SER B 380 21.22 5.47 -5.12
C SER B 380 22.24 5.69 -6.23
N LYS B 381 21.84 6.40 -7.30
CA LYS B 381 22.76 6.61 -8.42
C LYS B 381 23.88 7.59 -8.09
N ASN B 382 23.71 8.42 -7.06
CA ASN B 382 24.75 9.40 -6.73
C ASN B 382 25.97 8.76 -6.08
N ILE B 383 25.90 7.49 -5.70
CA ILE B 383 26.97 6.84 -4.96
C ILE B 383 27.92 6.16 -5.95
N ASN B 384 29.19 6.51 -5.85
CA ASN B 384 30.26 5.80 -6.54
C ASN B 384 31.14 5.11 -5.52
N LYS B 385 32.15 4.41 -6.01
CA LYS B 385 33.22 3.99 -5.12
C LYS B 385 33.91 5.23 -4.55
N TYR B 386 34.06 5.24 -3.22
CA TYR B 386 34.86 6.18 -2.44
C TYR B 386 34.30 7.58 -2.26
N ILE B 387 33.37 8.04 -3.10
CA ILE B 387 32.85 9.40 -2.97
C ILE B 387 31.43 9.47 -3.51
N VAL B 388 30.70 10.49 -3.05
CA VAL B 388 29.32 10.74 -3.43
C VAL B 388 29.29 11.91 -4.39
N ASP B 389 28.45 11.81 -5.43
CA ASP B 389 28.18 12.92 -6.32
C ASP B 389 27.44 14.03 -5.57
N LYS B 390 27.57 15.25 -6.09
CA LYS B 390 26.89 16.38 -5.46
C LYS B 390 25.39 16.16 -5.50
N SER B 391 24.71 16.55 -4.42
CA SER B 391 23.26 16.36 -4.33
C SER B 391 22.53 17.33 -5.26
N GLU B 392 21.49 16.82 -5.93
CA GLU B 392 20.64 17.63 -6.78
C GLU B 392 19.27 17.88 -6.17
N TYR B 393 19.03 17.43 -4.94
CA TYR B 393 17.73 17.54 -4.29
C TYR B 393 17.90 17.99 -2.86
N ARG B 394 16.85 18.57 -2.31
CA ARG B 394 16.81 19.01 -0.93
C ARG B 394 15.62 18.38 -0.21
N LEU B 395 15.82 18.02 1.05
CA LEU B 395 14.76 17.46 1.89
C LEU B 395 14.30 18.51 2.88
N ILE B 396 12.99 18.67 3.01
CA ILE B 396 12.39 19.51 4.04
C ILE B 396 12.19 18.62 5.27
N TYR B 397 13.05 18.78 6.28
CA TYR B 397 12.94 17.96 7.48
C TYR B 397 11.80 18.53 8.33
N SER B 398 10.58 18.18 7.92
CA SER B 398 9.38 18.82 8.47
C SER B 398 9.13 18.44 9.93
N ASN B 399 9.84 17.46 10.48
CA ASN B 399 9.67 17.15 11.90
C ASN B 399 10.10 18.32 12.79
N ASP B 400 10.91 19.24 12.28
CA ASP B 400 11.36 20.39 13.04
C ASP B 400 10.44 21.60 12.92
N ILE B 401 9.29 21.45 12.25
CA ILE B 401 8.27 22.50 12.21
C ILE B 401 7.44 22.35 13.49
N ASP B 402 7.69 23.22 14.48
CA ASP B 402 7.12 23.03 15.80
C ASP B 402 5.60 23.21 15.79
N ASN B 403 5.12 24.31 15.21
CA ASN B 403 3.70 24.65 15.24
C ASN B 403 3.20 24.89 13.82
N GLU B 404 1.93 24.57 13.60
CA GLU B 404 1.33 24.69 12.29
C GLU B 404 1.07 26.14 11.86
N ASN B 405 1.17 27.10 12.78
CA ASN B 405 0.94 28.50 12.44
C ASN B 405 2.22 29.27 12.16
N THR B 406 3.35 28.86 12.73
CA THR B 406 4.58 29.62 12.60
C THR B 406 5.16 29.54 11.18
N ASN B 407 4.91 28.44 10.47
CA ASN B 407 5.46 28.20 9.13
C ASN B 407 4.34 27.87 8.15
N LYS B 408 3.31 28.71 8.12
CA LYS B 408 2.08 28.38 7.38
C LYS B 408 2.33 28.18 5.89
N ARG B 409 3.18 29.02 5.28
CA ARG B 409 3.37 28.96 3.84
C ARG B 409 3.96 27.62 3.41
N ILE B 410 4.90 27.08 4.18
CA ILE B 410 5.49 25.79 3.83
C ILE B 410 4.44 24.70 3.85
N LEU B 411 3.60 24.70 4.89
CA LEU B 411 2.52 23.70 4.96
C LEU B 411 1.50 23.93 3.86
N ASP B 412 1.10 25.18 3.64
CA ASP B 412 0.03 25.47 2.69
C ASP B 412 0.45 25.19 1.25
N GLU B 413 1.64 25.65 0.87
CA GLU B 413 2.02 25.71 -0.55
C GLU B 413 2.97 24.60 -0.98
N ILE B 414 3.53 23.83 -0.05
CA ILE B 414 4.48 22.78 -0.42
C ILE B 414 3.98 21.43 0.06
N ILE B 415 3.86 21.27 1.38
CA ILE B 415 3.57 19.95 1.93
C ILE B 415 2.09 19.64 1.85
N GLY B 416 1.23 20.65 2.06
CA GLY B 416 -0.20 20.42 2.06
C GLY B 416 -0.75 19.97 0.72
N LEU B 417 0.02 20.12 -0.36
CA LEU B 417 -0.43 19.67 -1.67
C LEU B 417 -0.67 18.16 -1.70
N TYR B 418 -0.13 17.42 -0.73
CA TYR B 418 -0.30 15.98 -0.65
C TYR B 418 -0.89 15.56 0.70
N LYS B 419 -1.68 16.45 1.30
CA LYS B 419 -2.15 16.24 2.67
C LYS B 419 -2.99 14.98 2.78
N THR B 420 -3.92 14.77 1.85
CA THR B 420 -4.79 13.60 1.95
C THR B 420 -3.99 12.31 1.83
N LYS B 421 -2.96 12.30 0.98
CA LYS B 421 -2.08 11.13 0.94
C LYS B 421 -1.26 11.01 2.22
N LEU B 422 -0.79 12.14 2.75
CA LEU B 422 -0.03 12.11 4.00
C LEU B 422 -0.89 11.62 5.15
N GLU B 423 -2.15 12.03 5.19
CA GLU B 423 -3.06 11.63 6.26
C GLU B 423 -3.41 10.15 6.19
N ASN B 424 -3.16 9.49 5.06
CA ASN B 424 -3.44 8.07 4.92
C ASN B 424 -2.31 7.19 5.44
N ARG B 425 -1.16 7.76 5.76
CA ARG B 425 -0.08 6.98 6.34
C ARG B 425 -0.49 6.43 7.71
N ARG B 426 0.00 5.22 8.01
CA ARG B 426 -0.49 4.48 9.17
C ARG B 426 -0.34 5.27 10.45
N GLU B 427 0.81 5.93 10.63
CA GLU B 427 1.07 6.65 11.88
C GLU B 427 0.27 7.94 11.97
N CYS B 428 -0.16 8.51 10.84
CA CYS B 428 -1.07 9.65 10.91
C CYS B 428 -2.48 9.19 11.27
N LYS B 429 -2.91 8.05 10.73
CA LYS B 429 -4.22 7.52 11.09
C LYS B 429 -4.30 7.16 12.56
N SER B 430 -3.20 6.65 13.13
CA SER B 430 -3.17 6.31 14.55
C SER B 430 -2.97 7.53 15.44
N GLY B 431 -2.66 8.69 14.86
CA GLY B 431 -2.56 9.92 15.63
C GLY B 431 -1.21 10.20 16.27
N ILE B 432 -0.23 9.31 16.12
CA ILE B 432 1.06 9.55 16.75
C ILE B 432 2.00 10.35 15.86
N ARG B 433 1.62 10.63 14.62
CA ARG B 433 2.41 11.43 13.70
C ARG B 433 1.53 12.54 13.14
N LYS B 434 2.03 13.76 13.11
CA LYS B 434 1.30 14.86 12.47
C LYS B 434 1.28 14.66 10.96
N TRP B 435 0.24 15.19 10.33
CA TRP B 435 0.05 14.97 8.89
C TRP B 435 1.20 15.54 8.05
N TYR B 436 1.91 16.54 8.54
CA TYR B 436 3.00 17.13 7.80
C TYR B 436 4.37 16.59 8.19
N GLU B 437 4.44 15.70 9.18
CA GLU B 437 5.73 15.19 9.62
C GLU B 437 6.18 14.04 8.74
N LEU B 438 7.49 13.80 8.75
CA LEU B 438 8.04 12.63 8.08
C LEU B 438 7.56 11.37 8.79
N GLN B 439 7.25 10.33 8.01
CA GLN B 439 6.74 9.10 8.63
C GLN B 439 7.80 8.45 9.50
N TRP B 440 9.02 8.28 8.98
CA TRP B 440 10.15 7.77 9.75
C TRP B 440 11.31 8.73 9.54
N GLY B 441 11.36 9.78 10.38
CA GLY B 441 12.39 10.79 10.24
C GLY B 441 13.75 10.40 10.77
N ARG B 442 13.84 9.24 11.40
CA ARG B 442 15.11 8.70 11.88
C ARG B 442 15.70 9.68 12.89
N GLU B 443 17.02 9.72 12.98
CA GLU B 443 17.74 10.59 13.91
C GLU B 443 18.73 11.42 13.11
N LYS B 444 18.57 12.74 13.15
CA LYS B 444 19.44 13.62 12.36
C LYS B 444 20.90 13.48 12.75
N LEU B 445 21.18 13.22 14.04
CA LEU B 445 22.56 13.09 14.49
C LEU B 445 23.27 11.92 13.82
N PHE B 446 22.54 10.94 13.32
CA PHE B 446 23.15 9.83 12.58
C PHE B 446 23.55 10.24 11.17
N PHE B 447 22.78 11.11 10.53
CA PHE B 447 23.09 11.50 9.16
C PHE B 447 24.12 12.63 9.08
N GLU B 448 24.11 13.54 10.05
CA GLU B 448 24.95 14.73 9.97
C GLU B 448 26.30 14.49 10.65
N ARG B 449 27.08 13.64 10.01
CA ARG B 449 28.40 13.23 10.49
C ARG B 449 29.10 12.54 9.33
N LYS B 450 30.41 12.34 9.49
CA LYS B 450 31.15 11.48 8.57
C LYS B 450 30.62 10.06 8.65
N LYS B 451 30.37 9.45 7.50
CA LYS B 451 29.80 8.12 7.48
C LYS B 451 30.06 7.50 6.12
N ILE B 452 29.74 6.20 6.00
CA ILE B 452 29.85 5.47 4.75
C ILE B 452 28.46 5.18 4.23
N MET B 453 28.23 5.42 2.94
CA MET B 453 26.94 5.19 2.31
C MET B 453 27.09 4.26 1.11
N TYR B 454 26.08 3.41 0.90
CA TYR B 454 26.07 2.51 -0.24
C TYR B 454 24.66 2.36 -0.79
N PRO B 455 24.52 2.13 -2.10
CA PRO B 455 23.19 1.95 -2.69
C PRO B 455 22.59 0.63 -2.23
N TYR B 456 21.26 0.61 -2.13
CA TYR B 456 20.58 -0.59 -1.62
C TYR B 456 20.47 -1.68 -2.68
N LYS B 457 20.66 -1.34 -3.95
CA LYS B 457 20.60 -2.28 -5.05
C LYS B 457 21.64 -1.83 -6.07
N SER B 458 22.51 -2.74 -6.49
CA SER B 458 23.62 -2.32 -7.34
C SER B 458 24.20 -3.52 -8.07
N ASN B 459 24.96 -3.22 -9.11
CA ASN B 459 25.70 -4.26 -9.84
C ASN B 459 27.03 -4.60 -9.20
N GLU B 460 27.54 -3.78 -8.29
CA GLU B 460 28.87 -3.99 -7.73
C GLU B 460 29.00 -3.21 -6.43
N ASN B 461 30.06 -3.52 -5.69
CA ASN B 461 30.31 -2.86 -4.42
C ASN B 461 30.57 -1.38 -4.64
N ARG B 462 29.77 -0.52 -4.00
CA ARG B 462 29.93 0.93 -4.08
C ARG B 462 29.76 1.50 -2.67
N PHE B 463 30.87 1.60 -1.95
CA PHE B 463 30.88 2.18 -0.61
C PHE B 463 31.64 3.50 -0.68
N ALA B 464 30.99 4.58 -0.27
CA ALA B 464 31.54 5.92 -0.37
C ALA B 464 31.59 6.58 1.00
N ILE B 465 32.63 7.38 1.22
CA ILE B 465 32.67 8.22 2.40
C ILE B 465 31.86 9.48 2.13
N ASP B 466 30.93 9.79 3.03
CA ASP B 466 30.12 10.99 2.93
C ASP B 466 30.71 12.06 3.84
N TYR B 467 31.09 13.20 3.24
CA TYR B 467 31.58 14.33 4.01
C TYR B 467 30.55 15.44 4.15
N ASP B 468 29.42 15.35 3.44
CA ASP B 468 28.54 16.50 3.23
C ASP B 468 27.19 16.35 3.92
N ASN B 469 27.10 15.52 4.96
CA ASN B 469 25.88 15.38 5.75
C ASN B 469 24.68 15.03 4.88
N ASN B 470 24.90 14.18 3.88
CA ASN B 470 23.83 13.78 2.98
C ASN B 470 22.78 12.95 3.71
N PHE B 471 21.52 13.28 3.48
CA PHE B 471 20.38 12.43 3.80
C PHE B 471 19.97 11.65 2.56
N SER B 472 19.18 10.60 2.77
CA SER B 472 18.70 9.81 1.65
C SER B 472 17.49 9.00 2.09
N SER B 473 16.77 8.48 1.10
CA SER B 473 15.67 7.57 1.35
C SER B 473 16.22 6.18 1.62
N ALA B 474 15.34 5.18 1.66
CA ALA B 474 15.76 3.82 1.92
C ALA B 474 16.38 3.13 0.71
N ASP B 475 16.63 3.86 -0.37
CA ASP B 475 17.44 3.31 -1.44
C ASP B 475 18.93 3.50 -1.20
N VAL B 476 19.32 4.09 -0.07
CA VAL B 476 20.72 4.27 0.31
C VAL B 476 20.85 3.92 1.78
N TYR B 477 21.78 3.03 2.12
CA TYR B 477 22.04 2.70 3.51
C TYR B 477 23.32 3.37 3.98
N SER B 478 23.45 3.49 5.29
CA SER B 478 24.54 4.19 5.93
C SER B 478 25.08 3.37 7.09
N PHE B 479 26.35 3.58 7.40
CA PHE B 479 26.87 3.16 8.69
C PHE B 479 28.03 4.06 9.08
N PHE B 480 28.29 4.11 10.38
CA PHE B 480 29.48 4.76 10.90
C PHE B 480 30.15 3.82 11.88
N ILE B 481 31.42 4.11 12.18
CA ILE B 481 32.22 3.20 12.98
C ILE B 481 31.96 3.48 14.45
N LYS B 482 31.76 2.40 15.23
CA LYS B 482 31.57 2.53 16.67
C LYS B 482 32.76 3.25 17.30
N GLU B 483 32.49 3.94 18.40
CA GLU B 483 33.54 4.72 19.05
C GLU B 483 34.70 3.83 19.49
N GLU B 484 34.40 2.65 20.04
CA GLU B 484 35.42 1.76 20.57
C GLU B 484 36.17 1.01 19.49
N TYR B 485 35.95 1.31 18.21
CA TYR B 485 36.71 0.69 17.14
C TYR B 485 37.44 1.70 16.26
N LEU B 486 37.27 2.99 16.51
CA LEU B 486 37.89 4.00 15.66
C LEU B 486 39.41 3.90 15.65
N ASP B 487 40.02 3.41 16.73
CA ASP B 487 41.46 3.25 16.76
C ASP B 487 41.92 1.97 16.08
N LYS B 488 41.03 1.04 15.78
CA LYS B 488 41.34 -0.15 15.00
C LYS B 488 41.04 0.01 13.52
N PHE B 489 39.91 0.62 13.18
CA PHE B 489 39.48 0.73 11.79
C PHE B 489 39.12 2.18 11.46
N SER B 490 39.55 2.63 10.28
CA SER B 490 39.21 3.96 9.78
C SER B 490 38.30 3.83 8.58
N TYR B 491 37.59 4.92 8.29
CA TYR B 491 36.69 4.95 7.13
C TYR B 491 37.46 4.72 5.85
N GLU B 492 38.65 5.31 5.73
CA GLU B 492 39.45 5.16 4.52
C GLU B 492 39.91 3.72 4.32
N TYR B 493 40.28 3.03 5.40
CA TYR B 493 40.60 1.62 5.28
C TYR B 493 39.40 0.81 4.84
N LEU B 494 38.22 1.11 5.39
CA LEU B 494 37.05 0.30 5.10
C LEU B 494 36.62 0.42 3.64
N VAL B 495 36.50 1.64 3.12
CA VAL B 495 36.14 1.78 1.71
C VAL B 495 37.22 1.20 0.83
N GLY B 496 38.46 1.17 1.31
CA GLY B 496 39.52 0.51 0.56
C GLY B 496 39.26 -0.97 0.36
N ILE B 497 38.98 -1.68 1.45
CA ILE B 497 38.77 -3.13 1.28
C ILE B 497 37.39 -3.44 0.72
N LEU B 498 36.37 -2.63 1.05
CA LEU B 498 35.00 -2.94 0.61
C LEU B 498 34.81 -2.72 -0.88
N ASN B 499 35.60 -1.84 -1.50
CA ASN B 499 35.50 -1.56 -2.93
C ASN B 499 36.44 -2.39 -3.77
N SER B 500 37.17 -3.33 -3.17
CA SER B 500 38.16 -4.09 -3.91
C SER B 500 37.49 -5.18 -4.75
N SER B 501 38.21 -5.62 -5.78
CA SER B 501 37.77 -6.77 -6.56
C SER B 501 37.54 -7.98 -5.66
N VAL B 502 38.37 -8.15 -4.64
CA VAL B 502 38.25 -9.31 -3.76
C VAL B 502 36.91 -9.27 -3.03
N TYR B 503 36.57 -8.13 -2.44
CA TYR B 503 35.36 -8.03 -1.64
C TYR B 503 34.09 -7.98 -2.50
N ASP B 504 34.20 -7.52 -3.74
CA ASP B 504 33.06 -7.62 -4.65
C ASP B 504 32.71 -9.07 -4.93
N LYS B 505 33.73 -9.88 -5.25
CA LYS B 505 33.51 -11.30 -5.46
C LYS B 505 33.02 -11.97 -4.18
N TYR B 506 33.61 -11.62 -3.04
CA TYR B 506 33.27 -12.24 -1.77
C TYR B 506 31.81 -11.98 -1.41
N PHE B 507 31.37 -10.73 -1.54
CA PHE B 507 29.99 -10.40 -1.17
C PHE B 507 28.99 -11.14 -2.04
N LYS B 508 29.25 -11.23 -3.34
CA LYS B 508 28.32 -11.86 -4.26
C LYS B 508 28.28 -13.37 -4.13
N ILE B 509 29.18 -13.97 -3.35
CA ILE B 509 29.09 -15.40 -3.09
C ILE B 509 27.74 -15.75 -2.47
N THR B 510 27.29 -14.92 -1.52
CA THR B 510 26.06 -15.17 -0.78
C THR B 510 25.03 -14.06 -0.96
N ALA B 511 25.31 -13.05 -1.78
CA ALA B 511 24.39 -11.93 -1.91
C ALA B 511 23.11 -12.34 -2.63
N LYS B 512 22.04 -11.62 -2.32
CA LYS B 512 20.71 -11.88 -2.88
C LYS B 512 20.62 -11.25 -4.25
N LYS B 513 20.53 -12.08 -5.29
CA LYS B 513 20.45 -11.59 -6.67
C LYS B 513 18.99 -11.29 -6.99
N MET B 514 18.72 -10.06 -7.39
CA MET B 514 17.35 -9.56 -7.57
C MET B 514 16.87 -9.60 -9.01
N SER B 515 17.63 -9.02 -9.92
CA SER B 515 17.29 -8.97 -11.33
C SER B 515 18.59 -8.84 -12.10
N LYS B 516 18.48 -8.65 -13.42
CA LYS B 516 19.66 -8.63 -14.27
C LYS B 516 20.63 -7.55 -13.81
N ASN B 517 21.83 -7.99 -13.40
CA ASN B 517 22.91 -7.11 -12.93
C ASN B 517 22.52 -6.32 -11.68
N ILE B 518 21.69 -6.89 -10.80
CA ILE B 518 21.28 -6.21 -9.58
C ILE B 518 21.34 -7.18 -8.42
N TYR B 519 22.13 -6.85 -7.41
CA TYR B 519 22.10 -7.52 -6.11
C TYR B 519 21.53 -6.56 -5.07
N ASP B 520 20.83 -7.12 -4.09
CA ASP B 520 20.49 -6.36 -2.90
C ASP B 520 21.76 -6.09 -2.09
N TYR B 521 21.97 -4.83 -1.71
CA TYR B 521 22.99 -4.46 -0.73
C TYR B 521 22.23 -3.96 0.51
N TYR B 522 21.81 -4.88 1.34
CA TYR B 522 21.04 -4.57 2.52
C TYR B 522 21.84 -4.94 3.76
N PRO B 523 21.58 -4.28 4.89
CA PRO B 523 22.30 -4.64 6.11
C PRO B 523 22.21 -6.10 6.49
N ASN B 524 21.10 -6.79 6.19
CA ASN B 524 20.99 -8.17 6.65
C ASN B 524 22.06 -9.05 6.03
N LYS B 525 22.71 -8.60 4.96
CA LYS B 525 23.87 -9.29 4.42
C LYS B 525 25.13 -8.44 4.45
N VAL B 526 25.03 -7.12 4.22
CA VAL B 526 26.21 -6.27 4.23
C VAL B 526 26.84 -6.25 5.61
N MET B 527 26.03 -6.16 6.66
CA MET B 527 26.60 -6.15 7.99
C MET B 527 27.24 -7.49 8.38
N LYS B 528 27.01 -8.54 7.59
CA LYS B 528 27.66 -9.82 7.82
C LYS B 528 29.03 -9.92 7.16
N ILE B 529 29.40 -8.94 6.33
CA ILE B 529 30.70 -8.95 5.68
C ILE B 529 31.79 -8.94 6.73
N ARG B 530 32.80 -9.80 6.54
CA ARG B 530 33.88 -9.95 7.50
C ARG B 530 35.11 -9.19 7.04
N ILE B 531 35.81 -8.56 7.99
CA ILE B 531 36.94 -7.69 7.70
C ILE B 531 38.11 -8.11 8.58
N PHE B 532 39.31 -7.72 8.15
CA PHE B 532 40.54 -8.17 8.77
C PHE B 532 41.42 -6.98 9.10
N ARG B 533 42.42 -7.24 9.94
CA ARG B 533 43.39 -6.23 10.35
C ARG B 533 44.74 -6.91 10.47
N ASP B 534 45.71 -6.50 9.65
CA ASP B 534 47.03 -7.13 9.68
C ASP B 534 48.08 -6.11 9.26
N ASN B 535 49.28 -6.61 8.92
CA ASN B 535 50.42 -5.75 8.62
C ASN B 535 50.22 -4.90 7.38
N ASN B 536 49.31 -5.28 6.49
CA ASN B 536 49.07 -4.49 5.29
C ASN B 536 48.14 -3.31 5.54
N TYR B 537 47.64 -3.16 6.76
CA TYR B 537 46.63 -2.14 7.05
C TYR B 537 47.06 -0.76 6.58
N GLU B 538 48.28 -0.35 6.94
CA GLU B 538 48.71 1.01 6.66
C GLU B 538 48.82 1.28 5.17
N GLU B 539 49.37 0.32 4.42
CA GLU B 539 49.53 0.53 2.97
C GLU B 539 48.18 0.53 2.27
N ILE B 540 47.26 -0.34 2.68
CA ILE B 540 45.92 -0.32 2.11
C ILE B 540 45.26 1.03 2.37
N GLU B 541 45.36 1.51 3.62
CA GLU B 541 44.75 2.78 3.98
C GLU B 541 45.34 3.92 3.17
N ASN B 542 46.66 3.92 2.99
CA ASN B 542 47.28 4.99 2.23
C ASN B 542 46.83 4.95 0.76
N LEU B 543 46.71 3.75 0.19
CA LEU B 543 46.25 3.66 -1.20
C LEU B 543 44.82 4.17 -1.32
N SER B 544 43.97 3.86 -0.34
CA SER B 544 42.61 4.39 -0.35
C SER B 544 42.61 5.92 -0.25
N LYS B 545 43.47 6.48 0.60
CA LYS B 545 43.52 7.93 0.73
C LYS B 545 43.99 8.59 -0.56
N GLN B 546 44.97 8.01 -1.23
CA GLN B 546 45.43 8.57 -2.50
C GLN B 546 44.32 8.53 -3.55
N ILE B 547 43.56 7.45 -3.59
CA ILE B 547 42.45 7.35 -4.55
C ILE B 547 41.43 8.45 -4.26
N ILE B 548 41.08 8.63 -2.99
CA ILE B 548 40.10 9.64 -2.62
C ILE B 548 40.60 11.02 -3.04
N SER B 549 41.88 11.30 -2.83
CA SER B 549 42.44 12.59 -3.20
C SER B 549 42.36 12.82 -4.71
N ILE B 550 42.62 11.78 -5.50
CA ILE B 550 42.55 11.93 -6.94
C ILE B 550 41.11 12.18 -7.38
N LEU B 551 40.18 11.43 -6.80
CA LEU B 551 38.77 11.58 -7.17
C LEU B 551 38.25 12.96 -6.84
N LEU B 552 38.68 13.54 -5.72
CA LEU B 552 38.25 14.88 -5.36
C LEU B 552 39.01 15.97 -6.10
N ASN B 553 39.99 15.62 -6.92
CA ASN B 553 40.80 16.61 -7.60
C ASN B 553 40.00 17.24 -8.75
N LYS B 554 40.54 18.35 -9.28
CA LYS B 554 39.93 19.00 -10.43
C LYS B 554 40.03 18.12 -11.67
N SER B 555 41.25 17.81 -12.09
CA SER B 555 41.48 16.85 -13.16
C SER B 555 41.66 15.47 -12.54
N ILE B 556 40.83 14.52 -12.94
CA ILE B 556 40.89 13.16 -12.43
C ILE B 556 41.70 12.31 -13.40
N ASP B 557 42.76 11.68 -12.89
CA ASP B 557 43.56 10.73 -13.66
C ASP B 557 42.96 9.35 -13.44
N LYS B 558 42.03 8.97 -14.33
CA LYS B 558 41.36 7.68 -14.18
C LYS B 558 42.34 6.52 -14.26
N GLY B 559 43.41 6.67 -15.05
CA GLY B 559 44.41 5.63 -15.12
C GLY B 559 45.18 5.44 -13.83
N LYS B 560 45.49 6.55 -13.14
CA LYS B 560 46.23 6.47 -11.88
C LYS B 560 45.42 5.76 -10.81
N VAL B 561 44.11 6.04 -10.74
CA VAL B 561 43.25 5.35 -9.78
C VAL B 561 43.23 3.86 -10.06
N GLU B 562 43.17 3.48 -11.35
CA GLU B 562 43.16 2.07 -11.71
C GLU B 562 44.42 1.36 -11.24
N LYS B 563 45.58 1.99 -11.41
CA LYS B 563 46.83 1.40 -10.94
C LYS B 563 46.83 1.27 -9.42
N LEU B 564 46.37 2.31 -8.72
CA LEU B 564 46.30 2.24 -7.26
C LEU B 564 45.31 1.17 -6.81
N GLN B 565 44.17 1.07 -7.49
CA GLN B 565 43.18 0.06 -7.14
C GLN B 565 43.74 -1.35 -7.32
N ILE B 566 44.46 -1.58 -8.42
CA ILE B 566 45.05 -2.90 -8.67
C ILE B 566 46.09 -3.22 -7.60
N LYS B 567 46.90 -2.23 -7.23
CA LYS B 567 47.88 -2.43 -6.16
C LYS B 567 47.20 -2.78 -4.84
N MET B 568 46.08 -2.11 -4.55
CA MET B 568 45.33 -2.44 -3.33
C MET B 568 44.70 -3.82 -3.42
N ASP B 569 44.19 -4.19 -4.61
CA ASP B 569 43.59 -5.51 -4.77
C ASP B 569 44.58 -6.62 -4.45
N ASN B 570 45.82 -6.49 -4.94
CA ASN B 570 46.81 -7.52 -4.70
C ASN B 570 47.19 -7.61 -3.22
N LEU B 571 47.32 -6.46 -2.54
CA LEU B 571 47.64 -6.48 -1.12
C LEU B 571 46.58 -7.23 -0.33
N ILE B 572 45.31 -7.01 -0.68
CA ILE B 572 44.22 -7.72 -0.01
C ILE B 572 44.25 -9.20 -0.35
N MET B 573 44.54 -9.54 -1.61
CA MET B 573 44.71 -10.95 -1.97
C MET B 573 45.84 -11.59 -1.19
N ASP B 574 46.96 -10.88 -1.04
CA ASP B 574 48.05 -11.39 -0.24
C ASP B 574 47.63 -11.57 1.22
N SER B 575 46.90 -10.60 1.78
CA SER B 575 46.52 -10.67 3.18
C SER B 575 45.59 -11.85 3.45
N LEU B 576 44.67 -12.13 2.54
CA LEU B 576 43.68 -13.17 2.77
C LEU B 576 44.12 -14.54 2.26
N GLY B 577 45.29 -14.63 1.64
CA GLY B 577 45.80 -15.91 1.20
C GLY B 577 45.08 -16.48 0.00
N ILE B 578 44.50 -15.63 -0.84
CA ILE B 578 43.82 -16.08 -2.05
C ILE B 578 44.51 -15.53 -3.29
N GLY C 29 -16.89 22.29 -40.73
CA GLY C 29 -18.23 22.80 -40.46
C GLY C 29 -19.02 23.11 -41.72
N ILE C 30 -20.19 23.74 -41.53
CA ILE C 30 -21.10 24.08 -42.62
C ILE C 30 -21.57 22.83 -43.33
N TYR C 31 -22.19 21.90 -42.59
CA TYR C 31 -22.79 20.70 -43.15
C TYR C 31 -24.31 20.85 -43.06
N TYR C 32 -24.98 20.76 -44.20
CA TYR C 32 -26.42 21.00 -44.27
C TYR C 32 -27.15 19.67 -44.12
N THR C 33 -27.74 19.46 -42.97
CA THR C 33 -28.62 18.30 -42.78
C THR C 33 -29.88 18.50 -43.62
N PRO C 34 -30.34 17.47 -44.34
CA PRO C 34 -31.54 17.64 -45.17
C PRO C 34 -32.74 18.05 -44.33
N LYS C 35 -33.58 18.93 -44.90
CA LYS C 35 -34.72 19.46 -44.16
C LYS C 35 -35.62 18.34 -43.66
N ILE C 36 -35.78 17.28 -44.45
CA ILE C 36 -36.61 16.15 -44.06
C ILE C 36 -36.04 15.48 -42.81
N ILE C 37 -34.71 15.35 -42.73
CA ILE C 37 -34.09 14.79 -41.52
C ILE C 37 -34.29 15.71 -40.33
N VAL C 38 -34.13 17.03 -40.52
CA VAL C 38 -34.26 17.97 -39.41
C VAL C 38 -35.66 17.95 -38.85
N ASP C 39 -36.67 17.94 -39.72
CA ASP C 39 -38.05 17.89 -39.26
C ASP C 39 -38.31 16.61 -38.47
N TYR C 40 -37.80 15.48 -38.95
CA TYR C 40 -38.02 14.21 -38.25
C TYR C 40 -37.39 14.22 -36.86
N ILE C 41 -36.19 14.79 -36.74
CA ILE C 41 -35.51 14.81 -35.45
C ILE C 41 -36.24 15.71 -34.46
N VAL C 42 -36.66 16.90 -34.90
CA VAL C 42 -37.40 17.79 -34.03
C VAL C 42 -38.73 17.15 -33.63
N LYS C 43 -39.35 16.43 -34.56
CA LYS C 43 -40.59 15.72 -34.24
C LYS C 43 -40.35 14.64 -33.20
N LYS C 44 -39.26 13.88 -33.32
CA LYS C 44 -39.02 12.77 -32.41
C LYS C 44 -38.88 13.25 -30.95
N THR C 45 -38.46 14.50 -30.75
CA THR C 45 -38.30 15.04 -29.41
C THR C 45 -39.57 15.73 -28.91
N LEU C 46 -40.16 16.59 -29.72
CA LEU C 46 -41.21 17.51 -29.26
C LEU C 46 -42.62 17.00 -29.48
N LYS C 47 -42.80 15.79 -30.05
CA LYS C 47 -44.12 15.36 -30.50
C LYS C 47 -45.11 15.22 -29.34
N ASN C 48 -44.62 14.90 -28.14
CA ASN C 48 -45.50 14.59 -27.02
C ASN C 48 -45.17 15.43 -25.80
N HIS C 49 -44.77 16.69 -26.02
CA HIS C 49 -44.50 17.60 -24.90
C HIS C 49 -45.80 18.25 -24.46
N ASP C 50 -46.15 18.09 -23.19
CA ASP C 50 -47.33 18.74 -22.62
C ASP C 50 -46.94 20.19 -22.32
N ILE C 51 -47.28 21.10 -23.24
CA ILE C 51 -46.92 22.50 -23.07
C ILE C 51 -47.70 23.14 -21.93
N ILE C 52 -48.78 22.51 -21.47
CA ILE C 52 -49.52 23.03 -20.34
C ILE C 52 -48.87 22.61 -19.02
N LYS C 53 -48.51 21.33 -18.90
CA LYS C 53 -47.86 20.86 -17.69
C LYS C 53 -46.50 21.51 -17.49
N ASN C 54 -45.68 21.54 -18.55
CA ASN C 54 -44.36 22.15 -18.53
C ASN C 54 -44.31 23.22 -19.63
N PRO C 55 -44.68 24.46 -19.33
CA PRO C 55 -44.59 25.53 -20.33
C PRO C 55 -43.20 26.09 -20.53
N TYR C 56 -42.19 25.55 -19.83
CA TYR C 56 -40.81 26.03 -19.92
C TYR C 56 -39.90 24.91 -20.40
N PRO C 57 -40.02 24.50 -21.67
CA PRO C 57 -39.13 23.46 -22.19
C PRO C 57 -37.79 24.05 -22.58
N ARG C 58 -36.75 23.22 -22.47
CA ARG C 58 -35.37 23.65 -22.68
C ARG C 58 -34.75 22.79 -23.76
N ILE C 59 -34.75 23.29 -24.99
CA ILE C 59 -34.22 22.58 -26.15
C ILE C 59 -32.85 23.13 -26.48
N LEU C 60 -31.89 22.23 -26.71
CA LEU C 60 -30.50 22.60 -26.92
C LEU C 60 -29.94 21.94 -28.17
N ASP C 61 -29.16 22.69 -28.95
CA ASP C 61 -28.36 22.14 -30.04
C ASP C 61 -26.90 22.44 -29.73
N ILE C 62 -26.13 21.40 -29.43
CA ILE C 62 -24.75 21.55 -29.01
C ILE C 62 -23.83 21.90 -30.17
N SER C 63 -24.22 21.56 -31.39
CA SER C 63 -23.45 21.86 -32.60
C SER C 63 -24.34 22.59 -33.60
N CYS C 64 -24.99 23.66 -33.14
CA CYS C 64 -26.10 24.27 -33.87
C CYS C 64 -25.68 24.85 -35.22
N GLY C 65 -24.46 25.37 -35.32
CA GLY C 65 -24.07 26.05 -36.56
C GLY C 65 -24.95 27.25 -36.81
N CYS C 66 -25.45 27.36 -38.05
CA CYS C 66 -26.39 28.41 -38.39
C CYS C 66 -27.79 28.14 -37.84
N GLY C 67 -28.04 26.95 -37.29
CA GLY C 67 -29.31 26.65 -36.68
C GLY C 67 -30.29 25.95 -37.60
N ASN C 68 -29.83 24.91 -38.31
CA ASN C 68 -30.74 24.11 -39.11
C ASN C 68 -31.82 23.49 -38.25
N PHE C 69 -31.43 22.92 -37.11
CA PHE C 69 -32.39 22.34 -36.19
C PHE C 69 -33.10 23.39 -35.36
N LEU C 70 -32.36 24.39 -34.84
CA LEU C 70 -32.92 25.33 -33.88
C LEU C 70 -34.01 26.20 -34.50
N LEU C 71 -33.82 26.62 -35.76
CA LEU C 71 -34.86 27.41 -36.42
C LEU C 71 -36.15 26.62 -36.56
N GLU C 72 -36.04 25.33 -36.89
CA GLU C 72 -37.22 24.49 -36.98
C GLU C 72 -37.86 24.26 -35.61
N VAL C 73 -37.04 24.23 -34.56
CA VAL C 73 -37.58 24.15 -33.19
C VAL C 73 -38.37 25.43 -32.88
N TYR C 74 -37.87 26.58 -33.33
CA TYR C 74 -38.56 27.84 -33.09
C TYR C 74 -39.96 27.84 -33.71
N ASP C 75 -40.06 27.37 -34.95
CA ASP C 75 -41.37 27.33 -35.61
C ASP C 75 -42.32 26.37 -34.93
N ILE C 76 -41.83 25.18 -34.55
CA ILE C 76 -42.68 24.20 -33.90
C ILE C 76 -43.15 24.72 -32.54
N LEU C 77 -42.24 25.34 -31.77
CA LEU C 77 -42.62 25.90 -30.49
C LEU C 77 -43.64 27.02 -30.64
N TYR C 78 -43.46 27.86 -31.67
CA TYR C 78 -44.38 28.97 -31.88
C TYR C 78 -45.80 28.46 -32.14
N ASP C 79 -45.94 27.42 -32.96
CA ASP C 79 -47.24 26.82 -33.18
C ASP C 79 -47.80 26.22 -31.89
N LEU C 80 -46.96 25.53 -31.13
CA LEU C 80 -47.43 24.87 -29.91
C LEU C 80 -47.90 25.88 -28.88
N PHE C 81 -47.17 26.99 -28.73
CA PHE C 81 -47.60 28.05 -27.82
C PHE C 81 -48.87 28.73 -28.34
N GLU C 82 -48.95 28.96 -29.65
CA GLU C 82 -50.09 29.68 -30.21
C GLU C 82 -51.39 28.92 -30.03
N GLU C 83 -51.37 27.60 -30.22
CA GLU C 83 -52.59 26.80 -30.22
C GLU C 83 -53.08 26.45 -28.82
N ASN C 84 -52.28 26.69 -27.77
CA ASN C 84 -52.69 26.47 -26.39
C ASN C 84 -52.78 27.78 -25.61
N ILE C 85 -52.90 28.90 -26.31
CA ILE C 85 -52.72 30.20 -25.67
C ILE C 85 -53.92 30.56 -24.78
N TYR C 86 -55.12 30.05 -25.10
CA TYR C 86 -56.29 30.40 -24.30
C TYR C 86 -56.21 29.79 -22.91
N GLU C 87 -55.84 28.50 -22.84
CA GLU C 87 -55.62 27.87 -21.55
C GLU C 87 -54.26 28.17 -20.97
N LEU C 88 -53.37 28.80 -21.75
CA LEU C 88 -52.17 29.38 -21.18
C LEU C 88 -52.49 30.60 -20.33
N LYS C 89 -53.50 31.38 -20.74
CA LYS C 89 -53.99 32.51 -19.96
C LYS C 89 -54.94 32.08 -18.85
N LYS C 90 -55.42 30.84 -18.86
CA LYS C 90 -56.30 30.32 -17.83
C LYS C 90 -55.55 29.52 -16.77
N LYS C 91 -54.73 28.55 -17.19
CA LYS C 91 -53.94 27.78 -16.24
C LYS C 91 -52.89 28.65 -15.57
N TYR C 92 -52.01 29.25 -16.37
CA TYR C 92 -51.04 30.21 -15.87
C TYR C 92 -51.75 31.56 -15.66
N ASP C 93 -50.98 32.62 -15.45
CA ASP C 93 -51.60 33.93 -15.23
C ASP C 93 -52.25 34.43 -16.52
N GLU C 94 -53.18 35.38 -16.36
CA GLU C 94 -53.92 35.89 -17.49
C GLU C 94 -53.05 36.76 -18.39
N ASN C 95 -52.28 37.67 -17.79
CA ASN C 95 -51.67 38.75 -18.56
C ASN C 95 -50.51 38.26 -19.43
N TYR C 96 -49.63 37.44 -18.86
CA TYR C 96 -48.35 37.16 -19.53
C TYR C 96 -48.54 36.41 -20.84
N TRP C 97 -49.44 35.42 -20.88
CA TRP C 97 -49.62 34.58 -22.05
C TRP C 97 -50.38 35.37 -23.11
N THR C 98 -49.65 35.96 -24.05
CA THR C 98 -50.23 36.68 -25.17
C THR C 98 -49.47 36.35 -26.44
N VAL C 99 -50.13 36.49 -27.58
CA VAL C 99 -49.50 36.20 -28.86
C VAL C 99 -48.36 37.16 -29.15
N ASP C 100 -48.37 38.35 -28.53
CA ASP C 100 -47.29 39.31 -28.74
C ASP C 100 -46.02 38.89 -27.99
N ASN C 101 -46.16 38.27 -26.83
CA ASN C 101 -45.01 37.91 -26.00
C ASN C 101 -44.47 36.51 -26.30
N ILE C 102 -45.04 35.79 -27.26
CA ILE C 102 -44.56 34.45 -27.57
C ILE C 102 -43.14 34.50 -28.09
N HIS C 103 -42.84 35.50 -28.94
CA HIS C 103 -41.50 35.63 -29.50
C HIS C 103 -40.45 35.81 -28.41
N ARG C 104 -40.73 36.66 -27.42
CA ARG C 104 -39.78 36.87 -26.33
C ARG C 104 -39.63 35.61 -25.49
N HIS C 105 -40.73 34.90 -25.25
CA HIS C 105 -40.66 33.71 -24.39
C HIS C 105 -39.80 32.62 -25.00
N ILE C 106 -39.93 32.40 -26.31
CA ILE C 106 -39.16 31.32 -26.96
C ILE C 106 -37.67 31.66 -26.95
N LEU C 107 -37.32 32.90 -27.30
CA LEU C 107 -35.92 33.26 -27.43
C LEU C 107 -35.23 33.37 -26.07
N ASN C 108 -35.95 33.85 -25.05
CA ASN C 108 -35.32 34.09 -23.76
C ASN C 108 -35.30 32.87 -22.85
N TYR C 109 -36.22 31.92 -23.03
CA TYR C 109 -36.39 30.86 -22.03
C TYR C 109 -36.28 29.45 -22.60
N CYS C 110 -36.57 29.25 -23.88
CA CYS C 110 -36.74 27.90 -24.43
C CYS C 110 -35.60 27.43 -25.31
N ILE C 111 -34.99 28.29 -26.11
CA ILE C 111 -34.00 27.90 -27.11
C ILE C 111 -32.60 28.09 -26.54
N TYR C 112 -31.76 27.09 -26.73
CA TYR C 112 -30.35 27.15 -26.35
C TYR C 112 -29.50 26.61 -27.49
N GLY C 113 -28.43 27.32 -27.84
CA GLY C 113 -27.56 26.89 -28.92
C GLY C 113 -26.10 27.12 -28.58
N ALA C 114 -25.24 26.34 -29.22
CA ALA C 114 -23.81 26.42 -28.98
C ALA C 114 -23.06 26.02 -30.24
N ASP C 115 -21.95 26.70 -30.51
CA ASP C 115 -21.08 26.40 -31.64
C ASP C 115 -19.80 27.19 -31.50
N ILE C 116 -18.69 26.60 -31.97
CA ILE C 116 -17.39 27.26 -31.87
C ILE C 116 -17.24 28.38 -32.89
N ASP C 117 -18.04 28.38 -33.95
CA ASP C 117 -17.89 29.36 -35.01
C ASP C 117 -18.61 30.65 -34.65
N GLU C 118 -17.85 31.75 -34.55
CA GLU C 118 -18.47 33.04 -34.24
C GLU C 118 -19.40 33.49 -35.35
N LYS C 119 -19.00 33.28 -36.61
CA LYS C 119 -19.84 33.68 -37.74
C LYS C 119 -21.15 32.92 -37.74
N ALA C 120 -21.10 31.60 -37.48
CA ALA C 120 -22.31 30.79 -37.48
C ALA C 120 -23.27 31.21 -36.37
N ILE C 121 -22.74 31.48 -35.17
CA ILE C 121 -23.57 31.95 -34.07
C ILE C 121 -24.18 33.31 -34.40
N SER C 122 -23.39 34.19 -35.01
CA SER C 122 -23.88 35.51 -35.38
C SER C 122 -25.02 35.42 -36.38
N ILE C 123 -24.90 34.51 -37.36
CA ILE C 123 -25.97 34.32 -38.33
C ILE C 123 -27.24 33.84 -37.64
N LEU C 124 -27.10 32.88 -36.72
CA LEU C 124 -28.26 32.37 -36.01
C LEU C 124 -28.91 33.44 -35.15
N LYS C 125 -28.10 34.30 -34.51
CA LYS C 125 -28.66 35.39 -33.71
C LYS C 125 -29.46 36.35 -34.58
N ASP C 126 -28.93 36.71 -35.75
CA ASP C 126 -29.68 37.57 -36.67
C ASP C 126 -30.90 36.87 -37.22
N SER C 127 -30.77 35.57 -37.53
CA SER C 127 -31.91 34.82 -38.07
C SER C 127 -33.02 34.67 -37.03
N LEU C 128 -32.66 34.41 -35.77
CA LEU C 128 -33.67 34.28 -34.72
C LEU C 128 -34.31 35.62 -34.40
N THR C 129 -33.53 36.70 -34.44
CA THR C 129 -34.09 38.02 -34.16
C THR C 129 -35.12 38.41 -35.22
N ASN C 130 -34.88 38.03 -36.48
CA ASN C 130 -35.82 38.37 -37.55
C ASN C 130 -37.08 37.52 -37.48
N LYS C 131 -36.94 36.23 -37.19
CA LYS C 131 -38.08 35.33 -37.13
C LYS C 131 -38.99 35.66 -35.94
N ILE C 142 -35.41 41.06 -24.74
CA ILE C 142 -35.25 39.61 -24.82
C ILE C 142 -33.84 39.27 -25.30
N LYS C 143 -33.21 38.32 -24.61
CA LYS C 143 -31.82 37.93 -24.90
C LYS C 143 -31.79 36.45 -25.24
N ILE C 144 -31.42 36.13 -26.48
CA ILE C 144 -31.34 34.74 -26.91
C ILE C 144 -30.18 34.05 -26.22
N ASN C 145 -30.31 32.73 -26.03
CA ASN C 145 -29.32 31.95 -25.30
C ASN C 145 -28.42 31.20 -26.29
N LEU C 146 -27.47 31.93 -26.87
CA LEU C 146 -26.46 31.35 -27.73
C LEU C 146 -25.10 31.45 -27.06
N PHE C 147 -24.32 30.37 -27.13
CA PHE C 147 -23.02 30.30 -26.51
C PHE C 147 -21.98 29.94 -27.57
N CYS C 148 -20.98 30.79 -27.73
CA CYS C 148 -19.88 30.52 -28.67
C CYS C 148 -18.70 30.00 -27.87
N CYS C 149 -18.45 28.70 -27.97
CA CYS C 149 -17.46 28.02 -27.12
C CYS C 149 -17.30 26.59 -27.60
N ASP C 150 -16.30 25.92 -27.04
CA ASP C 150 -16.12 24.48 -27.24
C ASP C 150 -17.14 23.75 -26.37
N SER C 151 -18.09 23.07 -27.02
CA SER C 151 -19.19 22.47 -26.29
C SER C 151 -18.75 21.32 -25.41
N LEU C 152 -17.65 20.65 -25.75
CA LEU C 152 -17.11 19.63 -24.87
C LEU C 152 -16.58 20.21 -23.57
N LYS C 153 -16.24 21.50 -23.55
CA LYS C 153 -15.63 22.13 -22.40
C LYS C 153 -16.56 23.06 -21.63
N LYS C 154 -17.65 23.53 -22.25
CA LYS C 154 -18.54 24.47 -21.59
C LYS C 154 -19.22 23.86 -20.37
N LYS C 155 -18.86 24.35 -19.19
CA LYS C 155 -19.52 23.90 -17.98
C LYS C 155 -20.98 24.35 -17.99
N TRP C 156 -21.89 23.37 -18.02
CA TRP C 156 -23.32 23.66 -18.12
C TRP C 156 -23.92 23.74 -16.72
N ARG C 157 -24.53 24.87 -16.42
CA ARG C 157 -25.06 25.11 -15.08
C ARG C 157 -26.45 24.52 -14.87
N TYR C 158 -27.06 23.96 -15.92
CA TYR C 158 -28.43 23.46 -15.82
C TYR C 158 -28.68 22.47 -16.96
N LYS C 159 -29.50 21.46 -16.67
CA LYS C 159 -29.78 20.39 -17.61
C LYS C 159 -30.91 20.78 -18.56
N PHE C 160 -31.19 19.91 -19.54
CA PHE C 160 -32.08 20.25 -20.65
C PHE C 160 -33.12 19.17 -20.89
N ASP C 161 -34.32 19.61 -21.27
CA ASP C 161 -35.41 18.68 -21.55
C ASP C 161 -35.20 17.96 -22.88
N TYR C 162 -34.75 18.67 -23.90
CA TYR C 162 -34.62 18.10 -25.23
C TYR C 162 -33.32 18.57 -25.87
N ILE C 163 -32.67 17.63 -26.58
CA ILE C 163 -31.42 17.91 -27.27
C ILE C 163 -31.52 17.35 -28.69
N VAL C 164 -31.23 18.19 -29.69
CA VAL C 164 -31.23 17.79 -31.09
C VAL C 164 -29.96 18.32 -31.73
N GLY C 165 -29.60 17.75 -32.87
CA GLY C 165 -28.55 18.33 -33.67
C GLY C 165 -27.75 17.29 -34.42
N ASN C 166 -26.71 17.79 -35.09
CA ASN C 166 -25.84 17.01 -35.97
C ASN C 166 -24.40 17.35 -35.62
N PRO C 167 -23.74 16.55 -34.79
CA PRO C 167 -22.41 16.91 -34.27
C PRO C 167 -21.34 16.82 -35.36
N PRO C 168 -20.17 17.39 -35.13
CA PRO C 168 -19.07 17.23 -36.09
C PRO C 168 -18.47 15.84 -36.01
N TYR C 169 -18.03 15.33 -37.17
CA TYR C 169 -17.36 14.03 -37.25
C TYR C 169 -15.92 14.28 -37.65
N ILE C 170 -14.98 14.05 -36.73
CA ILE C 170 -13.57 14.18 -37.01
C ILE C 170 -12.87 12.91 -36.53
N GLY C 171 -12.28 12.18 -37.48
CA GLY C 171 -11.63 10.92 -37.17
C GLY C 171 -10.22 11.11 -36.60
N HIS C 172 -9.56 9.98 -36.36
CA HIS C 172 -8.29 10.01 -35.65
C HIS C 172 -7.18 10.67 -36.46
N LYS C 173 -7.23 10.57 -37.79
CA LYS C 173 -6.19 11.17 -38.62
C LYS C 173 -6.33 12.68 -38.72
N LYS C 174 -7.56 13.19 -38.78
CA LYS C 174 -7.83 14.60 -39.05
C LYS C 174 -8.01 15.43 -37.79
N LEU C 175 -7.94 14.84 -36.61
CA LEU C 175 -8.12 15.56 -35.35
C LEU C 175 -6.76 15.98 -34.79
N GLU C 176 -6.66 17.25 -34.39
CA GLU C 176 -5.38 17.78 -33.91
C GLU C 176 -4.92 17.00 -32.67
N LYS C 177 -3.64 16.62 -32.67
CA LYS C 177 -3.11 15.75 -31.62
C LYS C 177 -3.20 16.42 -30.25
N LYS C 178 -2.93 17.73 -30.18
CA LYS C 178 -2.98 18.41 -28.89
C LYS C 178 -4.38 18.36 -28.30
N TYR C 179 -5.41 18.57 -29.13
CA TYR C 179 -6.78 18.46 -28.64
C TYR C 179 -7.13 17.03 -28.25
N LYS C 180 -6.53 16.06 -28.93
CA LYS C 180 -6.83 14.65 -28.65
C LYS C 180 -6.43 14.26 -27.22
N LYS C 181 -5.40 14.90 -26.67
CA LYS C 181 -4.98 14.58 -25.31
C LYS C 181 -6.02 15.01 -24.28
N PHE C 182 -6.71 16.13 -24.53
CA PHE C 182 -7.82 16.51 -23.67
C PHE C 182 -8.96 15.49 -23.75
N LEU C 183 -9.29 15.03 -24.97
CA LEU C 183 -10.33 14.02 -25.12
C LEU C 183 -9.94 12.71 -24.44
N LEU C 184 -8.67 12.30 -24.59
CA LEU C 184 -8.21 11.06 -23.98
C LEU C 184 -8.28 11.10 -22.46
N GLU C 185 -8.23 12.29 -21.87
CA GLU C 185 -8.27 12.40 -20.41
C GLU C 185 -9.70 12.45 -19.88
N LYS C 186 -10.47 13.46 -20.29
CA LYS C 186 -11.78 13.72 -19.69
C LYS C 186 -12.93 13.01 -20.41
N TYR C 187 -12.67 12.37 -21.55
CA TYR C 187 -13.70 11.65 -22.29
C TYR C 187 -13.29 10.21 -22.55
N SER C 188 -12.43 9.66 -21.68
CA SER C 188 -11.90 8.32 -21.88
C SER C 188 -12.98 7.24 -21.81
N GLU C 189 -14.14 7.53 -21.21
CA GLU C 189 -15.21 6.54 -21.13
C GLU C 189 -15.76 6.17 -22.50
N VAL C 190 -15.65 7.06 -23.49
CA VAL C 190 -16.10 6.73 -24.84
C VAL C 190 -15.02 6.93 -25.89
N TYR C 191 -13.94 7.64 -25.60
CA TYR C 191 -12.95 8.01 -26.61
C TYR C 191 -11.60 7.42 -26.24
N LYS C 192 -11.11 6.50 -27.07
CA LYS C 192 -9.75 6.00 -26.98
C LYS C 192 -9.35 5.44 -28.32
N ASP C 193 -8.03 5.42 -28.57
CA ASP C 193 -7.42 4.82 -29.76
C ASP C 193 -8.02 5.49 -31.00
N LYS C 194 -8.61 4.74 -31.93
CA LYS C 194 -9.06 5.28 -33.22
C LYS C 194 -10.50 5.77 -33.17
N ALA C 195 -10.99 6.16 -32.01
CA ALA C 195 -12.34 6.66 -31.86
C ALA C 195 -12.51 8.01 -32.58
N ASP C 196 -13.75 8.44 -32.71
CA ASP C 196 -14.11 9.66 -33.42
C ASP C 196 -14.60 10.71 -32.45
N LEU C 197 -14.53 11.98 -32.88
CA LEU C 197 -14.96 13.09 -32.03
C LEU C 197 -16.44 12.98 -31.69
N TYR C 198 -17.27 12.54 -32.64
CA TYR C 198 -18.70 12.49 -32.38
C TYR C 198 -19.05 11.48 -31.28
N PHE C 199 -18.12 10.59 -30.92
CA PHE C 199 -18.33 9.76 -29.74
C PHE C 199 -18.47 10.64 -28.50
N CYS C 200 -17.66 11.68 -28.40
CA CYS C 200 -17.66 12.54 -27.22
C CYS C 200 -18.93 13.39 -27.14
N PHE C 201 -19.44 13.82 -28.29
CA PHE C 201 -20.69 14.59 -28.30
C PHE C 201 -21.86 13.74 -27.79
N TYR C 202 -21.89 12.46 -28.16
CA TYR C 202 -22.86 11.54 -27.57
C TYR C 202 -22.79 11.55 -26.05
N LYS C 203 -21.57 11.44 -25.50
CA LYS C 203 -21.41 11.42 -24.05
C LYS C 203 -21.85 12.73 -23.42
N LYS C 204 -21.47 13.87 -24.03
CA LYS C 204 -21.86 15.16 -23.47
C LYS C 204 -23.37 15.36 -23.56
N ILE C 205 -23.98 14.94 -24.67
CA ILE C 205 -25.43 15.07 -24.84
C ILE C 205 -26.16 14.26 -23.78
N ILE C 206 -25.72 13.02 -23.56
CA ILE C 206 -26.34 12.18 -22.52
C ILE C 206 -26.14 12.79 -21.15
N ASP C 207 -24.93 13.29 -20.88
CA ASP C 207 -24.60 13.78 -19.54
C ASP C 207 -25.44 14.98 -19.14
N ILE C 208 -25.71 15.90 -20.09
CA ILE C 208 -26.43 17.13 -19.78
C ILE C 208 -27.91 17.04 -20.10
N LEU C 209 -28.42 15.82 -20.35
CA LEU C 209 -29.84 15.63 -20.61
C LEU C 209 -30.56 15.42 -19.28
N LYS C 210 -31.60 16.22 -19.05
CA LYS C 210 -32.36 16.12 -17.81
C LYS C 210 -33.13 14.82 -17.75
N GLN C 211 -33.42 14.37 -16.53
CA GLN C 211 -34.14 13.13 -16.32
C GLN C 211 -35.53 13.21 -16.95
N GLY C 212 -35.90 12.16 -17.68
CA GLY C 212 -37.14 12.16 -18.43
C GLY C 212 -37.07 12.86 -19.77
N GLY C 213 -35.91 13.42 -20.13
CA GLY C 213 -35.79 14.11 -21.39
C GLY C 213 -35.55 13.19 -22.56
N ILE C 214 -35.57 13.77 -23.75
CA ILE C 214 -35.43 13.01 -25.00
C ILE C 214 -34.36 13.69 -25.85
N GLY C 215 -33.49 12.89 -26.46
CA GLY C 215 -32.51 13.38 -27.40
C GLY C 215 -32.62 12.66 -28.73
N SER C 216 -32.28 13.38 -29.80
CA SER C 216 -32.31 12.80 -31.14
C SER C 216 -31.23 13.47 -31.99
N VAL C 217 -30.32 12.66 -32.54
CA VAL C 217 -29.19 13.16 -33.31
C VAL C 217 -29.05 12.33 -34.58
N ILE C 218 -28.36 12.91 -35.56
CA ILE C 218 -27.90 12.18 -36.75
C ILE C 218 -26.38 12.18 -36.72
N THR C 219 -25.79 10.99 -36.75
CA THR C 219 -24.35 10.79 -36.66
C THR C 219 -23.94 9.74 -37.69
N PRO C 220 -22.66 9.43 -37.86
CA PRO C 220 -22.30 8.28 -38.69
C PRO C 220 -22.82 6.99 -38.08
N ARG C 221 -23.11 6.02 -38.95
CA ARG C 221 -23.62 4.72 -38.51
C ARG C 221 -22.54 3.79 -37.98
N TYR C 222 -21.25 4.11 -38.19
CA TYR C 222 -20.20 3.12 -38.02
C TYR C 222 -20.06 2.64 -36.58
N PHE C 223 -20.40 3.49 -35.60
CA PHE C 223 -20.24 3.09 -34.21
C PHE C 223 -21.15 1.93 -33.82
N LEU C 224 -22.15 1.61 -34.64
CA LEU C 224 -23.02 0.46 -34.35
C LEU C 224 -22.29 -0.86 -34.51
N GLU C 225 -21.27 -0.92 -35.36
CA GLU C 225 -20.51 -2.14 -35.60
C GLU C 225 -19.02 -2.03 -35.33
N SER C 226 -18.46 -0.83 -35.32
CA SER C 226 -17.01 -0.66 -35.30
C SER C 226 -16.39 -1.11 -33.98
N LEU C 227 -15.13 -1.53 -34.06
CA LEU C 227 -14.39 -1.89 -32.86
C LEU C 227 -14.18 -0.69 -31.95
N SER C 228 -13.93 0.49 -32.53
CA SER C 228 -13.72 1.69 -31.73
C SER C 228 -14.98 2.13 -31.00
N GLY C 229 -16.14 1.64 -31.41
CA GLY C 229 -17.39 2.03 -30.79
C GLY C 229 -17.85 1.15 -29.65
N LYS C 230 -17.02 0.21 -29.19
CA LYS C 230 -17.46 -0.69 -28.13
C LYS C 230 -17.77 0.08 -26.85
N ASP C 231 -16.91 1.03 -26.47
CA ASP C 231 -17.15 1.81 -25.26
C ASP C 231 -18.39 2.69 -25.41
N LEU C 232 -18.56 3.33 -26.58
CA LEU C 232 -19.71 4.20 -26.77
C LEU C 232 -21.02 3.43 -26.67
N ARG C 233 -21.08 2.24 -27.29
CA ARG C 233 -22.31 1.45 -27.25
C ARG C 233 -22.67 1.06 -25.82
N GLU C 234 -21.67 0.69 -25.02
CA GLU C 234 -21.94 0.37 -23.62
C GLU C 234 -22.40 1.62 -22.86
N TYR C 235 -21.80 2.78 -23.12
CA TYR C 235 -22.21 3.99 -22.44
C TYR C 235 -23.64 4.39 -22.80
N ILE C 236 -24.00 4.27 -24.08
CA ILE C 236 -25.37 4.53 -24.50
C ILE C 236 -26.32 3.51 -23.89
N LYS C 237 -25.95 2.23 -23.97
CA LYS C 237 -26.83 1.15 -23.51
C LYS C 237 -27.11 1.23 -22.02
N SER C 238 -26.16 1.73 -21.23
CA SER C 238 -26.30 1.72 -19.78
C SER C 238 -26.89 3.01 -19.21
N ASN C 239 -26.96 4.09 -19.99
CA ASN C 239 -27.36 5.39 -19.45
C ASN C 239 -28.67 5.94 -19.99
N VAL C 240 -29.15 5.47 -21.14
CA VAL C 240 -30.40 5.93 -21.72
C VAL C 240 -31.18 4.73 -22.24
N ASN C 241 -32.48 4.94 -22.44
CA ASN C 241 -33.31 4.01 -23.18
C ASN C 241 -33.32 4.44 -24.63
N VAL C 242 -32.94 3.52 -25.52
CA VAL C 242 -32.88 3.80 -26.96
C VAL C 242 -34.27 3.57 -27.54
N GLN C 243 -34.92 4.65 -28.00
CA GLN C 243 -36.24 4.52 -28.57
C GLN C 243 -36.20 3.88 -29.95
N GLU C 244 -35.29 4.35 -30.80
CA GLU C 244 -35.40 4.05 -32.22
C GLU C 244 -34.07 4.30 -32.92
N ILE C 245 -33.72 3.41 -33.84
CA ILE C 245 -32.54 3.55 -34.68
C ILE C 245 -33.01 3.55 -36.13
N VAL C 246 -32.71 4.61 -36.85
CA VAL C 246 -32.91 4.68 -38.30
C VAL C 246 -31.54 4.50 -38.93
N ASP C 247 -31.32 3.36 -39.58
CA ASP C 247 -30.05 3.04 -40.22
C ASP C 247 -30.20 3.14 -41.72
N PHE C 248 -29.47 4.07 -42.32
CA PHE C 248 -29.49 4.26 -43.77
C PHE C 248 -28.45 3.44 -44.50
N LEU C 249 -27.69 2.60 -43.78
CA LEU C 249 -26.65 1.76 -44.36
C LEU C 249 -25.77 2.62 -45.26
N GLY C 250 -25.52 2.22 -46.50
CA GLY C 250 -24.63 2.95 -47.38
C GLY C 250 -25.27 4.06 -48.18
N ALA C 251 -26.50 4.43 -47.90
CA ALA C 251 -27.16 5.51 -48.63
C ALA C 251 -26.42 6.82 -48.43
N ASN C 252 -26.67 7.77 -49.33
CA ASN C 252 -25.97 9.06 -49.33
C ASN C 252 -26.95 10.13 -48.88
N ILE C 253 -26.99 10.37 -47.57
CA ILE C 253 -27.87 11.40 -47.02
C ILE C 253 -27.31 12.80 -47.31
N PHE C 254 -26.00 12.98 -47.18
CA PHE C 254 -25.37 14.28 -47.37
C PHE C 254 -24.75 14.34 -48.76
N LYS C 255 -25.21 15.28 -49.57
CA LYS C 255 -24.75 15.38 -50.95
C LYS C 255 -23.26 15.70 -51.00
N ASN C 256 -22.52 14.94 -51.81
CA ASN C 256 -21.09 15.10 -52.01
C ASN C 256 -20.28 14.88 -50.73
N ILE C 257 -20.83 14.12 -49.78
CA ILE C 257 -20.12 13.77 -48.55
C ILE C 257 -20.00 12.25 -48.49
N GLY C 258 -18.79 11.77 -48.26
CA GLY C 258 -18.55 10.34 -48.19
C GLY C 258 -18.76 9.77 -46.80
N VAL C 259 -19.99 9.86 -46.29
CA VAL C 259 -20.32 9.34 -44.97
C VAL C 259 -21.65 8.61 -45.06
N SER C 260 -21.79 7.58 -44.22
CA SER C 260 -23.04 6.84 -44.07
C SER C 260 -23.64 7.18 -42.70
N SER C 261 -24.95 7.44 -42.69
CA SER C 261 -25.59 8.12 -41.58
C SER C 261 -26.61 7.24 -40.87
N CYS C 262 -26.93 7.63 -39.63
CA CYS C 262 -28.04 7.03 -38.89
C CYS C 262 -28.64 8.08 -37.98
N ILE C 263 -29.87 7.81 -37.53
CA ILE C 263 -30.60 8.68 -36.62
C ILE C 263 -30.90 7.92 -35.35
N LEU C 264 -30.49 8.46 -34.21
CA LEU C 264 -30.64 7.82 -32.91
C LEU C 264 -31.55 8.66 -32.04
N THR C 265 -32.64 8.06 -31.55
CA THR C 265 -33.55 8.70 -30.62
C THR C 265 -33.53 7.92 -29.31
N PHE C 266 -33.36 8.63 -28.20
CA PHE C 266 -33.20 8.01 -26.89
C PHE C 266 -33.77 8.93 -25.83
N ASP C 267 -34.01 8.36 -24.65
CA ASP C 267 -34.61 9.12 -23.56
C ASP C 267 -34.03 8.65 -22.24
N LYS C 268 -34.31 9.41 -21.18
CA LYS C 268 -33.96 9.07 -19.81
C LYS C 268 -35.21 8.92 -18.97
N LYS C 269 -36.22 8.22 -19.49
CA LYS C 269 -37.52 8.11 -18.84
C LYS C 269 -37.59 6.84 -17.99
N LYS C 270 -38.66 6.76 -17.19
CA LYS C 270 -38.95 5.55 -16.43
C LYS C 270 -39.08 4.37 -17.39
N THR C 271 -38.21 3.37 -17.22
CA THR C 271 -38.06 2.32 -18.21
C THR C 271 -39.35 1.52 -18.38
N LYS C 272 -39.59 1.11 -19.63
CA LYS C 272 -40.81 0.41 -20.01
C LYS C 272 -40.39 -0.89 -20.68
N GLU C 273 -41.32 -1.52 -21.41
CA GLU C 273 -41.05 -2.76 -22.14
C GLU C 273 -39.80 -2.65 -23.03
N THR C 274 -39.33 -1.43 -23.26
CA THR C 274 -38.03 -1.10 -23.86
C THR C 274 -37.68 -2.03 -25.03
N TYR C 275 -38.55 -2.03 -26.02
CA TYR C 275 -38.26 -2.65 -27.31
C TYR C 275 -37.84 -1.55 -28.27
N ILE C 276 -36.61 -1.66 -28.79
CA ILE C 276 -36.05 -0.65 -29.67
C ILE C 276 -36.59 -0.86 -31.08
N ASP C 277 -37.14 0.19 -31.67
CA ASP C 277 -37.59 0.15 -33.05
C ASP C 277 -36.39 0.40 -33.96
N VAL C 278 -36.07 -0.56 -34.81
CA VAL C 278 -34.94 -0.45 -35.73
C VAL C 278 -35.49 -0.36 -37.15
N PHE C 279 -35.06 0.68 -37.88
CA PHE C 279 -35.44 0.88 -39.27
C PHE C 279 -34.17 0.78 -40.12
N LYS C 280 -34.01 -0.34 -40.83
CA LYS C 280 -32.89 -0.55 -41.73
C LYS C 280 -33.37 -0.40 -43.17
N ILE C 281 -32.69 0.45 -43.94
CA ILE C 281 -33.11 0.73 -45.31
C ILE C 281 -32.90 -0.52 -46.15
N LYS C 282 -33.86 -0.79 -47.04
CA LYS C 282 -33.78 -1.97 -47.88
C LYS C 282 -33.06 -1.73 -49.20
N ASN C 283 -33.10 -0.51 -49.71
CA ASN C 283 -32.41 -0.15 -50.95
C ASN C 283 -31.53 1.06 -50.70
N GLU C 284 -30.21 0.89 -50.89
CA GLU C 284 -29.26 1.95 -50.59
C GLU C 284 -29.27 3.07 -51.63
N ASP C 285 -29.98 2.89 -52.75
CA ASP C 285 -29.89 3.81 -53.88
C ASP C 285 -30.86 4.99 -53.81
N ILE C 286 -31.69 5.07 -52.76
CA ILE C 286 -32.72 6.11 -52.72
C ILE C 286 -32.10 7.49 -52.60
N CYS C 287 -32.73 8.47 -53.24
CA CYS C 287 -32.37 9.87 -53.12
C CYS C 287 -33.24 10.51 -52.04
N ILE C 288 -32.61 11.04 -50.99
CA ILE C 288 -33.35 11.51 -49.83
C ILE C 288 -34.20 12.74 -50.18
N ASN C 289 -33.73 13.59 -51.09
CA ASN C 289 -34.41 14.83 -51.39
C ASN C 289 -35.67 14.64 -52.22
N LYS C 290 -35.95 13.42 -52.68
CA LYS C 290 -37.13 13.16 -53.48
C LYS C 290 -38.32 12.67 -52.64
N PHE C 291 -38.34 12.98 -51.34
CA PHE C 291 -39.43 12.58 -50.46
C PHE C 291 -39.88 13.76 -49.61
N GLU C 292 -41.18 13.77 -49.30
CA GLU C 292 -41.75 14.90 -48.57
C GLU C 292 -41.52 14.76 -47.06
N THR C 293 -41.66 13.55 -46.52
CA THR C 293 -41.41 13.31 -45.12
C THR C 293 -40.60 12.03 -44.97
N LEU C 294 -39.88 11.93 -43.85
CA LEU C 294 -39.16 10.70 -43.56
C LEU C 294 -40.12 9.59 -43.13
N GLU C 295 -41.23 9.94 -42.49
CA GLU C 295 -42.25 8.96 -42.15
C GLU C 295 -42.74 8.24 -43.40
N GLU C 296 -42.83 8.96 -44.52
CA GLU C 296 -43.21 8.32 -45.78
C GLU C 296 -42.23 7.22 -46.16
N LEU C 297 -40.93 7.46 -45.98
CA LEU C 297 -39.94 6.42 -46.27
C LEU C 297 -40.01 5.28 -45.28
N LEU C 298 -40.12 5.58 -43.98
CA LEU C 298 -40.02 4.54 -42.96
C LEU C 298 -41.22 3.61 -42.99
N LYS C 299 -42.41 4.14 -43.28
CA LYS C 299 -43.63 3.34 -43.39
C LYS C 299 -43.75 2.64 -44.73
N SER C 300 -42.66 2.55 -45.49
CA SER C 300 -42.70 2.05 -46.85
C SER C 300 -42.15 0.62 -46.94
N SER C 301 -42.25 0.06 -48.13
CA SER C 301 -41.52 -1.14 -48.49
C SER C 301 -40.02 -0.90 -48.59
N LYS C 302 -39.60 0.37 -48.60
CA LYS C 302 -38.19 0.71 -48.73
C LYS C 302 -37.42 0.54 -47.43
N PHE C 303 -38.10 0.30 -46.32
CA PHE C 303 -37.45 0.13 -45.02
C PHE C 303 -37.98 -1.12 -44.34
N GLU C 304 -37.07 -1.89 -43.76
CA GLU C 304 -37.44 -3.00 -42.90
C GLU C 304 -37.50 -2.52 -41.46
N HIS C 305 -38.45 -3.05 -40.70
CA HIS C 305 -38.57 -2.75 -39.28
C HIS C 305 -38.56 -4.04 -38.47
N PHE C 306 -37.91 -3.98 -37.31
CA PHE C 306 -37.97 -5.07 -36.34
C PHE C 306 -37.63 -4.52 -34.97
N ASN C 307 -38.04 -5.27 -33.94
CA ASN C 307 -37.84 -4.88 -32.56
C ASN C 307 -36.60 -5.55 -31.98
N ILE C 308 -35.87 -4.81 -31.15
CA ILE C 308 -34.69 -5.31 -30.45
C ILE C 308 -34.87 -5.03 -28.96
N ASN C 309 -34.65 -6.05 -28.14
CA ASN C 309 -34.69 -5.87 -26.70
C ASN C 309 -33.37 -5.29 -26.22
N GLN C 310 -33.42 -4.10 -25.62
CA GLN C 310 -32.19 -3.45 -25.18
C GLN C 310 -31.50 -4.23 -24.07
N ARG C 311 -32.27 -4.89 -23.21
CA ARG C 311 -31.68 -5.64 -22.10
C ARG C 311 -30.84 -6.81 -22.61
N LEU C 312 -31.16 -7.35 -23.77
CA LEU C 312 -30.46 -8.51 -24.33
C LEU C 312 -29.25 -8.13 -25.17
N LEU C 313 -28.97 -6.84 -25.35
CA LEU C 313 -27.80 -6.44 -26.12
C LEU C 313 -26.52 -6.76 -25.38
N SER C 314 -25.53 -7.25 -26.12
CA SER C 314 -24.18 -7.42 -25.62
C SER C 314 -23.38 -6.15 -25.91
N ASP C 315 -22.05 -6.21 -25.78
CA ASP C 315 -21.21 -5.12 -26.27
C ASP C 315 -21.21 -5.03 -27.79
N GLU C 316 -21.65 -6.09 -28.48
CA GLU C 316 -21.86 -6.07 -29.92
C GLU C 316 -23.36 -6.02 -30.17
N TRP C 317 -23.81 -5.02 -30.92
CA TRP C 317 -25.24 -4.83 -31.18
C TRP C 317 -25.58 -5.52 -32.50
N ILE C 318 -26.17 -6.71 -32.40
CA ILE C 318 -26.59 -7.47 -33.57
C ILE C 318 -28.02 -7.06 -33.87
N LEU C 319 -28.17 -6.01 -34.67
CA LEU C 319 -29.49 -5.47 -34.99
C LEU C 319 -29.98 -6.12 -36.28
N VAL C 320 -30.54 -7.32 -36.12
CA VAL C 320 -31.06 -8.09 -37.24
C VAL C 320 -32.41 -8.66 -36.85
N ASN C 321 -33.17 -9.09 -37.87
CA ASN C 321 -34.47 -9.69 -37.61
C ASN C 321 -34.29 -11.08 -37.00
N LYS C 322 -35.42 -11.71 -36.64
CA LYS C 322 -35.36 -12.97 -35.93
C LYS C 322 -34.81 -14.10 -36.79
N ASP C 323 -35.06 -14.06 -38.11
CA ASP C 323 -34.53 -15.10 -38.99
C ASP C 323 -33.01 -15.07 -39.02
N ASP C 324 -32.42 -13.88 -39.18
CA ASP C 324 -30.96 -13.77 -39.18
C ASP C 324 -30.38 -14.14 -37.82
N GLU C 325 -31.06 -13.77 -36.73
CA GLU C 325 -30.58 -14.10 -35.40
C GLU C 325 -30.46 -15.62 -35.23
N THR C 326 -31.51 -16.36 -35.63
CA THR C 326 -31.45 -17.82 -35.58
C THR C 326 -30.39 -18.37 -36.52
N PHE C 327 -30.30 -17.81 -37.73
CA PHE C 327 -29.28 -18.23 -38.69
C PHE C 327 -27.88 -17.99 -38.14
N TYR C 328 -27.65 -16.80 -37.60
CA TYR C 328 -26.34 -16.46 -37.06
C TYR C 328 -25.98 -17.34 -35.87
N ASN C 329 -26.93 -17.50 -34.94
CA ASN C 329 -26.65 -18.28 -33.74
C ASN C 329 -26.41 -19.75 -34.07
N LYS C 330 -27.15 -20.28 -35.05
CA LYS C 330 -26.98 -21.68 -35.43
C LYS C 330 -25.57 -21.95 -35.94
N ILE C 331 -25.05 -21.04 -36.78
CA ILE C 331 -23.69 -21.20 -37.29
C ILE C 331 -22.67 -21.08 -36.15
N GLN C 332 -22.90 -20.15 -35.22
CA GLN C 332 -21.97 -19.95 -34.12
C GLN C 332 -21.87 -21.18 -33.23
N GLU C 333 -23.01 -21.82 -32.94
CA GLU C 333 -23.01 -22.98 -32.07
C GLU C 333 -22.37 -24.19 -32.74
N LYS C 334 -22.62 -24.39 -34.04
CA LYS C 334 -22.16 -25.59 -34.71
C LYS C 334 -20.65 -25.60 -34.88
N CYS C 335 -20.06 -24.45 -35.19
CA CYS C 335 -18.62 -24.39 -35.46
C CYS C 335 -17.81 -24.45 -34.18
N LYS C 336 -16.70 -25.19 -34.23
CA LYS C 336 -15.83 -25.37 -33.08
C LYS C 336 -14.57 -24.52 -33.15
N TYR C 337 -14.25 -23.97 -34.32
CA TYR C 337 -13.05 -23.17 -34.52
C TYR C 337 -13.41 -21.78 -34.97
N SER C 338 -12.48 -20.84 -34.78
CA SER C 338 -12.53 -19.56 -35.44
C SER C 338 -11.30 -19.44 -36.34
N LEU C 339 -11.36 -18.51 -37.29
CA LEU C 339 -10.21 -18.28 -38.15
C LEU C 339 -8.99 -17.87 -37.34
N GLU C 340 -9.22 -17.06 -36.30
CA GLU C 340 -8.13 -16.65 -35.42
C GLU C 340 -7.46 -17.85 -34.77
N ASP C 341 -8.22 -18.91 -34.48
CA ASP C 341 -7.66 -20.10 -33.86
C ASP C 341 -6.63 -20.78 -34.76
N ILE C 342 -6.92 -20.85 -36.06
CA ILE C 342 -6.15 -21.69 -36.97
C ILE C 342 -5.19 -20.91 -37.86
N ALA C 343 -5.22 -19.59 -37.84
CA ALA C 343 -4.50 -18.82 -38.84
C ALA C 343 -3.73 -17.66 -38.20
N ILE C 344 -2.68 -17.23 -38.91
CA ILE C 344 -1.92 -16.04 -38.55
C ILE C 344 -2.32 -14.93 -39.52
N SER C 345 -2.97 -13.90 -39.01
CA SER C 345 -3.40 -12.77 -39.82
C SER C 345 -2.33 -11.68 -39.81
N PHE C 346 -2.28 -10.90 -40.90
CA PHE C 346 -1.41 -9.73 -40.93
C PHE C 346 -1.86 -8.76 -42.01
N GLN C 347 -1.59 -7.48 -41.77
CA GLN C 347 -1.88 -6.40 -42.69
C GLN C 347 -0.73 -6.22 -43.68
N GLY C 348 -1.04 -5.69 -44.86
CA GLY C 348 -0.05 -5.54 -45.91
C GLY C 348 0.99 -4.47 -45.59
N ILE C 349 1.89 -4.30 -46.55
CA ILE C 349 2.94 -3.28 -46.44
C ILE C 349 2.32 -1.90 -46.39
N ILE C 350 2.86 -1.04 -45.53
CA ILE C 350 2.55 0.38 -45.55
C ILE C 350 3.87 1.10 -45.85
N THR C 351 4.04 1.52 -47.10
CA THR C 351 5.28 2.19 -47.49
C THR C 351 5.40 3.55 -46.85
N GLY C 352 4.27 4.25 -46.67
CA GLY C 352 4.25 5.63 -46.24
C GLY C 352 4.25 6.63 -47.38
N CYS C 353 4.68 6.21 -48.58
CA CYS C 353 4.53 7.01 -49.79
C CYS C 353 4.62 6.05 -50.98
N ASP C 354 3.48 5.64 -51.51
CA ASP C 354 3.50 4.61 -52.55
C ASP C 354 4.19 5.10 -53.81
N LYS C 355 4.07 6.40 -54.12
CA LYS C 355 4.64 6.95 -55.35
C LYS C 355 6.15 6.82 -55.38
N ALA C 356 6.80 6.61 -54.24
CA ALA C 356 8.24 6.48 -54.20
C ALA C 356 8.72 5.04 -54.33
N PHE C 357 7.85 4.05 -54.11
CA PHE C 357 8.26 2.66 -54.08
C PHE C 357 7.51 1.74 -55.05
N ILE C 358 6.40 2.18 -55.64
CA ILE C 358 5.57 1.34 -56.48
C ILE C 358 5.66 1.84 -57.92
N LEU C 359 6.00 0.94 -58.84
CA LEU C 359 6.10 1.28 -60.25
C LEU C 359 5.29 0.27 -61.06
N SER C 360 4.74 0.74 -62.18
CA SER C 360 4.17 -0.16 -63.15
C SER C 360 5.26 -1.10 -63.66
N LYS C 361 4.89 -2.37 -63.88
CA LYS C 361 5.92 -3.32 -64.30
C LYS C 361 6.45 -3.04 -65.69
N ASP C 362 5.78 -2.18 -66.45
CA ASP C 362 6.25 -1.75 -67.76
C ASP C 362 7.10 -0.48 -67.69
N ASP C 363 7.36 0.04 -66.50
CA ASP C 363 8.15 1.25 -66.36
C ASP C 363 9.63 0.96 -66.62
N VAL C 364 10.27 1.81 -67.44
CA VAL C 364 11.68 1.62 -67.76
C VAL C 364 12.57 1.96 -66.57
N LYS C 365 12.08 2.74 -65.61
CA LYS C 365 12.86 3.00 -64.41
C LYS C 365 13.21 1.73 -63.66
N LEU C 366 12.47 0.64 -63.88
CA LEU C 366 12.80 -0.64 -63.28
C LEU C 366 14.10 -1.22 -63.83
N ASN C 367 14.64 -0.65 -64.91
CA ASN C 367 15.98 -1.03 -65.34
C ASN C 367 17.06 -0.55 -64.37
N LEU C 368 16.72 0.36 -63.47
CA LEU C 368 17.64 0.83 -62.45
C LEU C 368 17.60 -0.01 -61.18
N VAL C 369 16.64 -0.93 -61.06
CA VAL C 369 16.42 -1.71 -59.85
C VAL C 369 16.75 -3.16 -60.14
N ASP C 370 17.69 -3.73 -59.39
CA ASP C 370 17.98 -5.14 -59.52
C ASP C 370 16.77 -5.96 -59.08
N ASP C 371 16.53 -7.07 -59.77
CA ASP C 371 15.30 -7.83 -59.55
C ASP C 371 15.22 -8.45 -58.17
N LYS C 372 16.34 -8.55 -57.45
CA LYS C 372 16.29 -9.10 -56.10
C LYS C 372 15.59 -8.17 -55.12
N PHE C 373 15.44 -6.89 -55.46
CA PHE C 373 14.70 -5.95 -54.63
C PHE C 373 13.22 -5.84 -55.00
N LEU C 374 12.81 -6.42 -56.12
CA LEU C 374 11.47 -6.18 -56.66
C LEU C 374 10.49 -7.26 -56.22
N LYS C 375 9.29 -6.83 -55.83
CA LYS C 375 8.22 -7.72 -55.42
C LYS C 375 6.98 -7.43 -56.26
N CYS C 376 6.18 -8.46 -56.49
CA CYS C 376 4.88 -8.26 -57.12
C CYS C 376 3.93 -7.56 -56.16
N TRP C 377 3.12 -6.66 -56.70
CA TRP C 377 2.29 -5.74 -55.92
C TRP C 377 0.87 -5.78 -56.47
N ILE C 378 -0.07 -6.33 -55.70
CA ILE C 378 -1.47 -6.38 -56.11
C ILE C 378 -2.27 -5.37 -55.29
N LYS C 379 -3.38 -4.93 -55.87
CA LYS C 379 -4.33 -4.04 -55.23
C LYS C 379 -5.61 -4.82 -54.90
N SER C 380 -6.51 -4.16 -54.15
CA SER C 380 -7.79 -4.79 -53.83
C SER C 380 -8.57 -5.15 -55.09
N LYS C 381 -8.34 -4.41 -56.17
CA LYS C 381 -8.97 -4.71 -57.45
C LYS C 381 -8.70 -6.13 -57.91
N ASN C 382 -7.51 -6.65 -57.60
CA ASN C 382 -7.03 -7.89 -58.18
C ASN C 382 -7.58 -9.14 -57.51
N ILE C 383 -8.19 -9.02 -56.33
CA ILE C 383 -8.67 -10.20 -55.62
C ILE C 383 -10.04 -10.59 -56.19
N ASN C 384 -10.15 -11.81 -56.69
CA ASN C 384 -11.42 -12.43 -57.00
C ASN C 384 -11.67 -13.56 -56.00
N LYS C 385 -12.84 -14.17 -56.10
CA LYS C 385 -13.07 -15.42 -55.39
C LYS C 385 -12.11 -16.49 -55.91
N TYR C 386 -11.37 -17.08 -54.99
CA TYR C 386 -10.45 -18.22 -55.16
C TYR C 386 -9.12 -17.91 -55.82
N ILE C 387 -8.97 -16.77 -56.52
CA ILE C 387 -7.76 -16.52 -57.31
C ILE C 387 -7.51 -15.03 -57.42
N VAL C 388 -6.26 -14.68 -57.75
CA VAL C 388 -5.79 -13.31 -57.81
C VAL C 388 -5.39 -13.00 -59.25
N ASP C 389 -5.73 -11.79 -59.71
CA ASP C 389 -5.27 -11.34 -61.01
C ASP C 389 -3.75 -11.22 -61.03
N LYS C 390 -3.15 -11.43 -62.20
CA LYS C 390 -1.74 -11.16 -62.38
C LYS C 390 -1.42 -9.72 -62.02
N SER C 391 -0.35 -9.52 -61.27
CA SER C 391 -0.01 -8.20 -60.76
C SER C 391 0.52 -7.30 -61.88
N GLU C 392 0.15 -6.02 -61.82
CA GLU C 392 0.56 -5.02 -62.79
C GLU C 392 1.65 -4.09 -62.27
N TYR C 393 1.91 -4.09 -60.97
CA TYR C 393 2.87 -3.19 -60.36
C TYR C 393 3.97 -3.98 -59.68
N ARG C 394 5.08 -3.29 -59.39
CA ARG C 394 6.18 -3.84 -58.63
C ARG C 394 6.47 -2.96 -57.42
N LEU C 395 6.90 -3.59 -56.33
CA LEU C 395 7.29 -2.90 -55.11
C LEU C 395 8.80 -2.95 -54.97
N ILE C 396 9.41 -1.79 -54.78
CA ILE C 396 10.83 -1.72 -54.44
C ILE C 396 10.95 -1.94 -52.94
N TYR C 397 11.42 -3.13 -52.55
CA TYR C 397 11.57 -3.44 -51.13
C TYR C 397 12.87 -2.81 -50.66
N SER C 398 12.80 -1.50 -50.40
CA SER C 398 14.00 -0.71 -50.15
C SER C 398 14.70 -1.08 -48.85
N ASN C 399 14.04 -1.79 -47.95
CA ASN C 399 14.67 -2.16 -46.69
C ASN C 399 15.87 -3.08 -46.89
N ASP C 400 15.98 -3.73 -48.04
CA ASP C 400 17.11 -4.60 -48.34
C ASP C 400 18.30 -3.86 -48.93
N ILE C 401 18.20 -2.54 -49.11
CA ILE C 401 19.35 -1.71 -49.42
C ILE C 401 19.97 -1.31 -48.08
N ASP C 402 21.15 -1.87 -47.77
CA ASP C 402 21.67 -1.79 -46.41
C ASP C 402 22.16 -0.39 -46.04
N ASN C 403 22.62 0.39 -47.01
CA ASN C 403 23.01 1.77 -46.74
C ASN C 403 22.90 2.58 -48.02
N GLU C 404 23.08 3.90 -47.88
CA GLU C 404 22.84 4.81 -48.99
C GLU C 404 23.81 4.58 -50.15
N ASN C 405 25.08 4.35 -49.85
CA ASN C 405 26.13 4.44 -50.86
C ASN C 405 26.32 3.16 -51.67
N THR C 406 25.52 2.12 -51.44
CA THR C 406 25.64 0.90 -52.24
C THR C 406 24.83 0.96 -53.53
N ASN C 407 23.57 1.38 -53.45
CA ASN C 407 22.66 1.43 -54.60
C ASN C 407 22.16 2.84 -54.84
N LYS C 408 23.07 3.81 -54.87
CA LYS C 408 22.68 5.21 -54.89
C LYS C 408 21.75 5.54 -56.05
N ARG C 409 21.87 4.83 -57.18
CA ARG C 409 21.05 5.16 -58.35
C ARG C 409 19.56 5.01 -58.06
N ILE C 410 19.18 3.95 -57.35
CA ILE C 410 17.78 3.76 -56.98
C ILE C 410 17.31 4.91 -56.10
N LEU C 411 18.12 5.26 -55.10
CA LEU C 411 17.74 6.31 -54.15
C LEU C 411 17.67 7.68 -54.83
N ASP C 412 18.59 7.94 -55.76
CA ASP C 412 18.63 9.26 -56.40
C ASP C 412 17.55 9.42 -57.45
N GLU C 413 17.24 8.37 -58.20
CA GLU C 413 16.39 8.51 -59.37
C GLU C 413 14.96 8.06 -59.16
N ILE C 414 14.68 7.27 -58.13
CA ILE C 414 13.32 6.78 -57.93
C ILE C 414 12.79 7.21 -56.57
N ILE C 415 13.40 6.71 -55.49
CA ILE C 415 12.87 6.90 -54.15
C ILE C 415 13.03 8.36 -53.71
N GLY C 416 14.18 8.96 -54.02
CA GLY C 416 14.49 10.29 -53.53
C GLY C 416 13.69 11.41 -54.15
N LEU C 417 12.94 11.13 -55.22
CA LEU C 417 12.05 12.14 -55.77
C LEU C 417 10.98 12.58 -54.77
N TYR C 418 10.73 11.77 -53.74
CA TYR C 418 9.79 12.09 -52.69
C TYR C 418 10.49 12.16 -51.33
N LYS C 419 11.77 12.52 -51.33
CA LYS C 419 12.57 12.44 -50.11
C LYS C 419 11.99 13.32 -49.01
N THR C 420 11.48 14.50 -49.37
CA THR C 420 10.93 15.39 -48.37
C THR C 420 9.72 14.78 -47.68
N LYS C 421 8.80 14.19 -48.45
CA LYS C 421 7.66 13.53 -47.82
C LYS C 421 8.10 12.32 -47.02
N LEU C 422 9.09 11.58 -47.52
CA LEU C 422 9.60 10.43 -46.78
C LEU C 422 10.21 10.86 -45.45
N GLU C 423 11.00 11.94 -45.46
CA GLU C 423 11.62 12.42 -44.24
C GLU C 423 10.61 12.90 -43.21
N ASN C 424 9.39 13.22 -43.63
CA ASN C 424 8.40 13.74 -42.71
C ASN C 424 7.58 12.63 -42.03
N ARG C 425 7.78 11.38 -42.40
CA ARG C 425 7.10 10.29 -41.72
C ARG C 425 7.60 10.19 -40.28
N ARG C 426 6.73 9.68 -39.40
CA ARG C 426 6.98 9.76 -37.97
C ARG C 426 8.27 9.04 -37.59
N GLU C 427 8.47 7.83 -38.10
CA GLU C 427 9.64 7.04 -37.72
C GLU C 427 10.93 7.60 -38.32
N CYS C 428 10.85 8.40 -39.38
CA CYS C 428 12.04 9.08 -39.87
C CYS C 428 12.39 10.28 -39.02
N LYS C 429 11.38 10.97 -38.46
CA LYS C 429 11.65 12.11 -37.61
C LYS C 429 12.26 11.68 -36.27
N SER C 430 11.88 10.50 -35.78
CA SER C 430 12.49 9.96 -34.57
C SER C 430 13.82 9.26 -34.83
N GLY C 431 14.18 9.05 -36.10
CA GLY C 431 15.48 8.52 -36.43
C GLY C 431 15.62 7.02 -36.31
N ILE C 432 14.53 6.27 -36.13
CA ILE C 432 14.61 4.81 -36.11
C ILE C 432 14.37 4.21 -37.49
N ARG C 433 14.03 5.03 -38.48
CA ARG C 433 13.79 4.58 -39.83
C ARG C 433 14.53 5.50 -40.79
N LYS C 434 15.33 4.91 -41.69
CA LYS C 434 16.01 5.70 -42.70
C LYS C 434 14.99 6.28 -43.69
N TRP C 435 15.38 7.39 -44.32
CA TRP C 435 14.43 8.12 -45.16
C TRP C 435 13.98 7.30 -46.36
N TYR C 436 14.84 6.44 -46.87
CA TYR C 436 14.54 5.66 -48.07
C TYR C 436 13.90 4.31 -47.76
N GLU C 437 13.71 3.98 -46.49
CA GLU C 437 13.13 2.70 -46.13
C GLU C 437 11.60 2.76 -46.12
N LEU C 438 10.98 1.59 -46.28
CA LEU C 438 9.54 1.48 -46.12
C LEU C 438 9.17 1.77 -44.67
N GLN C 439 8.03 2.44 -44.47
CA GLN C 439 7.64 2.79 -43.11
C GLN C 439 7.31 1.55 -42.30
N TRP C 440 6.46 0.67 -42.82
CA TRP C 440 6.12 -0.59 -42.16
C TRP C 440 6.31 -1.72 -43.18
N GLY C 441 7.54 -2.23 -43.26
CA GLY C 441 7.91 -3.26 -44.20
C GLY C 441 7.52 -4.67 -43.83
N ARG C 442 6.98 -4.87 -42.63
CA ARG C 442 6.49 -6.17 -42.15
C ARG C 442 7.62 -7.19 -42.25
N GLU C 443 7.28 -8.46 -42.47
CA GLU C 443 8.26 -9.53 -42.63
C GLU C 443 8.09 -10.18 -43.99
N LYS C 444 9.18 -10.22 -44.76
CA LYS C 444 9.09 -10.71 -46.14
C LYS C 444 8.57 -12.14 -46.20
N LEU C 445 9.08 -13.01 -45.34
CA LEU C 445 8.69 -14.42 -45.43
C LEU C 445 7.25 -14.66 -44.99
N PHE C 446 6.56 -13.65 -44.47
CA PHE C 446 5.11 -13.78 -44.33
C PHE C 446 4.41 -13.70 -45.69
N PHE C 447 4.86 -12.77 -46.54
CA PHE C 447 4.25 -12.61 -47.86
C PHE C 447 4.72 -13.67 -48.83
N GLU C 448 5.99 -14.08 -48.75
CA GLU C 448 6.59 -14.95 -49.76
C GLU C 448 6.35 -16.41 -49.39
N ARG C 449 5.08 -16.79 -49.47
CA ARG C 449 4.64 -18.14 -49.13
C ARG C 449 3.21 -18.29 -49.63
N LYS C 450 2.73 -19.54 -49.61
CA LYS C 450 1.33 -19.79 -49.92
C LYS C 450 0.47 -19.21 -48.81
N LYS C 451 -0.58 -18.49 -49.20
CA LYS C 451 -1.44 -17.82 -48.23
C LYS C 451 -2.76 -17.45 -48.90
N ILE C 452 -3.66 -16.86 -48.13
CA ILE C 452 -4.95 -16.40 -48.59
C ILE C 452 -5.01 -14.88 -48.45
N MET C 453 -5.54 -14.20 -49.47
CA MET C 453 -5.64 -12.75 -49.49
C MET C 453 -7.08 -12.35 -49.81
N TYR C 454 -7.50 -11.21 -49.26
CA TYR C 454 -8.86 -10.71 -49.47
C TYR C 454 -8.84 -9.19 -49.39
N PRO C 455 -9.69 -8.52 -50.16
CA PRO C 455 -9.70 -7.04 -50.13
C PRO C 455 -10.23 -6.50 -48.82
N TYR C 456 -9.70 -5.34 -48.41
CA TYR C 456 -10.09 -4.75 -47.14
C TYR C 456 -11.48 -4.13 -47.18
N LYS C 457 -11.98 -3.81 -48.38
CA LYS C 457 -13.31 -3.26 -48.57
C LYS C 457 -13.90 -3.88 -49.83
N SER C 458 -15.10 -4.45 -49.71
CA SER C 458 -15.66 -5.21 -50.82
C SER C 458 -17.17 -5.32 -50.67
N ASN C 459 -17.82 -5.66 -51.79
CA ASN C 459 -19.26 -5.90 -51.80
C ASN C 459 -19.62 -7.30 -51.35
N GLU C 460 -18.67 -8.22 -51.30
CA GLU C 460 -18.95 -9.63 -51.06
C GLU C 460 -17.68 -10.31 -50.59
N ASN C 461 -17.83 -11.53 -50.11
CA ASN C 461 -16.67 -12.32 -49.69
C ASN C 461 -15.83 -12.67 -50.92
N ARG C 462 -14.58 -12.21 -50.93
CA ARG C 462 -13.62 -12.50 -51.99
C ARG C 462 -12.32 -12.97 -51.32
N PHE C 463 -12.20 -14.28 -51.13
CA PHE C 463 -11.03 -14.88 -50.51
C PHE C 463 -10.31 -15.72 -51.55
N ALA C 464 -9.02 -15.43 -51.77
CA ALA C 464 -8.27 -16.05 -52.84
C ALA C 464 -6.99 -16.67 -52.30
N ILE C 465 -6.59 -17.80 -52.90
CA ILE C 465 -5.28 -18.38 -52.62
C ILE C 465 -4.25 -17.65 -53.48
N ASP C 466 -3.21 -17.13 -52.83
CA ASP C 466 -2.09 -16.53 -53.54
C ASP C 466 -1.01 -17.58 -53.75
N TYR C 467 -0.64 -17.81 -55.03
CA TYR C 467 0.42 -18.74 -55.38
C TYR C 467 1.71 -18.06 -55.79
N ASP C 468 1.72 -16.72 -55.90
CA ASP C 468 2.79 -16.02 -56.59
C ASP C 468 3.57 -15.08 -55.67
N ASN C 469 3.53 -15.28 -54.36
CA ASN C 469 4.27 -14.45 -53.42
C ASN C 469 3.92 -12.97 -53.59
N ASN C 470 2.62 -12.67 -53.63
CA ASN C 470 2.17 -11.31 -53.91
C ASN C 470 2.29 -10.44 -52.67
N PHE C 471 2.88 -9.26 -52.83
CA PHE C 471 2.85 -8.22 -51.81
C PHE C 471 1.71 -7.26 -52.11
N SER C 472 1.28 -6.54 -51.08
CA SER C 472 0.18 -5.61 -51.23
C SER C 472 0.28 -4.54 -50.14
N SER C 473 -0.46 -3.46 -50.35
CA SER C 473 -0.60 -2.42 -49.33
C SER C 473 -1.64 -2.86 -48.29
N ALA C 474 -2.10 -1.92 -47.48
CA ALA C 474 -3.10 -2.21 -46.46
C ALA C 474 -4.49 -2.43 -47.05
N ASP C 475 -4.69 -2.21 -48.35
CA ASP C 475 -5.98 -2.47 -48.99
C ASP C 475 -6.23 -3.95 -49.23
N VAL C 476 -5.24 -4.81 -49.00
CA VAL C 476 -5.41 -6.25 -49.08
C VAL C 476 -4.84 -6.86 -47.80
N TYR C 477 -5.64 -7.66 -47.12
CA TYR C 477 -5.18 -8.42 -45.96
C TYR C 477 -4.82 -9.84 -46.38
N SER C 478 -4.08 -10.52 -45.50
CA SER C 478 -3.59 -11.87 -45.76
C SER C 478 -3.66 -12.68 -44.47
N PHE C 479 -3.74 -14.00 -44.63
CA PHE C 479 -3.45 -14.92 -43.52
C PHE C 479 -2.91 -16.23 -44.08
N PHE C 480 -2.25 -16.98 -43.20
CA PHE C 480 -1.81 -18.33 -43.53
C PHE C 480 -2.14 -19.25 -42.37
N ILE C 481 -2.27 -20.54 -42.67
CA ILE C 481 -2.70 -21.53 -41.70
C ILE C 481 -1.53 -21.89 -40.80
N LYS C 482 -1.80 -22.02 -39.50
CA LYS C 482 -0.76 -22.42 -38.55
C LYS C 482 -0.27 -23.82 -38.88
N GLU C 483 1.02 -24.06 -38.62
CA GLU C 483 1.65 -25.33 -38.97
C GLU C 483 0.94 -26.49 -38.27
N GLU C 484 0.48 -26.29 -37.03
CA GLU C 484 -0.17 -27.38 -36.31
C GLU C 484 -1.54 -27.69 -36.86
N TYR C 485 -2.19 -26.75 -37.55
CA TYR C 485 -3.53 -26.94 -38.09
C TYR C 485 -3.53 -27.36 -39.55
N LEU C 486 -2.37 -27.58 -40.16
CA LEU C 486 -2.33 -27.93 -41.57
C LEU C 486 -2.94 -29.30 -41.84
N ASP C 487 -2.85 -30.22 -40.88
CA ASP C 487 -3.43 -31.54 -41.07
C ASP C 487 -4.94 -31.57 -40.86
N LYS C 488 -5.53 -30.47 -40.38
CA LYS C 488 -6.98 -30.36 -40.24
C LYS C 488 -7.62 -29.50 -41.33
N PHE C 489 -6.94 -28.44 -41.75
CA PHE C 489 -7.50 -27.50 -42.72
C PHE C 489 -6.51 -27.25 -43.84
N SER C 490 -7.04 -26.96 -45.01
CA SER C 490 -6.26 -26.61 -46.18
C SER C 490 -6.71 -25.27 -46.72
N TYR C 491 -5.85 -24.64 -47.52
CA TYR C 491 -6.23 -23.40 -48.19
C TYR C 491 -7.40 -23.63 -49.15
N GLU C 492 -7.40 -24.76 -49.86
CA GLU C 492 -8.48 -25.06 -50.80
C GLU C 492 -9.81 -25.21 -50.08
N TYR C 493 -9.82 -25.90 -48.94
CA TYR C 493 -11.05 -26.02 -48.17
C TYR C 493 -11.52 -24.66 -47.67
N LEU C 494 -10.60 -23.87 -47.10
CA LEU C 494 -11.00 -22.61 -46.47
C LEU C 494 -11.61 -21.64 -47.48
N VAL C 495 -11.00 -21.50 -48.66
CA VAL C 495 -11.56 -20.60 -49.66
C VAL C 495 -12.90 -21.11 -50.16
N GLY C 496 -13.12 -22.43 -50.16
CA GLY C 496 -14.43 -22.94 -50.50
C GLY C 496 -15.48 -22.54 -49.49
N ILE C 497 -15.18 -22.68 -48.20
CA ILE C 497 -16.11 -22.28 -47.16
C ILE C 497 -16.33 -20.78 -47.17
N LEU C 498 -15.25 -20.00 -47.30
CA LEU C 498 -15.34 -18.56 -47.11
C LEU C 498 -16.02 -17.85 -48.27
N ASN C 499 -15.97 -18.41 -49.47
CA ASN C 499 -16.59 -17.78 -50.63
C ASN C 499 -18.00 -18.25 -50.88
N SER C 500 -18.57 -19.07 -50.00
CA SER C 500 -19.88 -19.63 -50.25
C SER C 500 -20.98 -18.61 -49.97
N SER C 501 -22.18 -18.92 -50.47
CA SER C 501 -23.34 -18.09 -50.17
C SER C 501 -23.62 -18.05 -48.67
N VAL C 502 -23.49 -19.20 -48.01
CA VAL C 502 -23.76 -19.27 -46.58
C VAL C 502 -22.87 -18.31 -45.82
N TYR C 503 -21.57 -18.34 -46.09
CA TYR C 503 -20.62 -17.51 -45.35
C TYR C 503 -20.64 -16.05 -45.77
N ASP C 504 -21.08 -15.76 -47.01
CA ASP C 504 -21.26 -14.36 -47.40
C ASP C 504 -22.34 -13.71 -46.54
N LYS C 505 -23.50 -14.37 -46.43
CA LYS C 505 -24.57 -13.88 -45.57
C LYS C 505 -24.14 -13.88 -44.10
N TYR C 506 -23.42 -14.91 -43.67
CA TYR C 506 -23.01 -15.04 -42.28
C TYR C 506 -22.07 -13.90 -41.87
N PHE C 507 -21.12 -13.54 -42.73
CA PHE C 507 -20.23 -12.44 -42.39
C PHE C 507 -20.97 -11.12 -42.34
N LYS C 508 -21.85 -10.88 -43.31
CA LYS C 508 -22.50 -9.58 -43.42
C LYS C 508 -23.51 -9.31 -42.30
N ILE C 509 -23.84 -10.31 -41.49
CA ILE C 509 -24.75 -10.07 -40.36
C ILE C 509 -24.14 -9.08 -39.37
N THR C 510 -22.84 -9.21 -39.10
CA THR C 510 -22.15 -8.34 -38.17
C THR C 510 -21.10 -7.44 -38.82
N ALA C 511 -20.91 -7.54 -40.12
CA ALA C 511 -19.86 -6.76 -40.77
C ALA C 511 -20.16 -5.27 -40.69
N LYS C 512 -19.13 -4.47 -40.93
CA LYS C 512 -19.21 -3.02 -40.80
C LYS C 512 -19.51 -2.42 -42.17
N LYS C 513 -20.74 -1.95 -42.36
CA LYS C 513 -21.15 -1.34 -43.62
C LYS C 513 -20.57 0.06 -43.72
N MET C 514 -19.74 0.29 -44.74
CA MET C 514 -18.97 1.51 -44.87
C MET C 514 -19.62 2.53 -45.81
N SER C 515 -19.90 2.12 -47.04
CA SER C 515 -20.55 2.96 -48.02
C SER C 515 -21.40 2.07 -48.90
N LYS C 516 -22.02 2.66 -49.92
CA LYS C 516 -22.88 1.90 -50.82
C LYS C 516 -22.13 0.70 -51.40
N ASN C 517 -22.66 -0.50 -51.15
CA ASN C 517 -22.10 -1.77 -51.63
C ASN C 517 -20.70 -2.04 -51.13
N ILE C 518 -20.30 -1.49 -49.99
CA ILE C 518 -18.94 -1.70 -49.47
C ILE C 518 -19.04 -2.06 -48.00
N TYR C 519 -18.50 -3.23 -47.65
CA TYR C 519 -18.32 -3.66 -46.27
C TYR C 519 -16.83 -3.64 -45.94
N ASP C 520 -16.51 -3.38 -44.68
CA ASP C 520 -15.14 -3.55 -44.21
C ASP C 520 -14.83 -5.04 -44.08
N TYR C 521 -13.74 -5.47 -44.69
CA TYR C 521 -13.20 -6.81 -44.47
C TYR C 521 -11.85 -6.62 -43.77
N TYR C 522 -11.92 -6.44 -42.45
CA TYR C 522 -10.75 -6.25 -41.60
C TYR C 522 -10.61 -7.44 -40.65
N PRO C 523 -9.37 -7.77 -40.25
CA PRO C 523 -9.18 -8.92 -39.36
C PRO C 523 -10.00 -8.86 -38.09
N ASN C 524 -10.29 -7.66 -37.56
CA ASN C 524 -11.00 -7.57 -36.30
C ASN C 524 -12.39 -8.20 -36.36
N LYS C 525 -12.96 -8.35 -37.57
CA LYS C 525 -14.15 -9.17 -37.75
C LYS C 525 -13.92 -10.42 -38.56
N VAL C 526 -13.02 -10.40 -39.56
CA VAL C 526 -12.80 -11.57 -40.40
C VAL C 526 -12.19 -12.71 -39.58
N MET C 527 -11.24 -12.40 -38.70
CA MET C 527 -10.64 -13.44 -37.86
C MET C 527 -11.61 -14.03 -36.85
N LYS C 528 -12.75 -13.38 -36.61
CA LYS C 528 -13.78 -13.95 -35.74
C LYS C 528 -14.72 -14.91 -36.45
N ILE C 529 -14.60 -15.04 -37.79
CA ILE C 529 -15.43 -15.99 -38.53
C ILE C 529 -15.16 -17.40 -38.02
N ARG C 530 -16.24 -18.12 -37.71
CA ARG C 530 -16.10 -19.46 -37.17
C ARG C 530 -16.13 -20.51 -38.28
N ILE C 531 -15.42 -21.61 -38.05
CA ILE C 531 -15.12 -22.62 -39.05
C ILE C 531 -15.49 -23.99 -38.51
N PHE C 532 -15.98 -24.86 -39.37
CA PHE C 532 -16.34 -26.22 -39.00
C PHE C 532 -15.53 -27.23 -39.80
N ARG C 533 -15.55 -28.48 -39.33
CA ARG C 533 -14.84 -29.56 -39.99
C ARG C 533 -15.59 -30.85 -39.70
N ASP C 534 -16.14 -31.47 -40.73
CA ASP C 534 -16.97 -32.66 -40.56
C ASP C 534 -16.84 -33.56 -41.79
N ASN C 535 -17.78 -34.47 -41.97
CA ASN C 535 -17.66 -35.50 -42.99
C ASN C 535 -17.79 -34.96 -44.41
N ASN C 536 -18.33 -33.75 -44.59
CA ASN C 536 -18.41 -33.16 -45.92
C ASN C 536 -17.11 -32.48 -46.35
N TYR C 537 -16.06 -32.56 -45.51
CA TYR C 537 -14.82 -31.84 -45.78
C TYR C 537 -14.20 -32.24 -47.12
N GLU C 538 -14.15 -33.56 -47.40
CA GLU C 538 -13.45 -34.03 -48.59
C GLU C 538 -14.14 -33.55 -49.87
N GLU C 539 -15.48 -33.60 -49.91
CA GLU C 539 -16.18 -33.17 -51.12
C GLU C 539 -16.21 -31.65 -51.27
N ILE C 540 -16.32 -30.91 -50.15
CA ILE C 540 -16.24 -29.46 -50.24
C ILE C 540 -14.87 -29.05 -50.78
N GLU C 541 -13.81 -29.66 -50.24
CA GLU C 541 -12.46 -29.38 -50.72
C GLU C 541 -12.30 -29.79 -52.18
N ASN C 542 -12.87 -30.93 -52.56
CA ASN C 542 -12.77 -31.39 -53.94
C ASN C 542 -13.46 -30.42 -54.89
N LEU C 543 -14.65 -29.94 -54.52
CA LEU C 543 -15.36 -28.98 -55.36
C LEU C 543 -14.57 -27.68 -55.49
N SER C 544 -13.93 -27.24 -54.40
CA SER C 544 -13.11 -26.05 -54.46
C SER C 544 -11.92 -26.22 -55.41
N LYS C 545 -11.26 -27.37 -55.35
CA LYS C 545 -10.14 -27.62 -56.24
C LYS C 545 -10.60 -27.63 -57.70
N GLN C 546 -11.80 -28.14 -57.96
CA GLN C 546 -12.34 -28.10 -59.31
C GLN C 546 -12.63 -26.67 -59.76
N ILE C 547 -13.21 -25.86 -58.87
CA ILE C 547 -13.51 -24.47 -59.21
C ILE C 547 -12.23 -23.72 -59.53
N ILE C 548 -11.20 -23.91 -58.70
CA ILE C 548 -9.92 -23.27 -58.95
C ILE C 548 -9.35 -23.70 -60.29
N SER C 549 -9.45 -25.00 -60.60
CA SER C 549 -8.92 -25.49 -61.86
C SER C 549 -9.60 -24.82 -63.04
N ILE C 550 -10.92 -24.68 -62.99
CA ILE C 550 -11.64 -24.05 -64.10
C ILE C 550 -11.31 -22.56 -64.20
N LEU C 551 -11.18 -21.88 -63.06
CA LEU C 551 -10.89 -20.45 -63.08
C LEU C 551 -9.50 -20.14 -63.63
N LEU C 552 -8.57 -21.09 -63.55
CA LEU C 552 -7.22 -20.90 -64.07
C LEU C 552 -7.07 -21.36 -65.52
N ASN C 553 -8.16 -21.76 -66.16
CA ASN C 553 -8.12 -22.29 -67.52
C ASN C 553 -8.26 -21.17 -68.56
N LYS C 554 -7.93 -21.51 -69.80
CA LYS C 554 -8.11 -20.57 -70.90
C LYS C 554 -9.58 -20.42 -71.26
N SER C 555 -10.30 -21.55 -71.38
CA SER C 555 -11.72 -21.53 -71.73
C SER C 555 -12.54 -21.78 -70.46
N ILE C 556 -12.79 -20.70 -69.72
CA ILE C 556 -13.47 -20.78 -68.43
C ILE C 556 -14.97 -20.85 -68.67
N ASP C 557 -15.58 -21.99 -68.32
CA ASP C 557 -17.03 -22.15 -68.40
C ASP C 557 -17.64 -21.65 -67.10
N LYS C 558 -18.32 -20.51 -67.17
CA LYS C 558 -18.94 -19.97 -65.96
C LYS C 558 -20.05 -20.87 -65.44
N GLY C 559 -20.83 -21.46 -66.35
CA GLY C 559 -21.92 -22.33 -65.92
C GLY C 559 -21.43 -23.54 -65.14
N LYS C 560 -20.27 -24.08 -65.52
CA LYS C 560 -19.70 -25.18 -64.77
C LYS C 560 -19.32 -24.74 -63.36
N VAL C 561 -18.74 -23.54 -63.22
CA VAL C 561 -18.37 -23.06 -61.89
C VAL C 561 -19.61 -22.88 -61.02
N GLU C 562 -20.66 -22.29 -61.57
CA GLU C 562 -21.85 -22.00 -60.77
C GLU C 562 -22.45 -23.28 -60.19
N LYS C 563 -22.61 -24.32 -61.02
CA LYS C 563 -23.18 -25.57 -60.54
C LYS C 563 -22.29 -26.22 -59.48
N LEU C 564 -20.96 -26.11 -59.63
CA LEU C 564 -20.07 -26.59 -58.59
C LEU C 564 -20.23 -25.81 -57.30
N GLN C 565 -20.37 -24.48 -57.42
CA GLN C 565 -20.57 -23.64 -56.23
C GLN C 565 -21.88 -23.99 -55.53
N ILE C 566 -22.93 -24.27 -56.30
CA ILE C 566 -24.22 -24.61 -55.72
C ILE C 566 -24.14 -25.91 -54.93
N LYS C 567 -23.47 -26.93 -55.49
CA LYS C 567 -23.31 -28.20 -54.78
C LYS C 567 -22.56 -28.00 -53.47
N MET C 568 -21.51 -27.16 -53.49
CA MET C 568 -20.77 -26.89 -52.27
C MET C 568 -21.65 -26.18 -51.24
N ASP C 569 -22.45 -25.21 -51.68
CA ASP C 569 -23.32 -24.48 -50.76
C ASP C 569 -24.30 -25.42 -50.08
N ASN C 570 -24.85 -26.38 -50.82
CA ASN C 570 -25.77 -27.35 -50.22
C ASN C 570 -25.07 -28.19 -49.17
N LEU C 571 -23.82 -28.59 -49.41
CA LEU C 571 -23.09 -29.36 -48.41
C LEU C 571 -22.81 -28.53 -47.16
N ILE C 572 -22.48 -27.26 -47.34
CA ILE C 572 -22.22 -26.39 -46.19
C ILE C 572 -23.49 -26.19 -45.38
N MET C 573 -24.64 -26.02 -46.05
CA MET C 573 -25.90 -25.94 -45.34
C MET C 573 -26.21 -27.23 -44.60
N ASP C 574 -25.98 -28.38 -45.25
CA ASP C 574 -26.17 -29.66 -44.59
C ASP C 574 -25.27 -29.81 -43.38
N SER C 575 -24.01 -29.35 -43.50
CA SER C 575 -23.08 -29.42 -42.37
C SER C 575 -23.58 -28.58 -41.20
N LEU C 576 -24.00 -27.36 -41.48
CA LEU C 576 -24.40 -26.41 -40.44
C LEU C 576 -25.85 -26.57 -40.02
N GLY C 577 -26.59 -27.50 -40.64
CA GLY C 577 -27.97 -27.71 -40.28
C GLY C 577 -28.87 -26.53 -40.55
N ILE C 578 -28.62 -25.79 -41.62
CA ILE C 578 -29.46 -24.66 -41.98
C ILE C 578 -30.20 -24.95 -43.28
C1 EDO J . 5.17 26.40 62.06
O1 EDO J . 5.80 25.54 63.03
C2 EDO J . 3.86 25.78 61.59
O2 EDO J . 3.25 26.61 60.59
C1 EDO K . 6.55 19.63 46.06
O1 EDO K . 6.30 19.49 47.46
C2 EDO K . 7.89 20.33 45.81
O2 EDO K . 8.97 19.51 46.25
K K L . -40.02 37.88 55.90
K K M . 2.98 6.69 53.50
C18 QBU N . -14.10 -2.65 35.36
C17 QBU N . -14.27 -1.59 34.51
C16 QBU N . -13.89 -0.32 34.89
C15 QBU N . -13.33 -0.09 36.15
C14 QBU N . -12.95 1.30 36.58
C13 QBU N . -14.10 2.08 37.20
C12 QBU N . -13.79 3.55 37.42
C11 QBU N . -15.00 4.37 37.81
C10 QBU N . -14.69 5.82 38.09
C9 QBU N . -16.42 6.62 39.69
N2 QBU N . -17.65 6.91 42.22
C8 QBU N . -18.04 7.49 41.07
C7 QBU N . -16.57 6.14 42.02
N1 QBU N . -14.84 5.06 40.99
C1 QBU N . -15.84 4.05 45.06
C5 QBU N . -14.87 4.78 42.28
C6 QBU N . -15.91 5.93 40.82
C4 QBU N . -16.12 5.39 44.39
C3 QBU N . -13.30 5.83 46.35
O3 QBU N . -15.23 6.32 44.98
C2 QBU N . -14.81 5.84 46.29
O2 QBU N . -12.80 4.51 46.52
N QBU N . -15.88 5.40 42.95
C QBU N . -15.47 4.48 46.49
O QBU N . -16.60 4.57 47.35
C19 QBU N . -13.55 -2.45 36.61
C20 QBU N . -13.17 -1.18 37.00
N3 QBU N . -17.51 7.39 39.86
N4 QBU N . -15.88 6.57 38.46
O1 QBU N . -17.04 3.28 45.05
C1 EDO O . 22.05 -19.64 -3.31
O1 EDO O . 23.45 -19.74 -3.57
C2 EDO O . 21.26 -19.49 -4.62
O2 EDO O . 21.45 -20.64 -5.47
C1 EDO P . -6.68 -52.62 -26.30
O1 EDO P . -7.97 -53.16 -25.98
C2 EDO P . -6.79 -51.67 -27.49
O2 EDO P . -7.91 -50.80 -27.30
C1 EDO Q . 25.00 -3.25 13.03
O1 EDO Q . 25.92 -2.98 14.09
C2 EDO Q . 23.59 -2.81 13.39
O2 EDO Q . 23.56 -1.39 13.60
C1 EDO R . 50.62 -4.76 -4.48
O1 EDO R . 51.36 -3.92 -3.58
C2 EDO R . 51.13 -4.57 -5.91
O2 EDO R . 50.26 -5.25 -6.84
C1 EDO S . -6.26 -62.16 -20.41
O1 EDO S . -6.83 -60.86 -20.56
C2 EDO S . -6.03 -62.45 -18.94
O2 EDO S . -7.24 -62.93 -18.34
C1 EDO T . -0.43 -41.60 1.55
O1 EDO T . -1.76 -41.13 1.86
C2 EDO T . 0.49 -41.41 2.76
O2 EDO T . 1.85 -41.63 2.37
K K U . 14.66 -11.29 -13.82
K K V . -6.62 -59.72 -17.66
K K W . 16.11 28.76 0.57
C18 QBU X . -8.92 -10.87 -0.55
C17 QBU X . -8.89 -11.88 0.39
C16 QBU X . -7.91 -12.86 0.34
C15 QBU X . -6.96 -12.86 -0.66
C14 QBU X . -5.93 -13.95 -0.76
C13 QBU X . -5.88 -14.59 -2.14
C12 QBU X . -4.84 -15.69 -2.26
C11 QBU X . -5.35 -17.08 -1.93
C10 QBU X . -4.28 -18.13 -2.15
C9 QBU X . -5.00 -19.81 -3.84
N2 QBU X . -5.17 -20.90 -6.44
C8 QBU X . -5.50 -21.52 -5.31
C7 QBU X . -4.74 -19.65 -6.21
N1 QBU X . -4.17 -17.73 -5.12
C1 QBU X . -4.54 -17.76 -9.45
C5 QBU X . -4.00 -17.60 -6.41
C6 QBU X . -4.63 -19.03 -4.97
C4 QBU X . -4.17 -18.95 -8.57
C3 QBU X . -1.19 -18.26 -10.34
O3 QBU X . -2.81 -19.21 -8.83
C2 QBU X . -2.55 -18.90 -10.22
O2 QBU X . -1.21 -16.97 -9.73
N QBU X . -4.33 -18.72 -7.13
C QBU X . -3.73 -18.06 -10.72
O QBU X . -4.51 -18.79 -11.67
C19 QBU X . -7.97 -10.84 -1.54
C20 QBU X . -6.99 -11.83 -1.60
N3 QBU X . -5.44 -21.06 -4.05
N4 QBU X . -4.86 -19.40 -2.57
O1 QBU X . -5.93 -17.77 -9.74
C1 EDO Y . 24.58 0.43 -58.42
O1 EDO Y . 25.30 1.39 -57.63
C2 EDO Y . 23.31 1.06 -58.96
O2 EDO Y . 22.48 1.50 -57.88
K K Z . -22.82 6.87 -48.00
K K AA . 15.02 -4.77 -63.49
C18 QBU BA . -7.47 22.52 -33.25
C17 QBU BA . -8.07 21.86 -32.20
C16 QBU BA . -9.32 21.27 -32.35
C15 QBU BA . -9.98 21.34 -33.58
C14 QBU BA . -11.34 20.71 -33.76
C13 QBU BA . -12.46 21.22 -32.85
C12 QBU BA . -12.52 20.53 -31.49
C11 QBU BA . -13.60 21.06 -30.57
C10 QBU BA . -14.99 20.54 -30.92
C9 QBU BA . -17.09 21.87 -30.75
N2 QBU BA . -19.34 23.21 -31.79
C8 QBU BA . -19.01 23.11 -30.50
C7 QBU BA . -18.46 22.58 -32.57
N1 QBU BA . -16.63 21.38 -33.24
C1 QBU BA . -18.97 23.36 -36.22
C5 QBU BA . -17.37 21.74 -34.27
C6 QBU BA . -17.32 21.90 -32.16
C4 QBU BA . -19.50 22.96 -34.85
C3 QBU BA . -20.62 20.62 -37.11
O3 QBU BA . -20.44 21.92 -35.08
C2 QBU BA . -20.89 21.96 -36.46
O2 QBU BA . -19.39 20.62 -37.82
N QBU BA . -18.48 22.46 -33.93
C QBU BA . -20.21 23.17 -37.10
O QBU BA . -21.06 24.30 -37.10
C19 QBU BA . -8.11 22.59 -34.46
C20 QBU BA . -9.36 22.01 -34.62
N3 QBU BA . -17.96 22.50 -29.94
N4 QBU BA . -16.03 21.26 -30.18
O1 QBU BA . -18.54 24.72 -36.21
C1 EDO CA . 20.40 -1.16 13.55
O1 EDO CA . 20.20 -2.57 13.69
C2 EDO CA . 19.26 -0.40 14.21
O2 EDO CA . 19.50 1.00 14.03
#